data_6JXI
#
_entry.id   6JXI
#
_cell.length_a   103.380
_cell.length_b   103.380
_cell.length_c   369.860
_cell.angle_alpha   90.000
_cell.angle_beta   90.000
_cell.angle_gamma   120.000
#
_symmetry.space_group_name_H-M   'P 31 2 1'
#
loop_
_entity.id
_entity.type
_entity.pdbx_description
1 polymer 'Potassium-transporting ATPase alpha chain 1'
2 polymer 'Potassium-transporting ATPase subunit beta'
3 non-polymer TETRAFLUOROMAGNESATE(2-)
4 non-polymer 1,2-DIOLEOYL-SN-GLYCERO-3-PHOSPHOCHOLINE
5 non-polymer 'O-DODECANYL OCTAETHYLENE GLYCOL'
6 non-polymer 'MAGNESIUM ION'
7 non-polymer 'RUBIDIUM ION'
8 non-polymer 2-acetamido-2-deoxy-beta-D-glucopyranose
9 non-polymer CHOLESTEROL
10 water water
#
loop_
_entity_poly.entity_id
_entity_poly.type
_entity_poly.pdbx_seq_one_letter_code
_entity_poly.pdbx_strand_id
1 'polypeptide(L)'
;GMEINDHQLSVAELEQKYQTSATKGLSASLAAELLLRDGPNALRPPRGTPEYVKFARQLAGGLQCLMWVAAAICLIAFAI
QASEGDLTTDDNLYLALALIAVVVVTGCFGYYQEFKSTNIIASFKNLVPQQATVIRDGDKFQINADQLVVGDLVEMKGGD
RVPADIRILQAQGCKVDNSSLTGESEPQTRSPECTHESPLETRNIAFFSTMCLEGTAQGLVVNTGDRTIIGRIASLASGV
ENEKTPIAIEIEHFVDIIAGLAILFGATFFIVAMCIGYTFLRAMVFFMAIVVAYVPEGLLATVTVCLSLTAKRLASKNCV
VKNLEAVETLGSTSVICSDKTGTLTQNRMTVSHLWFDNHIHSADTTEDQSGQTFDQSSETWRALCRVLTLCNRAAFKSGQ
DAVPVPKRIVIGDASETALLKFSELTLGNAMGYRERFPKVCEIPFNSTNKFQLSIHTLEDPRDPRHVLVMKGAPERVLER
CSSILIKGQELPLDEQWREAFQTAYLSLGGLGERVLGFCQLYLSEKDYPPGYAFDVEAMNFPTSGLCFAGLVSMIDPPRA
TVPDAVLKCRTAGIRVIMVTGDHPITAKAIAASVGIISEGSETVEDIAARLRVPVDQVNRKDARACVINGMQLKDMDPSE
LVEALRTHPEMVFARTSPQQKLVIVESCQRLGAIVAVTGDGVNDSPALKKADIGVAMGIAGSDAAKNAADMILLDDNFAS
IVTGVEQGRLIFDNLKKSIAYTLTKNIPELTPWLIYITVSVPLPLGCITILFIELCTDIFPSVSLAYEKAESDIMHLRPR
NPKRDRLVNEPLAAYSYFQIGAIQSFAGFTDYFTAMAQEGWFPLLCVGLRPQWENHHLQDLQDSYGQEWTFGQRLYQQYT
CYTVFFISIEMCQIADVLIRKTRRLSAFQQGFFRNRILVIAIVFQVCIGCFLCYCPGMPNIFNFMPIRFQWWLVPMPFSL
LIFVYDEIRKLGVRCCPGSWWDQELYY
;
A
2 'polypeptide(L)'
;AALQEKKSCSQRMEEFQRYCWNPDTGQMLGRTLSRWVWISLYYVAFYVVMSGIFALCIYVLMRTIDPYTPDYQDQLKSPG
VTLRPDVYGEKGLDISYNVSDSTTWAGLAHTLHRFLAGYSPAAQEGSINCTSEKYFFQESFLAPNHTKFSCKFTADMLQN
CSGRPDPTFGFAEGKPCFIIKMNRIVKFLPGNSTAPRVDCAFLDQPRDGPPLQVEYFPANGTYSLHYFPYYGKKAQPHYS
NPLVAAKLLNVPRNRDVVIVCKILAEHVSFDNPHDPYEGKVEFKLKIQK
;
B
#
loop_
_chem_comp.id
_chem_comp.type
_chem_comp.name
_chem_comp.formula
CE1 non-polymer 'O-DODECANYL OCTAETHYLENE GLYCOL' 'C28 H58 O9'
CLR non-polymer CHOLESTEROL 'C27 H46 O'
MF4 non-polymer TETRAFLUOROMAGNESATE(2-) 'F4 Mg -2'
MG non-polymer 'MAGNESIUM ION' 'Mg 2'
NAG D-saccharide, beta linking 2-acetamido-2-deoxy-beta-D-glucopyranose 'C8 H15 N O6'
PCW non-polymer 1,2-DIOLEOYL-SN-GLYCERO-3-PHOSPHOCHOLINE 'C44 H85 N O8 P 1'
RB non-polymer 'RUBIDIUM ION' 'Rb 1'
#
# COMPACT_ATOMS: atom_id res chain seq x y z
N GLY A 1 -9.82 -8.54 42.48
CA GLY A 1 -8.54 -7.89 42.65
C GLY A 1 -8.47 -6.65 41.79
N MET A 2 -8.69 -6.84 40.49
CA MET A 2 -8.71 -5.75 39.53
C MET A 2 -9.87 -4.84 39.83
N GLU A 3 -11.00 -5.45 40.17
CA GLU A 3 -12.24 -4.73 40.46
C GLU A 3 -12.29 -4.03 41.79
N ILE A 4 -12.58 -2.74 41.75
CA ILE A 4 -12.72 -1.98 42.97
C ILE A 4 -14.05 -2.27 43.61
N ASN A 5 -14.00 -2.63 44.88
CA ASN A 5 -15.19 -2.90 45.66
C ASN A 5 -15.12 -2.04 46.91
N ASP A 6 -14.07 -1.24 47.01
CA ASP A 6 -13.85 -0.46 48.20
C ASP A 6 -14.90 0.62 48.41
N HIS A 7 -15.76 0.86 47.42
CA HIS A 7 -16.82 1.82 47.64
C HIS A 7 -17.91 1.27 48.53
N GLN A 8 -17.96 -0.05 48.69
CA GLN A 8 -18.96 -0.72 49.52
C GLN A 8 -18.40 -1.17 50.87
N LEU A 9 -17.28 -0.61 51.33
CA LEU A 9 -16.66 -1.01 52.58
C LEU A 9 -16.78 0.12 53.60
N SER A 10 -17.06 -0.25 54.84
CA SER A 10 -17.05 0.69 55.95
C SER A 10 -15.64 1.22 56.17
N VAL A 11 -15.52 2.26 57.00
CA VAL A 11 -14.20 2.78 57.32
C VAL A 11 -13.40 1.74 58.11
N ALA A 12 -14.06 1.06 59.05
CA ALA A 12 -13.43 -0.05 59.76
C ALA A 12 -12.86 -1.08 58.79
N GLU A 13 -13.67 -1.48 57.80
CA GLU A 13 -13.22 -2.50 56.86
C GLU A 13 -12.05 -2.02 56.02
N LEU A 14 -12.10 -0.76 55.54
CA LEU A 14 -10.98 -0.25 54.75
C LEU A 14 -9.72 -0.15 55.59
N GLU A 15 -9.85 0.30 56.84
CA GLU A 15 -8.69 0.42 57.71
C GLU A 15 -8.04 -0.94 57.92
N GLN A 16 -8.86 -2.00 58.05
CA GLN A 16 -8.30 -3.33 58.26
C GLN A 16 -7.68 -3.86 56.97
N LYS A 17 -8.41 -3.73 55.86
CA LYS A 17 -7.94 -4.25 54.59
C LYS A 17 -6.61 -3.65 54.19
N TYR A 18 -6.43 -2.35 54.39
CA TYR A 18 -5.21 -1.70 53.90
C TYR A 18 -4.16 -1.50 54.97
N GLN A 19 -4.49 -1.81 56.24
CA GLN A 19 -3.59 -1.63 57.38
C GLN A 19 -3.22 -0.18 57.71
N THR A 20 -4.23 0.69 57.60
CA THR A 20 -4.01 2.13 57.58
C THR A 20 -4.95 2.82 58.56
N SER A 21 -4.84 4.16 58.63
CA SER A 21 -5.70 5.01 59.43
C SER A 21 -6.43 6.01 58.56
N ALA A 22 -7.75 6.04 58.66
CA ALA A 22 -8.54 6.95 57.84
C ALA A 22 -8.34 8.42 58.20
N THR A 23 -7.60 8.75 59.26
CA THR A 23 -7.34 10.15 59.54
C THR A 23 -5.86 10.48 59.57
N LYS A 24 -5.00 9.54 59.94
CA LYS A 24 -3.58 9.78 60.16
C LYS A 24 -2.69 9.14 59.08
N GLY A 25 -3.19 8.11 58.38
CA GLY A 25 -2.53 7.56 57.21
C GLY A 25 -1.80 6.26 57.50
N LEU A 26 -0.96 5.88 56.53
CA LEU A 26 0.00 4.78 56.66
C LEU A 26 1.27 5.20 57.40
N SER A 27 1.83 4.28 58.17
CA SER A 27 3.16 4.53 58.72
C SER A 27 4.18 4.62 57.58
N ALA A 28 5.21 5.43 57.80
CA ALA A 28 6.22 5.61 56.75
C ALA A 28 6.84 4.28 56.35
N SER A 29 7.17 3.45 57.35
CA SER A 29 7.81 2.17 57.08
C SER A 29 6.92 1.26 56.22
N LEU A 30 5.65 1.09 56.62
CA LEU A 30 4.75 0.23 55.85
C LEU A 30 4.55 0.79 54.45
N ALA A 31 4.51 2.11 54.30
CA ALA A 31 4.45 2.69 52.97
C ALA A 31 5.66 2.29 52.14
N ALA A 32 6.85 2.25 52.77
CA ALA A 32 8.04 1.88 52.00
C ALA A 32 8.05 0.40 51.65
N GLU A 33 7.61 -0.46 52.58
CA GLU A 33 7.46 -1.88 52.28
C GLU A 33 6.50 -2.08 51.11
N LEU A 34 5.36 -1.39 51.14
CA LEU A 34 4.36 -1.51 50.07
C LEU A 34 4.89 -0.97 48.75
N LEU A 35 5.68 0.11 48.80
CA LEU A 35 6.26 0.63 47.57
C LEU A 35 7.22 -0.38 46.96
N LEU A 36 7.97 -1.11 47.81
CA LEU A 36 8.85 -2.17 47.31
C LEU A 36 8.06 -3.37 46.82
N ARG A 37 6.86 -3.60 47.38
CA ARG A 37 6.02 -4.73 46.99
C ARG A 37 5.31 -4.50 45.65
N ASP A 38 4.78 -3.30 45.41
CA ASP A 38 3.98 -3.02 44.22
C ASP A 38 4.71 -2.21 43.15
N GLY A 39 5.88 -1.66 43.48
CA GLY A 39 6.60 -0.82 42.54
C GLY A 39 6.00 0.57 42.53
N PRO A 40 6.53 1.45 41.68
CA PRO A 40 5.98 2.80 41.63
C PRO A 40 4.50 2.77 41.28
N ASN A 41 3.79 3.82 41.72
CA ASN A 41 2.44 4.12 41.22
C ASN A 41 2.60 4.82 39.87
N ALA A 42 2.89 4.01 38.86
CA ALA A 42 3.15 4.56 37.55
C ALA A 42 2.71 3.56 36.51
N LEU A 43 2.47 4.07 35.29
CA LEU A 43 2.05 3.21 34.19
C LEU A 43 3.29 2.60 33.55
N ARG A 44 3.33 1.27 33.50
CA ARG A 44 4.44 0.57 32.89
C ARG A 44 4.40 0.80 31.38
N PRO A 45 5.50 1.25 30.76
CA PRO A 45 5.48 1.47 29.32
C PRO A 45 5.81 0.18 28.59
N PRO A 46 4.88 -0.35 27.81
CA PRO A 46 5.20 -1.52 26.97
C PRO A 46 5.85 -1.05 25.69
N ARG A 47 7.16 -1.27 25.57
CA ARG A 47 7.90 -0.82 24.41
C ARG A 47 7.81 -1.85 23.29
N GLY A 48 7.43 -1.40 22.10
CA GLY A 48 7.50 -2.25 20.93
C GLY A 48 8.94 -2.50 20.50
N THR A 49 9.14 -3.63 19.82
CA THR A 49 10.46 -4.09 19.45
C THR A 49 11.22 -3.02 18.66
N PRO A 50 12.56 -3.06 18.69
CA PRO A 50 13.36 -1.90 18.24
C PRO A 50 13.05 -1.47 16.82
N GLU A 51 13.55 -0.28 16.48
CA GLU A 51 13.31 0.28 15.16
C GLU A 51 14.01 -0.50 14.05
N TYR A 52 15.10 -1.22 14.37
CA TYR A 52 15.78 -1.99 13.34
C TYR A 52 15.11 -3.36 13.10
N VAL A 53 14.51 -3.96 14.13
CA VAL A 53 13.85 -5.26 13.94
C VAL A 53 12.64 -5.13 13.02
N LYS A 54 12.00 -3.96 13.01
CA LYS A 54 10.98 -3.66 12.02
C LYS A 54 11.54 -3.84 10.61
N PHE A 55 12.66 -3.17 10.31
CA PHE A 55 13.28 -3.25 8.98
C PHE A 55 13.78 -4.65 8.66
N ALA A 56 14.32 -5.36 9.66
CA ALA A 56 14.76 -6.73 9.43
C ALA A 56 13.62 -7.60 8.95
N ARG A 57 12.47 -7.57 9.63
CA ARG A 57 11.41 -8.43 9.12
C ARG A 57 10.76 -7.85 7.86
N GLN A 58 11.02 -6.58 7.52
CA GLN A 58 10.64 -6.10 6.19
C GLN A 58 11.48 -6.72 5.09
N LEU A 59 12.65 -7.27 5.43
CA LEU A 59 13.50 -7.90 4.44
C LEU A 59 13.17 -9.37 4.22
N ALA A 60 12.23 -9.93 4.98
CA ALA A 60 11.74 -11.30 4.76
C ALA A 60 10.30 -11.28 4.20
N GLY A 61 9.76 -12.46 3.93
CA GLY A 61 8.56 -12.49 3.12
C GLY A 61 8.88 -13.26 1.87
N GLY A 62 7.84 -13.85 1.26
CA GLY A 62 8.05 -14.87 0.24
C GLY A 62 8.82 -14.36 -0.97
N LEU A 63 8.35 -13.28 -1.56
CA LEU A 63 9.10 -12.69 -2.68
C LEU A 63 10.49 -12.27 -2.23
N GLN A 64 10.58 -11.59 -1.08
CA GLN A 64 11.86 -11.21 -0.53
C GLN A 64 12.81 -12.38 -0.38
N CYS A 65 12.30 -13.53 0.10
CA CYS A 65 13.16 -14.68 0.32
C CYS A 65 13.58 -15.33 -0.98
N LEU A 66 12.68 -15.37 -1.97
CA LEU A 66 13.08 -15.89 -3.27
C LEU A 66 14.17 -15.01 -3.87
N MET A 67 14.03 -13.69 -3.77
CA MET A 67 15.09 -12.82 -4.24
C MET A 67 16.38 -13.07 -3.47
N TRP A 68 16.27 -13.32 -2.16
CA TRP A 68 17.47 -13.62 -1.37
C TRP A 68 18.16 -14.85 -1.93
N VAL A 69 17.41 -15.95 -2.06
CA VAL A 69 17.98 -17.20 -2.59
C VAL A 69 18.59 -16.99 -3.96
N ALA A 70 17.90 -16.24 -4.82
CA ALA A 70 18.41 -15.98 -6.16
C ALA A 70 19.73 -15.22 -6.10
N ALA A 71 19.80 -14.16 -5.30
CA ALA A 71 21.06 -13.44 -5.19
C ALA A 71 22.13 -14.34 -4.62
N ALA A 72 21.76 -15.27 -3.74
CA ALA A 72 22.75 -16.19 -3.19
C ALA A 72 23.29 -17.10 -4.27
N ILE A 73 22.42 -17.55 -5.18
CA ILE A 73 22.86 -18.39 -6.29
C ILE A 73 23.74 -17.60 -7.23
N CYS A 74 23.41 -16.33 -7.43
CA CYS A 74 24.26 -15.50 -8.27
C CYS A 74 25.63 -15.28 -7.63
N LEU A 75 25.67 -15.12 -6.31
CA LEU A 75 26.94 -14.96 -5.60
C LEU A 75 27.75 -16.25 -5.62
N ILE A 76 27.11 -17.41 -5.41
CA ILE A 76 27.84 -18.66 -5.50
C ILE A 76 28.40 -18.86 -6.90
N ALA A 77 27.57 -18.60 -7.92
CA ALA A 77 28.04 -18.69 -9.29
C ALA A 77 29.21 -17.74 -9.54
N PHE A 78 29.07 -16.48 -9.11
CA PHE A 78 30.13 -15.51 -9.33
C PHE A 78 31.41 -15.91 -8.62
N ALA A 79 31.28 -16.49 -7.43
CA ALA A 79 32.45 -16.99 -6.72
C ALA A 79 33.10 -18.14 -7.47
N ILE A 80 32.31 -19.13 -7.88
CA ILE A 80 32.87 -20.32 -8.52
C ILE A 80 33.51 -19.95 -9.86
N GLN A 81 32.90 -19.04 -10.61
CA GLN A 81 33.44 -18.70 -11.92
C GLN A 81 34.60 -17.71 -11.81
N ALA A 82 34.69 -16.95 -10.71
CA ALA A 82 35.90 -16.15 -10.49
C ALA A 82 37.05 -17.01 -9.96
N SER A 83 36.73 -18.11 -9.27
CA SER A 83 37.78 -18.97 -8.71
C SER A 83 38.52 -19.73 -9.81
N GLU A 84 37.81 -20.10 -10.89
CA GLU A 84 38.43 -20.71 -12.06
C GLU A 84 38.85 -19.69 -13.11
N GLY A 85 39.00 -18.42 -12.71
CA GLY A 85 39.53 -17.37 -13.56
C GLY A 85 38.79 -17.13 -14.86
N ASP A 86 37.48 -16.94 -14.77
CA ASP A 86 36.62 -16.65 -15.92
C ASP A 86 35.99 -15.28 -15.71
N LEU A 87 36.44 -14.30 -16.47
CA LEU A 87 36.08 -12.90 -16.26
C LEU A 87 34.77 -12.51 -16.93
N THR A 88 34.22 -13.34 -17.82
CA THR A 88 33.03 -12.95 -18.56
C THR A 88 31.78 -12.98 -17.67
N THR A 89 31.77 -13.81 -16.62
CA THR A 89 30.62 -13.94 -15.74
C THR A 89 30.75 -13.02 -14.52
N ASP A 90 30.78 -11.72 -14.80
CA ASP A 90 30.54 -10.69 -13.79
C ASP A 90 29.09 -10.26 -13.77
N ASP A 91 28.32 -10.70 -14.79
CA ASP A 91 26.88 -10.48 -14.77
C ASP A 91 26.26 -11.06 -13.50
N ASN A 92 26.80 -12.16 -12.97
CA ASN A 92 26.21 -12.73 -11.76
C ASN A 92 26.44 -11.84 -10.56
N LEU A 93 27.58 -11.14 -10.51
CA LEU A 93 27.76 -10.15 -9.45
C LEU A 93 26.79 -8.99 -9.63
N TYR A 94 26.71 -8.44 -10.85
CA TYR A 94 25.77 -7.34 -11.07
C TYR A 94 24.35 -7.75 -10.75
N LEU A 95 24.03 -9.02 -11.02
CA LEU A 95 22.68 -9.54 -10.84
C LEU A 95 22.36 -9.70 -9.36
N ALA A 96 23.27 -10.33 -8.61
CA ALA A 96 23.07 -10.44 -7.17
C ALA A 96 22.96 -9.07 -6.53
N LEU A 97 23.76 -8.10 -6.98
CA LEU A 97 23.66 -6.76 -6.43
C LEU A 97 22.30 -6.16 -6.72
N ALA A 98 21.85 -6.20 -7.96
CA ALA A 98 20.54 -5.65 -8.29
C ALA A 98 19.45 -6.30 -7.44
N LEU A 99 19.49 -7.64 -7.34
CA LEU A 99 18.48 -8.33 -6.55
C LEU A 99 18.52 -7.87 -5.11
N ILE A 100 19.73 -7.72 -4.55
CA ILE A 100 19.86 -7.29 -3.17
C ILE A 100 19.32 -5.87 -3.02
N ALA A 101 19.58 -5.02 -4.01
CA ALA A 101 19.02 -3.68 -3.99
C ALA A 101 17.51 -3.74 -4.03
N VAL A 102 16.94 -4.64 -4.85
CA VAL A 102 15.49 -4.77 -4.95
C VAL A 102 14.91 -5.22 -3.61
N VAL A 103 15.51 -6.23 -3.00
CA VAL A 103 15.10 -6.67 -1.65
C VAL A 103 15.12 -5.49 -0.69
N VAL A 104 16.24 -4.78 -0.63
CA VAL A 104 16.39 -3.73 0.37
C VAL A 104 15.47 -2.55 0.06
N VAL A 105 15.32 -2.19 -1.21
CA VAL A 105 14.45 -1.09 -1.57
C VAL A 105 12.99 -1.46 -1.31
N THR A 106 12.62 -2.70 -1.63
CA THR A 106 11.27 -3.18 -1.31
C THR A 106 11.01 -3.11 0.18
N GLY A 107 11.98 -3.57 0.99
CA GLY A 107 11.82 -3.52 2.43
C GLY A 107 11.77 -2.10 2.97
N CYS A 108 12.47 -1.17 2.33
CA CYS A 108 12.30 0.23 2.68
C CYS A 108 10.87 0.69 2.39
N PHE A 109 10.35 0.33 1.22
CA PHE A 109 8.96 0.65 0.87
C PHE A 109 8.01 0.11 1.93
N GLY A 110 8.19 -1.15 2.34
CA GLY A 110 7.34 -1.74 3.36
C GLY A 110 7.53 -1.15 4.75
N TYR A 111 8.69 -0.56 5.01
CA TYR A 111 8.95 0.02 6.33
C TYR A 111 8.40 1.44 6.43
N TYR A 112 8.64 2.27 5.42
CA TYR A 112 8.15 3.64 5.40
C TYR A 112 6.67 3.74 5.06
N GLN A 113 5.97 2.60 5.04
CA GLN A 113 4.52 2.66 5.01
C GLN A 113 3.99 3.27 6.31
N GLU A 114 4.63 2.94 7.45
CA GLU A 114 4.26 3.46 8.77
C GLU A 114 5.01 4.77 9.00
N PHE A 115 4.28 5.89 8.96
CA PHE A 115 4.91 7.20 9.08
C PHE A 115 5.32 7.51 10.52
N LYS A 116 4.36 7.43 11.46
CA LYS A 116 4.53 8.04 12.79
C LYS A 116 5.48 7.24 13.67
N SER A 117 5.19 5.94 13.88
CA SER A 117 5.96 5.05 14.76
C SER A 117 6.06 5.60 16.18
N THR A 118 4.91 5.98 16.74
CA THR A 118 4.79 6.60 18.05
C THR A 118 4.19 5.62 19.06
N ASN A 119 4.45 5.91 20.34
CA ASN A 119 3.92 5.13 21.45
C ASN A 119 2.72 5.83 22.07
N ILE A 120 1.77 5.03 22.56
CA ILE A 120 0.53 5.52 23.13
C ILE A 120 0.67 5.84 24.63
N ILE A 121 1.48 5.06 25.35
CA ILE A 121 1.65 5.29 26.77
C ILE A 121 2.40 6.58 27.07
N ALA A 122 3.06 7.18 26.07
CA ALA A 122 3.56 8.54 26.23
C ALA A 122 2.41 9.50 26.50
N SER A 123 1.37 9.44 25.65
CA SER A 123 0.22 10.32 25.82
C SER A 123 -0.58 9.97 27.07
N PHE A 124 -0.54 8.70 27.49
CA PHE A 124 -1.19 8.39 28.77
C PHE A 124 -0.41 8.90 29.97
N LYS A 125 0.92 8.91 29.91
CA LYS A 125 1.55 9.44 31.09
C LYS A 125 1.62 10.97 31.07
N ASN A 126 1.11 11.61 30.02
CA ASN A 126 0.90 13.04 30.08
C ASN A 126 -0.41 13.41 30.76
N LEU A 127 -1.28 12.44 31.03
CA LEU A 127 -2.51 12.67 31.78
C LEU A 127 -2.35 12.38 33.25
N VAL A 128 -1.12 12.23 33.72
CA VAL A 128 -0.83 11.75 35.07
C VAL A 128 -0.18 12.88 35.86
N PRO A 129 -0.62 13.16 37.08
CA PRO A 129 0.01 14.22 37.87
C PRO A 129 1.40 13.82 38.33
N GLN A 130 2.21 14.85 38.61
CA GLN A 130 3.55 14.59 39.09
C GLN A 130 3.63 14.59 40.62
N GLN A 131 2.72 15.28 41.30
CA GLN A 131 2.77 15.45 42.75
C GLN A 131 1.44 15.07 43.39
N ALA A 132 1.49 14.83 44.70
CA ALA A 132 0.32 14.52 45.50
C ALA A 132 0.56 15.00 46.92
N THR A 133 -0.52 15.19 47.67
CA THR A 133 -0.39 15.40 49.10
C THR A 133 -0.97 14.21 49.86
N VAL A 134 -0.16 13.69 50.78
CA VAL A 134 -0.40 12.44 51.49
C VAL A 134 -0.22 12.72 52.97
N ILE A 135 -0.95 11.97 53.80
CA ILE A 135 -0.80 12.02 55.25
C ILE A 135 -0.19 10.70 55.69
N ARG A 136 1.01 10.77 56.26
CA ARG A 136 1.71 9.60 56.79
C ARG A 136 2.20 9.94 58.19
N ASP A 137 1.87 9.06 59.13
CA ASP A 137 2.16 9.28 60.54
C ASP A 137 1.63 10.65 60.99
N GLY A 138 0.45 11.00 60.49
CA GLY A 138 -0.24 12.21 60.87
C GLY A 138 0.43 13.48 60.40
N ASP A 139 1.47 13.32 59.58
CA ASP A 139 2.14 14.46 58.96
C ASP A 139 1.70 14.53 57.51
N LYS A 140 1.09 15.65 57.14
CA LYS A 140 0.62 15.89 55.77
C LYS A 140 1.73 16.60 54.99
N PHE A 141 2.10 16.03 53.86
CA PHE A 141 3.18 16.60 53.05
C PHE A 141 2.93 16.24 51.59
N GLN A 142 3.78 16.78 50.72
CA GLN A 142 3.63 16.62 49.29
C GLN A 142 4.76 15.73 48.78
N ILE A 143 4.40 14.60 48.14
CA ILE A 143 5.38 13.70 47.54
C ILE A 143 5.13 13.58 46.04
N ASN A 144 6.04 12.88 45.37
CA ASN A 144 5.80 12.47 44.00
C ASN A 144 4.68 11.45 43.95
N ALA A 145 3.82 11.57 42.95
CA ALA A 145 2.66 10.69 42.84
C ALA A 145 3.08 9.24 42.73
N ASP A 146 4.22 8.95 42.07
CA ASP A 146 4.67 7.57 41.88
C ASP A 146 5.05 6.90 43.18
N GLN A 147 5.20 7.66 44.27
CA GLN A 147 5.52 7.08 45.56
C GLN A 147 4.29 6.67 46.36
N LEU A 148 3.09 6.95 45.85
CA LEU A 148 1.87 6.54 46.53
C LEU A 148 1.70 5.03 46.46
N VAL A 149 1.16 4.46 47.53
CA VAL A 149 0.93 3.04 47.58
C VAL A 149 -0.50 2.79 48.00
N VAL A 150 -1.00 1.63 47.62
CA VAL A 150 -2.32 1.20 48.02
C VAL A 150 -2.40 1.27 49.54
N GLY A 151 -3.40 1.99 50.05
CA GLY A 151 -3.57 2.20 51.48
C GLY A 151 -3.30 3.62 51.95
N ASP A 152 -2.58 4.42 51.16
CA ASP A 152 -2.21 5.78 51.55
C ASP A 152 -3.45 6.65 51.76
N LEU A 153 -3.31 7.64 52.64
CA LEU A 153 -4.35 8.64 52.88
C LEU A 153 -3.97 9.91 52.13
N VAL A 154 -4.87 10.40 51.30
CA VAL A 154 -4.50 11.38 50.29
C VAL A 154 -5.52 12.51 50.27
N GLU A 155 -5.02 13.73 50.07
CA GLU A 155 -5.83 14.93 49.95
C GLU A 155 -5.84 15.41 48.51
N MET A 156 -7.01 15.81 48.01
CA MET A 156 -7.15 16.44 46.69
C MET A 156 -7.83 17.78 46.86
N LYS A 157 -7.43 18.77 46.05
CA LYS A 157 -8.13 20.04 45.96
C LYS A 157 -8.48 20.34 44.50
N GLY A 158 -9.49 21.17 44.31
CA GLY A 158 -9.83 21.65 42.98
C GLY A 158 -8.69 22.33 42.26
N GLY A 159 -8.44 21.92 41.03
CA GLY A 159 -7.34 22.43 40.22
C GLY A 159 -6.30 21.37 39.90
N ASP A 160 -6.12 20.39 40.77
CA ASP A 160 -5.11 19.36 40.58
C ASP A 160 -5.74 18.06 40.12
N ARG A 161 -4.93 17.20 39.53
CA ARG A 161 -5.36 15.90 39.04
C ARG A 161 -5.22 14.83 40.12
N VAL A 162 -6.10 13.85 40.08
CA VAL A 162 -6.21 12.89 41.19
C VAL A 162 -5.03 11.93 41.16
N PRO A 163 -4.28 11.75 42.25
CA PRO A 163 -2.99 11.07 42.13
C PRO A 163 -3.05 9.55 42.05
N ALA A 164 -4.18 8.91 42.36
CA ALA A 164 -4.31 7.46 42.18
C ALA A 164 -5.81 7.19 42.14
N ASP A 165 -6.19 5.92 42.04
CA ASP A 165 -7.56 5.53 42.29
C ASP A 165 -7.89 5.48 43.76
N ILE A 166 -8.87 6.28 44.18
CA ILE A 166 -9.07 6.68 45.58
C ILE A 166 -10.51 6.40 46.01
N ARG A 167 -10.65 5.83 47.21
CA ARG A 167 -11.93 5.70 47.89
C ARG A 167 -12.07 6.87 48.86
N ILE A 168 -13.14 7.63 48.72
CA ILE A 168 -13.24 8.95 49.32
C ILE A 168 -13.83 8.85 50.71
N LEU A 169 -13.16 9.50 51.66
CA LEU A 169 -13.63 9.51 53.04
C LEU A 169 -14.27 10.83 53.45
N GLN A 170 -13.66 11.98 53.11
CA GLN A 170 -14.26 13.28 53.38
C GLN A 170 -14.30 14.09 52.09
N ALA A 171 -15.29 14.96 51.97
CA ALA A 171 -15.38 15.81 50.79
C ALA A 171 -16.22 17.06 51.10
N GLN A 172 -15.77 18.20 50.61
CA GLN A 172 -16.54 19.45 50.64
C GLN A 172 -16.57 20.05 49.24
N GLY A 173 -17.74 19.96 48.61
CA GLY A 173 -18.03 20.67 47.37
C GLY A 173 -17.16 20.22 46.23
N CYS A 174 -16.87 18.93 46.17
CA CYS A 174 -15.84 18.39 45.31
C CYS A 174 -16.45 17.79 44.05
N LYS A 175 -15.88 18.14 42.91
CA LYS A 175 -16.39 17.73 41.61
C LYS A 175 -15.20 17.46 40.71
N VAL A 176 -15.36 16.40 39.89
CA VAL A 176 -14.32 15.87 39.02
C VAL A 176 -14.80 15.83 37.58
N ASP A 177 -13.85 15.58 36.69
CA ASP A 177 -14.08 15.48 35.25
C ASP A 177 -13.69 14.07 34.83
N ASN A 178 -14.65 13.29 34.37
CA ASN A 178 -14.39 11.89 34.11
C ASN A 178 -14.38 11.55 32.61
N SER A 179 -14.10 12.55 31.76
CA SER A 179 -14.12 12.32 30.33
C SER A 179 -13.19 11.18 29.90
N SER A 180 -12.06 10.98 30.58
CA SER A 180 -11.22 9.84 30.24
C SER A 180 -11.91 8.49 30.46
N LEU A 181 -12.98 8.44 31.27
CA LEU A 181 -13.78 7.22 31.42
C LEU A 181 -15.04 7.22 30.56
N THR A 182 -15.72 8.36 30.44
CA THR A 182 -17.01 8.36 29.82
C THR A 182 -17.04 9.08 28.48
N GLY A 183 -16.01 9.88 28.18
CA GLY A 183 -16.06 10.80 27.06
C GLY A 183 -16.84 12.03 27.37
N GLU A 184 -17.51 12.07 28.51
CA GLU A 184 -18.31 13.20 28.97
C GLU A 184 -17.54 14.05 29.96
N SER A 185 -17.43 15.34 29.69
CA SER A 185 -16.72 16.23 30.61
C SER A 185 -17.67 16.93 31.57
N GLU A 186 -18.89 16.44 31.70
CA GLU A 186 -19.79 17.02 32.67
C GLU A 186 -19.24 16.79 34.07
N PRO A 187 -19.21 17.81 34.92
CA PRO A 187 -18.64 17.61 36.25
C PRO A 187 -19.50 16.68 37.08
N GLN A 188 -18.84 15.78 37.79
CA GLN A 188 -19.47 14.79 38.65
C GLN A 188 -19.14 15.05 40.11
N THR A 189 -20.13 14.90 40.97
CA THR A 189 -19.95 15.13 42.39
C THR A 189 -19.23 13.94 43.02
N ARG A 190 -18.28 14.21 43.90
CA ARG A 190 -17.68 13.17 44.72
C ARG A 190 -18.09 13.41 46.17
N SER A 191 -18.59 12.38 46.81
CA SER A 191 -18.88 12.44 48.23
C SER A 191 -18.24 11.20 48.88
N PRO A 192 -18.48 10.91 50.16
CA PRO A 192 -18.11 9.60 50.70
C PRO A 192 -19.23 8.59 50.64
N GLU A 193 -20.37 8.96 50.07
CA GLU A 193 -21.54 8.09 50.08
C GLU A 193 -21.46 7.12 48.92
N CYS A 194 -21.70 5.85 49.20
CA CYS A 194 -21.79 4.84 48.15
C CYS A 194 -23.11 5.02 47.42
N THR A 195 -23.08 5.43 46.15
CA THR A 195 -24.32 5.69 45.43
C THR A 195 -24.57 4.73 44.26
N HIS A 196 -23.75 3.69 44.09
CA HIS A 196 -24.00 2.80 42.97
C HIS A 196 -23.30 1.48 43.21
N GLU A 197 -23.76 0.44 42.51
CA GLU A 197 -23.08 -0.85 42.54
C GLU A 197 -21.72 -0.75 41.86
N SER A 198 -21.69 -0.10 40.69
CA SER A 198 -20.46 0.04 39.93
C SER A 198 -19.53 1.06 40.58
N PRO A 199 -18.25 0.74 40.75
CA PRO A 199 -17.31 1.77 41.20
C PRO A 199 -17.08 2.82 40.14
N LEU A 200 -17.48 2.54 38.89
CA LEU A 200 -17.41 3.53 37.84
C LEU A 200 -18.52 4.57 37.95
N GLU A 201 -19.55 4.32 38.76
CA GLU A 201 -20.67 5.25 38.89
C GLU A 201 -20.87 5.80 40.30
N THR A 202 -20.30 5.17 41.33
CA THR A 202 -20.51 5.70 42.67
C THR A 202 -19.79 7.03 42.88
N ARG A 203 -20.32 7.82 43.81
CA ARG A 203 -19.75 9.13 44.08
C ARG A 203 -18.48 9.08 44.90
N ASN A 204 -18.18 7.98 45.60
CA ASN A 204 -17.09 7.98 46.56
C ASN A 204 -15.83 7.31 46.03
N ILE A 205 -15.71 7.15 44.71
CA ILE A 205 -14.46 6.76 44.07
C ILE A 205 -14.04 7.87 43.10
N ALA A 206 -12.74 8.15 43.08
CA ALA A 206 -12.13 9.15 42.20
C ALA A 206 -11.02 8.44 41.44
N PHE A 207 -10.74 8.87 40.22
CA PHE A 207 -9.77 8.19 39.37
C PHE A 207 -8.45 8.90 39.09
N PHE A 208 -7.42 8.11 38.75
CA PHE A 208 -6.06 8.59 38.58
C PHE A 208 -5.71 9.67 37.55
N SER A 209 -6.14 9.56 36.31
CA SER A 209 -5.83 10.68 35.44
C SER A 209 -6.67 11.95 35.66
N THR A 210 -7.91 11.77 36.05
CA THR A 210 -8.89 12.80 36.19
C THR A 210 -8.58 14.05 36.93
N MET A 211 -9.23 15.11 36.52
CA MET A 211 -9.09 16.37 37.23
C MET A 211 -10.24 16.61 38.18
N CYS A 212 -9.87 16.93 39.43
CA CYS A 212 -10.74 17.55 40.41
C CYS A 212 -10.96 19.00 40.02
N LEU A 213 -12.15 19.32 39.51
CA LEU A 213 -12.46 20.67 39.03
C LEU A 213 -12.67 21.64 40.18
N GLU A 214 -13.26 21.18 41.27
CA GLU A 214 -13.48 22.12 42.36
C GLU A 214 -13.66 21.37 43.66
N GLY A 215 -13.60 22.12 44.75
CA GLY A 215 -13.83 21.56 46.05
C GLY A 215 -12.57 20.92 46.62
N THR A 216 -12.82 20.03 47.59
CA THR A 216 -11.72 19.44 48.31
C THR A 216 -12.17 18.09 48.84
N ALA A 217 -11.25 17.12 48.90
CA ALA A 217 -11.62 15.79 49.37
C ALA A 217 -10.40 15.05 49.90
N GLN A 218 -10.68 13.95 50.62
CA GLN A 218 -9.68 13.09 51.25
C GLN A 218 -10.13 11.65 51.12
N GLY A 219 -9.17 10.74 50.95
CA GLY A 219 -9.53 9.39 50.58
C GLY A 219 -8.38 8.41 50.60
N LEU A 220 -8.74 7.12 50.55
CA LEU A 220 -7.79 6.02 50.65
C LEU A 220 -7.37 5.59 49.26
N VAL A 221 -6.05 5.56 49.05
CA VAL A 221 -5.52 5.07 47.78
C VAL A 221 -5.85 3.59 47.65
N VAL A 222 -6.67 3.28 46.65
CA VAL A 222 -7.24 1.96 46.51
C VAL A 222 -6.65 1.21 45.32
N ASN A 223 -6.07 1.90 44.34
CA ASN A 223 -5.32 1.22 43.30
C ASN A 223 -4.29 2.18 42.73
N THR A 224 -3.19 1.61 42.23
CA THR A 224 -2.06 2.38 41.72
C THR A 224 -1.55 1.74 40.45
N GLY A 225 -0.75 2.50 39.71
CA GLY A 225 -0.06 1.93 38.55
C GLY A 225 -1.00 1.48 37.46
N ASP A 226 -0.63 0.38 36.79
CA ASP A 226 -1.48 -0.16 35.74
C ASP A 226 -2.79 -0.74 36.28
N ARG A 227 -2.90 -0.97 37.59
CA ARG A 227 -4.17 -1.41 38.18
C ARG A 227 -5.22 -0.29 38.23
N THR A 228 -4.83 0.98 38.16
CA THR A 228 -5.84 2.03 38.06
C THR A 228 -6.65 1.89 36.77
N ILE A 229 -7.81 2.55 36.77
CA ILE A 229 -8.69 2.46 35.61
C ILE A 229 -8.06 3.10 34.39
N ILE A 230 -7.28 4.18 34.57
CA ILE A 230 -6.57 4.70 33.41
C ILE A 230 -5.43 3.76 33.02
N GLY A 231 -4.81 3.11 33.99
CA GLY A 231 -3.79 2.12 33.64
C GLY A 231 -4.36 0.99 32.81
N ARG A 232 -5.54 0.51 33.17
CA ARG A 232 -6.16 -0.57 32.40
C ARG A 232 -6.63 -0.08 31.04
N ILE A 233 -7.17 1.13 30.95
CA ILE A 233 -7.47 1.66 29.64
C ILE A 233 -6.21 1.66 28.78
N ALA A 234 -5.08 2.10 29.35
CA ALA A 234 -3.84 2.15 28.58
C ALA A 234 -3.35 0.74 28.22
N SER A 235 -3.47 -0.21 29.15
CA SER A 235 -3.14 -1.60 28.83
C SER A 235 -3.92 -2.07 27.61
N LEU A 236 -5.24 -1.90 27.63
CA LEU A 236 -6.03 -2.33 26.49
C LEU A 236 -5.61 -1.60 25.22
N ALA A 237 -5.33 -0.31 25.29
CA ALA A 237 -4.91 0.40 24.08
C ALA A 237 -3.58 -0.15 23.57
N SER A 238 -2.58 -0.24 24.44
CA SER A 238 -1.25 -0.67 24.04
C SER A 238 -1.21 -2.16 23.70
N GLY A 239 -1.73 -2.99 24.59
CA GLY A 239 -1.62 -4.43 24.44
C GLY A 239 -2.77 -5.08 23.71
N VAL A 240 -3.01 -4.68 22.47
CA VAL A 240 -3.89 -5.40 21.56
C VAL A 240 -3.02 -5.97 20.44
N GLU A 241 -3.31 -7.21 20.04
CA GLU A 241 -2.36 -7.93 19.20
C GLU A 241 -2.31 -7.34 17.78
N ASN A 242 -1.14 -7.47 17.17
CA ASN A 242 -0.84 -6.92 15.85
C ASN A 242 -1.77 -7.80 15.01
N GLU A 243 -2.85 -7.19 14.52
CA GLU A 243 -3.75 -7.87 13.60
C GLU A 243 -3.46 -7.16 12.28
N LYS A 244 -3.48 -7.93 11.20
CA LYS A 244 -3.20 -7.39 9.88
C LYS A 244 -4.41 -6.66 9.30
N THR A 245 -4.15 -5.55 8.60
CA THR A 245 -5.22 -4.85 7.90
C THR A 245 -5.79 -5.71 6.77
N PRO A 246 -7.03 -5.42 6.34
CA PRO A 246 -7.60 -6.16 5.21
C PRO A 246 -6.71 -6.21 3.99
N ILE A 247 -6.00 -5.13 3.70
CA ILE A 247 -5.22 -5.13 2.48
C ILE A 247 -3.89 -5.85 2.69
N ALA A 248 -3.30 -5.77 3.88
CA ALA A 248 -2.16 -6.63 4.17
C ALA A 248 -2.55 -8.11 4.00
N ILE A 249 -3.74 -8.49 4.46
CA ILE A 249 -4.23 -9.84 4.21
C ILE A 249 -4.21 -10.12 2.70
N GLU A 250 -4.79 -9.21 1.91
CA GLU A 250 -4.85 -9.45 0.47
C GLU A 250 -3.45 -9.56 -0.16
N ILE A 251 -2.54 -8.69 0.26
CA ILE A 251 -1.20 -8.66 -0.28
C ILE A 251 -0.45 -9.94 0.09
N GLU A 252 -0.44 -10.27 1.38
CA GLU A 252 0.19 -11.51 1.81
C GLU A 252 -0.38 -12.70 1.05
N HIS A 253 -1.69 -12.68 0.78
CA HIS A 253 -2.30 -13.77 0.05
C HIS A 253 -1.69 -13.92 -1.34
N PHE A 254 -1.68 -12.85 -2.13
CA PHE A 254 -1.15 -13.05 -3.48
C PHE A 254 0.35 -13.32 -3.45
N VAL A 255 1.07 -12.79 -2.45
CA VAL A 255 2.47 -13.13 -2.30
C VAL A 255 2.64 -14.62 -2.09
N ASP A 256 1.77 -15.22 -1.30
CA ASP A 256 1.86 -16.67 -1.10
C ASP A 256 1.57 -17.43 -2.39
N ILE A 257 0.55 -17.02 -3.13
CA ILE A 257 0.29 -17.63 -4.44
C ILE A 257 1.56 -17.59 -5.31
N ILE A 258 2.12 -16.40 -5.46
CA ILE A 258 3.23 -16.22 -6.39
C ILE A 258 4.47 -16.96 -5.91
N ALA A 259 4.78 -16.91 -4.62
CA ALA A 259 5.95 -17.63 -4.13
C ALA A 259 5.79 -19.13 -4.31
N GLY A 260 4.58 -19.63 -4.12
CA GLY A 260 4.35 -21.04 -4.37
C GLY A 260 4.59 -21.42 -5.82
N LEU A 261 3.96 -20.68 -6.75
CA LEU A 261 4.14 -21.00 -8.16
C LEU A 261 5.59 -20.85 -8.59
N ALA A 262 6.29 -19.84 -8.07
CA ALA A 262 7.71 -19.71 -8.39
C ALA A 262 8.48 -20.95 -7.93
N ILE A 263 8.30 -21.36 -6.67
CA ILE A 263 9.01 -22.54 -6.18
C ILE A 263 8.67 -23.76 -7.02
N LEU A 264 7.40 -23.88 -7.43
CA LEU A 264 6.99 -24.97 -8.30
C LEU A 264 7.79 -24.98 -9.60
N PHE A 265 7.76 -23.87 -10.35
CA PHE A 265 8.39 -23.83 -11.66
C PHE A 265 9.89 -24.04 -11.55
N GLY A 266 10.54 -23.32 -10.62
CA GLY A 266 11.95 -23.55 -10.39
C GLY A 266 12.28 -25.01 -10.10
N ALA A 267 11.58 -25.62 -9.14
CA ALA A 267 11.93 -26.97 -8.76
C ALA A 267 11.66 -27.95 -9.89
N THR A 268 10.49 -27.86 -10.54
CA THR A 268 10.22 -28.87 -11.58
C THR A 268 11.19 -28.73 -12.75
N PHE A 269 11.57 -27.51 -13.12
CA PHE A 269 12.50 -27.45 -14.25
C PHE A 269 13.93 -27.75 -13.84
N PHE A 270 14.31 -27.51 -12.58
CA PHE A 270 15.60 -28.01 -12.13
C PHE A 270 15.66 -29.53 -12.24
N ILE A 271 14.63 -30.21 -11.75
CA ILE A 271 14.52 -31.66 -11.93
C ILE A 271 14.64 -32.02 -13.41
N VAL A 272 13.87 -31.31 -14.25
CA VAL A 272 13.90 -31.58 -15.70
C VAL A 272 15.30 -31.37 -16.25
N ALA A 273 15.95 -30.28 -15.85
CA ALA A 273 17.26 -29.98 -16.41
C ALA A 273 18.25 -31.09 -16.09
N MET A 274 18.26 -31.55 -14.83
CA MET A 274 19.15 -32.67 -14.48
C MET A 274 18.79 -33.93 -15.25
N CYS A 275 17.49 -34.22 -15.37
CA CYS A 275 17.00 -35.33 -16.20
C CYS A 275 17.46 -35.21 -17.65
N ILE A 276 17.71 -34.00 -18.11
CA ILE A 276 17.89 -33.77 -19.53
C ILE A 276 19.36 -33.57 -19.88
N GLY A 277 20.26 -33.73 -18.91
CA GLY A 277 21.68 -33.79 -19.15
C GLY A 277 22.52 -32.70 -18.51
N TYR A 278 21.92 -31.63 -18.01
CA TYR A 278 22.67 -30.53 -17.41
C TYR A 278 23.28 -30.96 -16.09
N THR A 279 24.31 -30.23 -15.70
CA THR A 279 24.99 -30.47 -14.44
C THR A 279 24.28 -29.74 -13.33
N PHE A 280 24.56 -30.17 -12.09
CA PHE A 280 23.87 -29.61 -10.94
C PHE A 280 24.00 -28.09 -10.91
N LEU A 281 25.24 -27.58 -10.98
CA LEU A 281 25.46 -26.14 -10.95
C LEU A 281 24.63 -25.42 -12.01
N ARG A 282 24.54 -25.99 -13.21
CA ARG A 282 23.78 -25.33 -14.27
C ARG A 282 22.28 -25.34 -13.96
N ALA A 283 21.77 -26.45 -13.43
CA ALA A 283 20.35 -26.48 -13.10
C ALA A 283 20.05 -25.49 -11.98
N MET A 284 20.98 -25.36 -11.03
CA MET A 284 20.82 -24.38 -9.97
C MET A 284 20.74 -22.97 -10.55
N VAL A 285 21.56 -22.68 -11.58
CA VAL A 285 21.45 -21.37 -12.21
C VAL A 285 20.11 -21.21 -12.92
N PHE A 286 19.58 -22.28 -13.52
CA PHE A 286 18.26 -22.19 -14.14
C PHE A 286 17.19 -21.90 -13.09
N PHE A 287 17.28 -22.55 -11.94
CA PHE A 287 16.34 -22.28 -10.89
C PHE A 287 16.40 -20.82 -10.49
N MET A 288 17.61 -20.26 -10.39
CA MET A 288 17.74 -18.83 -10.08
C MET A 288 17.10 -17.99 -11.18
N ALA A 289 17.36 -18.32 -12.43
CA ALA A 289 16.84 -17.52 -13.53
C ALA A 289 15.32 -17.64 -13.65
N ILE A 290 14.76 -18.82 -13.32
CA ILE A 290 13.32 -18.98 -13.44
C ILE A 290 12.64 -18.19 -12.33
N VAL A 291 13.26 -18.19 -11.16
CA VAL A 291 12.71 -17.38 -10.09
C VAL A 291 12.80 -15.90 -10.43
N VAL A 292 13.92 -15.45 -11.02
CA VAL A 292 13.99 -14.03 -11.42
C VAL A 292 12.92 -13.73 -12.49
N ALA A 293 12.74 -14.62 -13.46
CA ALA A 293 11.77 -14.36 -14.53
C ALA A 293 10.35 -14.34 -14.00
N TYR A 294 9.99 -15.32 -13.21
CA TYR A 294 8.59 -15.48 -12.86
C TYR A 294 8.15 -14.48 -11.80
N VAL A 295 8.99 -14.26 -10.79
CA VAL A 295 8.67 -13.34 -9.70
C VAL A 295 8.59 -11.91 -10.24
N PRO A 296 7.58 -11.12 -9.84
CA PRO A 296 7.54 -9.70 -10.22
C PRO A 296 8.36 -8.77 -9.30
N GLU A 297 9.63 -8.53 -9.64
CA GLU A 297 10.50 -7.77 -8.74
C GLU A 297 9.92 -6.41 -8.40
N GLY A 298 9.12 -5.81 -9.30
CA GLY A 298 8.57 -4.48 -9.09
C GLY A 298 7.22 -4.36 -8.40
N LEU A 299 6.57 -5.49 -8.07
CA LEU A 299 5.14 -5.48 -7.76
C LEU A 299 4.84 -4.76 -6.46
N LEU A 300 5.44 -5.23 -5.36
CA LEU A 300 5.20 -4.59 -4.07
C LEU A 300 5.45 -3.10 -4.17
N ALA A 301 6.48 -2.72 -4.94
CA ALA A 301 6.76 -1.29 -5.08
C ALA A 301 5.58 -0.59 -5.72
N THR A 302 5.09 -1.11 -6.85
CA THR A 302 3.95 -0.47 -7.51
C THR A 302 2.76 -0.34 -6.57
N VAL A 303 2.47 -1.39 -5.78
CA VAL A 303 1.33 -1.33 -4.86
C VAL A 303 1.51 -0.20 -3.85
N THR A 304 2.71 -0.07 -3.28
CA THR A 304 2.78 1.00 -2.30
C THR A 304 2.79 2.38 -2.97
N VAL A 305 3.20 2.47 -4.24
CA VAL A 305 3.06 3.73 -4.97
C VAL A 305 1.59 4.09 -5.19
N CYS A 306 0.75 3.09 -5.51
CA CYS A 306 -0.69 3.32 -5.68
C CYS A 306 -1.34 3.75 -4.37
N LEU A 307 -1.05 3.02 -3.30
CA LEU A 307 -1.51 3.43 -1.98
C LEU A 307 -1.10 4.86 -1.67
N SER A 308 0.13 5.24 -2.01
CA SER A 308 0.57 6.61 -1.75
C SER A 308 -0.25 7.62 -2.55
N LEU A 309 -0.50 7.32 -3.83
CA LEU A 309 -1.26 8.28 -4.63
C LEU A 309 -2.70 8.42 -4.14
N THR A 310 -3.22 7.42 -3.43
CA THR A 310 -4.52 7.60 -2.77
C THR A 310 -4.42 8.38 -1.46
N ALA A 311 -3.42 8.05 -0.63
CA ALA A 311 -3.15 8.83 0.57
C ALA A 311 -3.04 10.32 0.26
N LYS A 312 -2.38 10.66 -0.85
CA LYS A 312 -2.26 12.06 -1.23
C LYS A 312 -3.63 12.68 -1.47
N ARG A 313 -4.51 11.95 -2.17
CA ARG A 313 -5.82 12.47 -2.50
C ARG A 313 -6.64 12.70 -1.24
N LEU A 314 -6.69 11.69 -0.37
CA LEU A 314 -7.36 11.84 0.92
C LEU A 314 -6.83 13.05 1.68
N ALA A 315 -5.49 13.16 1.78
CA ALA A 315 -4.87 14.23 2.54
C ALA A 315 -5.34 15.59 2.06
N SER A 316 -5.54 15.73 0.74
CA SER A 316 -6.03 17.00 0.24
C SER A 316 -7.43 17.35 0.76
N LYS A 317 -8.17 16.37 1.28
CA LYS A 317 -9.48 16.65 1.85
C LYS A 317 -9.43 16.77 3.37
N ASN A 318 -8.23 16.92 3.93
CA ASN A 318 -7.98 17.00 5.37
C ASN A 318 -8.18 15.68 6.08
N CYS A 319 -7.94 14.61 5.35
CA CYS A 319 -8.03 13.26 5.86
C CYS A 319 -6.62 12.67 5.83
N VAL A 320 -5.99 12.54 6.99
CA VAL A 320 -4.57 12.25 7.09
C VAL A 320 -4.41 10.81 7.59
N VAL A 321 -3.73 10.01 6.81
CA VAL A 321 -3.51 8.62 7.14
C VAL A 321 -2.17 8.48 7.85
N LYS A 322 -2.07 7.51 8.76
CA LYS A 322 -0.82 7.30 9.47
C LYS A 322 -0.02 6.14 8.91
N ASN A 323 -0.61 5.36 8.01
CA ASN A 323 0.07 4.25 7.36
C ASN A 323 -0.71 3.88 6.11
N LEU A 324 0.01 3.59 5.04
CA LEU A 324 -0.62 3.47 3.73
C LEU A 324 -1.70 2.40 3.71
N GLU A 325 -1.59 1.38 4.54
CA GLU A 325 -2.64 0.35 4.54
C GLU A 325 -3.98 0.94 4.92
N ALA A 326 -3.98 1.93 5.82
CA ALA A 326 -5.23 2.51 6.26
C ALA A 326 -5.95 3.28 5.16
N VAL A 327 -5.29 3.46 4.01
CA VAL A 327 -5.91 4.11 2.86
C VAL A 327 -6.97 3.23 2.21
N GLU A 328 -6.92 1.90 2.40
CA GLU A 328 -7.92 1.01 1.81
C GLU A 328 -9.09 0.71 2.73
N THR A 329 -8.86 0.64 4.05
CA THR A 329 -9.71 -0.17 4.91
C THR A 329 -11.15 0.27 4.88
N LEU A 330 -11.40 1.59 4.97
CA LEU A 330 -12.80 2.07 4.95
C LEU A 330 -13.56 1.56 3.73
N GLY A 331 -12.86 1.24 2.64
CA GLY A 331 -13.54 0.72 1.46
C GLY A 331 -14.07 -0.68 1.64
N SER A 332 -13.45 -1.46 2.55
CA SER A 332 -13.89 -2.82 2.87
C SER A 332 -14.70 -2.87 4.17
N THR A 333 -15.09 -1.72 4.70
CA THR A 333 -15.71 -1.66 6.02
C THR A 333 -17.19 -2.01 5.91
N SER A 334 -17.67 -2.80 6.87
CA SER A 334 -19.08 -3.19 6.88
C SER A 334 -19.84 -2.76 8.14
N VAL A 335 -19.15 -2.56 9.25
CA VAL A 335 -19.74 -2.02 10.47
C VAL A 335 -18.90 -0.82 10.87
N ILE A 336 -19.54 0.29 11.18
CA ILE A 336 -18.92 1.47 11.77
C ILE A 336 -19.42 1.57 13.20
N CYS A 337 -18.51 1.48 14.18
CA CYS A 337 -18.86 1.77 15.57
C CYS A 337 -18.39 3.19 15.88
N SER A 338 -19.32 4.04 16.31
CA SER A 338 -19.02 5.45 16.39
C SER A 338 -19.33 5.97 17.77
N ASP A 339 -18.33 6.63 18.35
CA ASP A 339 -18.55 7.47 19.50
C ASP A 339 -19.56 8.55 19.12
N LYS A 340 -20.33 8.98 20.12
CA LYS A 340 -21.29 10.07 19.96
C LYS A 340 -20.73 11.45 20.36
N THR A 341 -20.19 11.55 21.57
CA THR A 341 -19.93 12.87 22.10
C THR A 341 -18.61 13.34 21.52
N GLY A 342 -18.67 14.42 20.75
CA GLY A 342 -17.60 15.12 20.04
C GLY A 342 -17.21 14.40 18.76
N THR A 343 -17.66 13.17 18.57
CA THR A 343 -17.51 12.47 17.29
C THR A 343 -18.67 12.62 16.30
N LEU A 344 -19.90 12.38 16.77
CA LEU A 344 -21.09 12.59 15.95
C LEU A 344 -21.60 13.98 16.36
N THR A 345 -21.30 14.40 17.59
CA THR A 345 -21.82 15.65 18.10
C THR A 345 -20.69 16.66 18.27
N GLN A 346 -21.04 17.88 18.62
CA GLN A 346 -20.08 18.97 18.66
C GLN A 346 -19.35 19.04 20.00
N ASN A 347 -19.78 18.26 20.98
CA ASN A 347 -19.36 18.40 22.38
C ASN A 347 -19.55 19.84 22.83
N ARG A 348 -20.76 20.36 22.66
CA ARG A 348 -21.06 21.74 23.02
C ARG A 348 -22.56 21.83 23.30
N MET A 349 -22.92 22.11 24.55
CA MET A 349 -24.34 22.24 24.89
C MET A 349 -24.96 23.36 24.09
N THR A 350 -26.05 23.07 23.43
CA THR A 350 -26.69 24.05 22.57
C THR A 350 -28.18 24.11 22.87
N VAL A 351 -28.74 25.33 22.83
CA VAL A 351 -30.19 25.48 22.89
C VAL A 351 -30.82 24.71 21.73
N SER A 352 -31.73 23.80 22.05
CA SER A 352 -32.35 22.90 21.08
C SER A 352 -33.84 23.16 20.87
N HIS A 353 -34.62 23.30 21.94
CA HIS A 353 -36.07 23.47 21.85
C HIS A 353 -36.54 24.55 22.80
N LEU A 354 -37.77 25.01 22.57
CA LEU A 354 -38.40 26.03 23.40
C LEU A 354 -39.89 25.73 23.55
N TRP A 355 -40.42 25.85 24.77
CA TRP A 355 -41.86 25.78 24.96
C TRP A 355 -42.36 27.19 25.24
N PHE A 356 -43.21 27.71 24.37
CA PHE A 356 -43.94 28.94 24.64
C PHE A 356 -45.11 29.02 23.68
N ASP A 357 -46.13 29.79 24.07
CA ASP A 357 -47.38 29.86 23.32
C ASP A 357 -47.97 28.47 23.12
N ASN A 358 -47.79 27.62 24.13
CA ASN A 358 -48.36 26.28 24.13
C ASN A 358 -47.91 25.47 22.92
N HIS A 359 -46.73 25.78 22.39
CA HIS A 359 -46.18 24.97 21.33
C HIS A 359 -44.66 24.83 21.47
N ILE A 360 -44.15 23.65 21.14
CA ILE A 360 -42.73 23.36 21.22
C ILE A 360 -42.10 23.77 19.89
N HIS A 361 -41.11 24.66 19.95
CA HIS A 361 -40.35 25.14 18.80
C HIS A 361 -38.96 24.54 18.80
N SER A 362 -38.37 24.45 17.61
CA SER A 362 -37.06 23.83 17.41
C SER A 362 -36.04 24.88 16.96
N ALA A 363 -34.96 25.02 17.70
CA ALA A 363 -33.88 25.93 17.32
C ALA A 363 -32.87 25.21 16.44
N ASP A 364 -32.17 26.02 15.65
CA ASP A 364 -31.16 25.54 14.70
C ASP A 364 -29.87 25.29 15.46
N THR A 365 -29.46 24.02 15.58
CA THR A 365 -28.36 23.68 16.47
C THR A 365 -27.08 23.40 15.72
N THR A 366 -27.07 23.62 14.40
CA THR A 366 -25.87 23.37 13.62
C THR A 366 -24.81 24.41 13.94
N GLU A 367 -23.54 24.01 13.82
CA GLU A 367 -22.44 24.93 14.14
C GLU A 367 -22.29 26.05 13.11
N ASP A 368 -22.81 25.89 11.90
CA ASP A 368 -22.79 26.93 10.89
C ASP A 368 -24.11 27.69 10.86
N GLN A 369 -25.13 27.19 11.55
CA GLN A 369 -26.52 27.68 11.45
C GLN A 369 -26.95 27.56 9.99
N SER A 370 -26.67 26.39 9.43
CA SER A 370 -27.03 26.03 8.08
C SER A 370 -28.43 25.45 8.00
N GLY A 371 -29.15 25.44 9.12
CA GLY A 371 -30.35 24.64 9.23
C GLY A 371 -31.62 25.42 9.42
N GLN A 372 -32.59 24.79 10.08
CA GLN A 372 -33.94 25.31 10.21
C GLN A 372 -34.10 26.04 11.55
N THR A 373 -34.47 27.32 11.48
CA THR A 373 -34.72 28.14 12.66
C THR A 373 -36.19 28.05 13.06
N PHE A 374 -36.58 28.80 14.08
CA PHE A 374 -37.92 28.79 14.64
C PHE A 374 -38.57 30.16 14.52
N ASP A 375 -39.85 30.23 14.89
CA ASP A 375 -40.67 31.43 14.63
C ASP A 375 -40.45 32.45 15.74
N GLN A 376 -40.04 33.67 15.35
CA GLN A 376 -39.66 34.70 16.30
C GLN A 376 -40.52 35.96 16.19
N SER A 377 -41.74 35.84 15.65
CA SER A 377 -42.64 36.99 15.58
C SER A 377 -43.40 37.22 16.87
N SER A 378 -43.46 36.23 17.75
CA SER A 378 -44.33 36.31 18.90
C SER A 378 -43.87 37.39 19.87
N GLU A 379 -44.82 37.93 20.63
CA GLU A 379 -44.45 38.81 21.73
C GLU A 379 -44.15 38.01 23.00
N THR A 380 -44.81 36.86 23.16
CA THR A 380 -44.34 35.89 24.14
C THR A 380 -42.87 35.58 23.90
N TRP A 381 -42.47 35.46 22.64
CA TRP A 381 -41.07 35.14 22.34
C TRP A 381 -40.16 36.29 22.73
N ARG A 382 -40.54 37.52 22.35
CA ARG A 382 -39.72 38.66 22.75
C ARG A 382 -39.53 38.68 24.25
N ALA A 383 -40.58 38.35 25.01
CA ALA A 383 -40.45 38.36 26.47
C ALA A 383 -39.55 37.24 26.98
N LEU A 384 -39.74 36.01 26.49
CA LEU A 384 -38.87 34.91 26.91
C LEU A 384 -37.41 35.20 26.56
N CYS A 385 -37.16 35.76 25.38
CA CYS A 385 -35.80 36.12 24.98
C CYS A 385 -35.21 37.17 25.90
N ARG A 386 -36.01 38.19 26.24
CA ARG A 386 -35.55 39.19 27.22
C ARG A 386 -35.17 38.54 28.53
N VAL A 387 -35.98 37.58 29.00
CA VAL A 387 -35.69 36.93 30.28
C VAL A 387 -34.39 36.12 30.19
N LEU A 388 -34.27 35.29 29.15
CA LEU A 388 -33.08 34.43 29.09
C LEU A 388 -31.83 35.23 28.76
N THR A 389 -31.98 36.46 28.26
CA THR A 389 -30.82 37.30 28.01
C THR A 389 -30.40 38.06 29.26
N LEU A 390 -31.35 38.72 29.95
CA LEU A 390 -31.00 39.47 31.15
C LEU A 390 -30.62 38.63 32.35
N CYS A 391 -31.08 37.38 32.42
CA CYS A 391 -30.86 36.54 33.59
C CYS A 391 -29.63 35.65 33.35
N ASN A 392 -28.70 36.05 32.50
CA ASN A 392 -27.45 35.32 32.31
C ASN A 392 -26.29 36.05 32.98
N ARG A 393 -25.33 35.27 33.48
CA ARG A 393 -24.15 35.84 34.11
C ARG A 393 -22.88 35.64 33.30
N ALA A 394 -22.92 34.84 32.25
CA ALA A 394 -21.70 34.58 31.49
C ALA A 394 -21.38 35.75 30.58
N ALA A 395 -20.18 35.72 30.01
CA ALA A 395 -19.76 36.77 29.08
C ALA A 395 -18.73 36.21 28.11
N PHE A 396 -18.79 36.70 26.86
CA PHE A 396 -17.73 36.45 25.91
C PHE A 396 -16.46 37.16 26.38
N LYS A 397 -15.32 36.51 26.20
CA LYS A 397 -14.05 37.20 26.38
C LYS A 397 -13.80 38.15 25.20
N SER A 398 -13.02 39.20 25.48
CA SER A 398 -12.92 40.31 24.56
C SER A 398 -12.22 39.94 23.25
N GLY A 399 -12.54 40.69 22.20
CA GLY A 399 -11.86 40.60 20.92
C GLY A 399 -12.10 39.34 20.11
N GLN A 400 -13.20 38.63 20.36
CA GLN A 400 -13.53 37.46 19.55
C GLN A 400 -14.42 37.82 18.37
N ASP A 401 -14.56 39.10 18.03
CA ASP A 401 -15.55 39.54 17.05
C ASP A 401 -15.38 38.86 15.71
N ALA A 402 -14.19 38.34 15.39
CA ALA A 402 -14.00 37.57 14.17
C ALA A 402 -14.44 36.12 14.32
N VAL A 403 -14.50 35.60 15.54
CA VAL A 403 -14.79 34.19 15.81
C VAL A 403 -16.29 33.92 15.60
N PRO A 404 -16.66 32.80 15.00
CA PRO A 404 -18.09 32.42 14.95
C PRO A 404 -18.65 32.14 16.34
N VAL A 405 -19.91 32.54 16.55
CA VAL A 405 -20.50 32.53 17.89
C VAL A 405 -20.32 31.16 18.55
N PRO A 406 -20.56 30.03 17.86
CA PRO A 406 -20.36 28.74 18.53
C PRO A 406 -18.93 28.47 18.97
N LYS A 407 -17.94 28.94 18.22
CA LYS A 407 -16.55 28.67 18.61
C LYS A 407 -16.07 29.56 19.74
N ARG A 408 -16.79 30.66 20.03
CA ARG A 408 -16.28 31.68 20.93
C ARG A 408 -16.17 31.16 22.37
N ILE A 409 -15.20 31.72 23.09
CA ILE A 409 -14.90 31.28 24.45
C ILE A 409 -15.69 32.14 25.43
N VAL A 410 -16.35 31.48 26.38
CA VAL A 410 -17.28 32.14 27.28
C VAL A 410 -16.87 31.82 28.71
N ILE A 411 -16.97 32.81 29.60
CA ILE A 411 -16.75 32.59 31.03
C ILE A 411 -18.11 32.31 31.65
N GLY A 412 -18.38 31.04 31.95
CA GLY A 412 -19.63 30.63 32.56
C GLY A 412 -19.73 29.12 32.53
N ASP A 413 -20.75 28.59 33.21
CA ASP A 413 -20.97 27.15 33.16
C ASP A 413 -21.51 26.78 31.77
N ALA A 414 -21.74 25.49 31.57
CA ALA A 414 -22.14 25.02 30.25
C ALA A 414 -23.44 25.67 29.82
N SER A 415 -24.43 25.65 30.71
CA SER A 415 -25.76 26.09 30.32
C SER A 415 -25.78 27.59 30.05
N GLU A 416 -25.10 28.38 30.89
CA GLU A 416 -25.14 29.81 30.68
C GLU A 416 -24.35 30.17 29.43
N THR A 417 -23.30 29.41 29.14
CA THR A 417 -22.60 29.58 27.88
C THR A 417 -23.51 29.33 26.69
N ALA A 418 -24.33 28.27 26.78
CA ALA A 418 -25.25 27.95 25.68
C ALA A 418 -26.30 29.04 25.51
N LEU A 419 -26.91 29.48 26.62
CA LEU A 419 -27.90 30.55 26.57
C LEU A 419 -27.30 31.83 26.01
N LEU A 420 -26.08 32.16 26.40
CA LEU A 420 -25.42 33.36 25.89
C LEU A 420 -25.20 33.25 24.39
N LYS A 421 -24.68 32.11 23.92
CA LYS A 421 -24.47 31.95 22.48
C LYS A 421 -25.78 32.04 21.72
N PHE A 422 -26.84 31.43 22.27
CA PHE A 422 -28.16 31.49 21.66
C PHE A 422 -28.68 32.92 21.60
N SER A 423 -28.52 33.69 22.68
CA SER A 423 -28.87 35.11 22.66
C SER A 423 -28.10 35.84 21.59
N GLU A 424 -26.77 35.72 21.60
CA GLU A 424 -25.96 36.43 20.62
C GLU A 424 -26.41 36.10 19.22
N LEU A 425 -26.83 34.85 18.99
CA LEU A 425 -27.18 34.42 17.64
C LEU A 425 -28.59 34.83 17.23
N THR A 426 -29.52 34.94 18.18
CA THR A 426 -30.90 35.21 17.83
C THR A 426 -31.15 36.71 17.65
N LEU A 427 -30.85 37.48 18.69
CA LEU A 427 -30.86 38.94 18.61
C LEU A 427 -29.42 39.44 18.54
N GLY A 428 -29.27 40.75 18.38
CA GLY A 428 -28.01 41.33 17.95
C GLY A 428 -26.77 41.08 18.78
N ASN A 429 -26.76 41.65 19.99
CA ASN A 429 -25.55 41.65 20.80
C ASN A 429 -25.97 41.45 22.25
N ALA A 430 -25.80 40.22 22.74
CA ALA A 430 -26.33 39.87 24.05
C ALA A 430 -25.78 40.77 25.14
N MET A 431 -24.48 41.03 25.10
CA MET A 431 -23.90 41.82 26.18
C MET A 431 -24.28 43.28 26.07
N GLY A 432 -24.36 43.82 24.85
CA GLY A 432 -24.77 45.22 24.68
C GLY A 432 -26.21 45.46 25.10
N TYR A 433 -27.14 44.71 24.51
CA TYR A 433 -28.51 44.65 24.97
C TYR A 433 -28.56 44.54 26.49
N ARG A 434 -27.84 43.56 27.04
CA ARG A 434 -27.86 43.31 28.48
C ARG A 434 -27.48 44.55 29.26
N GLU A 435 -26.45 45.27 28.81
CA GLU A 435 -26.00 46.49 29.48
C GLU A 435 -27.06 47.58 29.39
N ARG A 436 -27.86 47.59 28.31
CA ARG A 436 -28.92 48.59 28.19
C ARG A 436 -29.97 48.46 29.30
N PHE A 437 -30.13 47.28 29.89
CA PHE A 437 -31.11 47.13 30.95
C PHE A 437 -30.27 46.88 32.20
N PRO A 438 -29.98 47.91 32.99
CA PRO A 438 -28.92 47.78 34.00
C PRO A 438 -29.47 46.96 35.15
N LYS A 439 -28.69 45.99 35.59
CA LYS A 439 -29.04 45.21 36.76
C LYS A 439 -28.90 46.09 37.99
N VAL A 440 -29.98 46.16 38.77
CA VAL A 440 -29.92 46.81 40.08
C VAL A 440 -29.84 45.78 41.19
N CYS A 441 -30.28 44.54 40.96
CA CYS A 441 -30.27 43.56 42.04
C CYS A 441 -30.04 42.18 41.43
N GLU A 442 -29.44 41.30 42.22
CA GLU A 442 -29.15 39.98 41.69
C GLU A 442 -28.91 38.97 42.81
N ILE A 443 -29.44 37.78 42.66
CA ILE A 443 -28.92 36.64 43.42
C ILE A 443 -28.51 35.54 42.44
N PRO A 444 -27.24 35.13 42.43
CA PRO A 444 -26.79 34.02 41.58
C PRO A 444 -27.42 32.72 42.05
N PHE A 445 -27.20 31.66 41.26
CA PHE A 445 -27.89 30.40 41.51
C PHE A 445 -27.36 29.73 42.77
N ASN A 446 -28.25 29.41 43.71
CA ASN A 446 -27.92 28.63 44.89
C ASN A 446 -28.56 27.26 44.81
N SER A 447 -27.99 26.33 45.58
CA SER A 447 -28.70 25.10 45.88
C SER A 447 -29.72 25.29 47.00
N THR A 448 -29.83 26.50 47.55
CA THR A 448 -30.85 26.83 48.55
C THR A 448 -32.09 27.41 47.88
N ASN A 449 -31.93 28.54 47.19
CA ASN A 449 -33.06 29.15 46.48
C ASN A 449 -33.53 28.27 45.33
N LYS A 450 -32.62 27.48 44.75
CA LYS A 450 -32.89 26.57 43.63
C LYS A 450 -33.27 27.30 42.35
N PHE A 451 -33.03 28.61 42.27
CA PHE A 451 -33.26 29.40 41.08
C PHE A 451 -32.25 30.55 41.06
N GLN A 452 -32.25 31.30 39.96
CA GLN A 452 -31.39 32.46 39.80
C GLN A 452 -32.27 33.65 39.45
N LEU A 453 -31.93 34.82 39.99
CA LEU A 453 -32.83 35.97 39.91
C LEU A 453 -32.03 37.25 39.70
N SER A 454 -32.65 38.20 38.99
CA SER A 454 -32.09 39.54 38.96
C SER A 454 -33.17 40.55 38.59
N ILE A 455 -33.04 41.75 39.13
CA ILE A 455 -33.99 42.84 38.95
C ILE A 455 -33.29 43.98 38.22
N HIS A 456 -34.01 44.61 37.29
CA HIS A 456 -33.40 45.41 36.23
C HIS A 456 -34.20 46.67 35.96
N THR A 457 -33.50 47.81 35.96
CA THR A 457 -33.96 49.03 35.32
C THR A 457 -34.35 48.73 33.87
N LEU A 458 -35.33 49.46 33.35
CA LEU A 458 -35.70 49.28 31.95
C LEU A 458 -34.92 50.27 31.07
N GLU A 459 -35.02 50.10 29.75
CA GLU A 459 -34.27 50.96 28.84
C GLU A 459 -35.03 52.21 28.45
N ASP A 460 -36.32 52.06 28.17
CA ASP A 460 -37.21 53.16 27.88
C ASP A 460 -36.95 54.33 28.83
N PRO A 461 -36.70 55.53 28.29
CA PRO A 461 -36.61 56.70 29.17
C PRO A 461 -37.89 56.98 29.93
N ARG A 462 -39.05 56.76 29.29
CA ARG A 462 -40.33 57.06 29.91
C ARG A 462 -40.72 55.99 30.95
N ASP A 463 -40.46 54.72 30.66
CA ASP A 463 -40.90 53.65 31.53
C ASP A 463 -40.09 53.61 32.82
N PRO A 464 -40.70 53.84 33.98
CA PRO A 464 -39.97 53.84 35.26
C PRO A 464 -40.05 52.54 36.07
N ARG A 465 -40.47 51.43 35.47
CA ARG A 465 -40.68 50.19 36.22
C ARG A 465 -39.38 49.40 36.32
N HIS A 466 -39.44 48.35 37.14
CA HIS A 466 -38.34 47.42 37.36
C HIS A 466 -38.79 46.03 36.92
N VAL A 467 -38.07 45.42 35.99
CA VAL A 467 -38.43 44.07 35.54
C VAL A 467 -37.58 43.05 36.29
N LEU A 468 -38.24 42.08 36.90
CA LEU A 468 -37.61 40.96 37.57
C LEU A 468 -37.59 39.78 36.60
N VAL A 469 -36.45 39.07 36.55
CA VAL A 469 -36.24 37.95 35.65
C VAL A 469 -35.66 36.79 36.44
N MET A 470 -36.14 35.58 36.17
CA MET A 470 -35.76 34.45 37.00
C MET A 470 -35.70 33.18 36.15
N LYS A 471 -34.72 32.30 36.42
CA LYS A 471 -34.60 31.03 35.72
C LYS A 471 -34.31 29.89 36.69
N GLY A 472 -34.66 28.66 36.29
CA GLY A 472 -34.34 27.54 37.14
C GLY A 472 -35.02 26.26 36.68
N ALA A 473 -34.97 25.25 37.55
CA ALA A 473 -35.60 23.99 37.21
C ALA A 473 -37.09 24.21 36.98
N PRO A 474 -37.65 23.61 35.93
CA PRO A 474 -39.03 23.96 35.53
C PRO A 474 -40.07 23.91 36.63
N GLU A 475 -40.21 22.78 37.33
CA GLU A 475 -41.23 22.69 38.38
C GLU A 475 -41.01 23.73 39.46
N ARG A 476 -39.75 23.93 39.86
CA ARG A 476 -39.44 24.98 40.83
C ARG A 476 -39.84 26.36 40.31
N VAL A 477 -39.54 26.65 39.04
CA VAL A 477 -39.96 27.94 38.49
C VAL A 477 -41.48 28.05 38.45
N LEU A 478 -42.16 26.93 38.18
CA LEU A 478 -43.62 26.96 38.08
C LEU A 478 -44.26 27.22 39.43
N GLU A 479 -43.81 26.51 40.47
CA GLU A 479 -44.48 26.63 41.75
C GLU A 479 -44.34 28.03 42.33
N ARG A 480 -43.59 28.92 41.66
CA ARG A 480 -43.53 30.32 42.04
C ARG A 480 -44.24 31.26 41.05
N CYS A 481 -45.01 30.73 40.12
CA CYS A 481 -45.74 31.57 39.17
C CYS A 481 -47.24 31.52 39.45
N SER A 482 -47.95 32.53 38.91
CA SER A 482 -49.41 32.58 38.94
C SER A 482 -50.03 32.85 37.58
N SER A 483 -49.28 33.34 36.61
CA SER A 483 -49.80 33.64 35.28
C SER A 483 -48.79 33.14 34.25
N ILE A 484 -49.24 33.10 33.00
CA ILE A 484 -48.40 32.64 31.91
C ILE A 484 -48.68 33.49 30.68
N LEU A 485 -47.63 33.80 29.93
CA LEU A 485 -47.73 34.48 28.64
C LEU A 485 -48.24 33.49 27.59
N ILE A 486 -49.45 33.71 27.09
CA ILE A 486 -49.99 32.92 25.99
C ILE A 486 -50.53 33.86 24.94
N LYS A 487 -49.95 33.82 23.75
CA LYS A 487 -50.44 34.51 22.55
C LYS A 487 -50.83 35.96 22.81
N GLY A 488 -49.85 36.72 23.29
CA GLY A 488 -50.03 38.15 23.45
C GLY A 488 -50.81 38.57 24.67
N GLN A 489 -51.28 37.63 25.49
CA GLN A 489 -51.98 38.01 26.72
C GLN A 489 -51.40 37.24 27.88
N GLU A 490 -51.83 37.60 29.09
CA GLU A 490 -51.35 36.98 30.32
C GLU A 490 -52.53 36.27 30.98
N LEU A 491 -52.48 34.95 31.00
CA LEU A 491 -53.57 34.14 31.54
C LEU A 491 -53.24 33.72 32.95
N PRO A 492 -54.20 33.68 33.88
CA PRO A 492 -53.93 32.98 35.14
C PRO A 492 -53.65 31.51 34.86
N LEU A 493 -52.85 30.91 35.74
CA LEU A 493 -52.35 29.55 35.52
C LEU A 493 -53.37 28.54 36.05
N ASP A 494 -54.39 28.26 35.24
CA ASP A 494 -55.35 27.27 35.72
C ASP A 494 -54.78 25.87 35.53
N GLU A 495 -55.52 24.88 36.04
CA GLU A 495 -55.04 23.50 36.04
C GLU A 495 -54.66 23.03 34.63
N GLN A 496 -55.36 23.50 33.61
CA GLN A 496 -55.04 23.05 32.27
C GLN A 496 -53.67 23.54 31.85
N TRP A 497 -53.30 24.77 32.25
CA TRP A 497 -51.99 25.27 31.89
C TRP A 497 -50.88 24.53 32.62
N ARG A 498 -51.06 24.27 33.92
CA ARG A 498 -50.09 23.43 34.63
C ARG A 498 -49.93 22.07 33.95
N GLU A 499 -51.05 21.47 33.50
CA GLU A 499 -50.95 20.17 32.84
C GLU A 499 -50.20 20.29 31.51
N ALA A 500 -50.49 21.32 30.72
CA ALA A 500 -49.79 21.51 29.44
C ALA A 500 -48.30 21.74 29.68
N PHE A 501 -47.96 22.55 30.69
CA PHE A 501 -46.57 22.74 31.06
C PHE A 501 -45.91 21.41 31.37
N GLN A 502 -46.50 20.65 32.30
CA GLN A 502 -45.87 19.40 32.70
C GLN A 502 -45.69 18.47 31.52
N THR A 503 -46.67 18.43 30.62
CA THR A 503 -46.54 17.57 29.45
C THR A 503 -45.37 18.01 28.58
N ALA A 504 -45.27 19.31 28.32
CA ALA A 504 -44.19 19.80 27.47
C ALA A 504 -42.85 19.51 28.11
N TYR A 505 -42.77 19.72 29.42
CA TYR A 505 -41.52 19.57 30.16
C TYR A 505 -41.04 18.12 30.15
N LEU A 506 -41.97 17.19 30.37
CA LEU A 506 -41.56 15.78 30.32
C LEU A 506 -41.26 15.34 28.89
N SER A 507 -41.95 15.91 27.88
CA SER A 507 -41.57 15.65 26.49
C SER A 507 -40.12 16.02 26.24
N LEU A 508 -39.75 17.28 26.55
CA LEU A 508 -38.38 17.70 26.32
C LEU A 508 -37.40 16.85 27.12
N GLY A 509 -37.77 16.44 28.33
CA GLY A 509 -36.97 15.46 29.04
C GLY A 509 -36.76 14.18 28.25
N GLY A 510 -37.81 13.71 27.57
CA GLY A 510 -37.74 12.47 26.84
C GLY A 510 -36.86 12.51 25.61
N LEU A 511 -36.55 13.70 25.10
CA LEU A 511 -35.60 13.84 24.01
C LEU A 511 -34.15 13.95 24.49
N GLY A 512 -33.88 13.59 25.74
CA GLY A 512 -32.53 13.58 26.27
C GLY A 512 -31.94 14.96 26.47
N GLU A 513 -32.78 15.96 26.76
CA GLU A 513 -32.36 17.35 26.85
C GLU A 513 -32.59 17.84 28.27
N ARG A 514 -31.79 18.84 28.68
CA ARG A 514 -31.94 19.48 29.97
C ARG A 514 -32.84 20.70 29.81
N VAL A 515 -33.79 20.89 30.76
CA VAL A 515 -34.84 21.90 30.62
C VAL A 515 -34.73 22.94 31.72
N LEU A 516 -35.02 24.19 31.36
CA LEU A 516 -35.04 25.31 32.27
C LEU A 516 -36.32 26.09 32.07
N GLY A 517 -36.99 26.43 33.17
CA GLY A 517 -38.07 27.39 33.13
C GLY A 517 -37.55 28.82 33.29
N PHE A 518 -38.31 29.75 32.71
CA PHE A 518 -37.98 31.18 32.70
C PHE A 518 -39.22 32.01 33.03
N CYS A 519 -39.14 32.88 34.03
CA CYS A 519 -40.28 33.71 34.39
C CYS A 519 -39.87 35.18 34.59
N GLN A 520 -40.92 35.98 34.77
CA GLN A 520 -40.92 37.42 34.67
C GLN A 520 -41.77 38.02 35.79
N LEU A 521 -41.51 39.29 36.07
CA LEU A 521 -42.48 40.08 36.83
C LEU A 521 -42.10 41.51 36.53
N TYR A 522 -43.10 42.36 36.30
CA TYR A 522 -42.86 43.79 36.14
C TYR A 522 -43.34 44.41 37.44
N LEU A 523 -42.47 45.20 38.07
CA LEU A 523 -42.72 45.85 39.35
C LEU A 523 -42.99 47.33 39.09
N SER A 524 -44.16 47.80 39.53
CA SER A 524 -44.62 49.16 39.29
C SER A 524 -43.87 50.17 40.15
N GLU A 525 -43.94 51.43 39.72
CA GLU A 525 -43.37 52.53 40.48
C GLU A 525 -44.18 52.83 41.74
N LYS A 526 -45.48 52.51 41.73
CA LYS A 526 -46.34 52.80 42.88
C LYS A 526 -45.98 51.95 44.09
N ASP A 527 -45.26 50.84 43.91
CA ASP A 527 -44.72 50.10 45.04
C ASP A 527 -43.20 50.10 45.09
N TYR A 528 -42.55 50.44 43.98
CA TYR A 528 -41.09 50.35 43.86
C TYR A 528 -40.64 51.57 43.08
N PRO A 529 -40.37 52.68 43.77
CA PRO A 529 -39.97 53.94 43.08
C PRO A 529 -38.74 53.76 42.20
N PRO A 530 -38.43 54.74 41.34
CA PRO A 530 -37.28 54.59 40.42
C PRO A 530 -35.94 54.42 41.10
N GLY A 531 -35.81 54.73 42.39
CA GLY A 531 -34.53 54.52 43.06
C GLY A 531 -34.62 53.54 44.21
N TYR A 532 -35.61 52.65 44.16
CA TYR A 532 -35.89 51.76 45.29
C TYR A 532 -34.66 50.95 45.68
N ALA A 533 -34.49 50.75 46.99
CA ALA A 533 -33.31 50.08 47.53
C ALA A 533 -33.57 48.57 47.60
N PHE A 534 -33.20 47.88 46.53
CA PHE A 534 -33.40 46.43 46.43
C PHE A 534 -32.27 45.73 47.16
N ASP A 535 -32.58 45.12 48.31
CA ASP A 535 -31.55 44.45 49.09
C ASP A 535 -31.87 42.96 49.18
N VAL A 536 -30.87 42.15 48.82
CA VAL A 536 -31.08 40.72 48.59
C VAL A 536 -31.42 40.00 49.88
N GLU A 537 -30.70 40.30 50.97
CA GLU A 537 -30.91 39.61 52.22
C GLU A 537 -32.20 40.06 52.91
N ALA A 538 -32.66 41.27 52.58
CA ALA A 538 -33.95 41.71 53.10
C ALA A 538 -35.11 41.04 52.38
N MET A 539 -34.93 40.71 51.10
CA MET A 539 -35.99 40.14 50.28
C MET A 539 -37.18 41.10 50.21
N ASN A 540 -36.89 42.40 50.05
CA ASN A 540 -37.94 43.40 49.94
C ASN A 540 -38.75 43.26 48.66
N PHE A 541 -38.38 42.35 47.77
CA PHE A 541 -39.07 42.08 46.53
C PHE A 541 -39.85 40.77 46.65
N PRO A 542 -40.80 40.49 45.74
CA PRO A 542 -41.76 39.39 46.00
C PRO A 542 -41.24 37.96 45.88
N THR A 543 -40.57 37.61 44.77
CA THR A 543 -40.18 36.23 44.41
C THR A 543 -41.34 35.24 44.43
N SER A 544 -42.56 35.71 44.17
CA SER A 544 -43.66 34.77 43.95
C SER A 544 -44.72 35.43 43.07
N GLY A 545 -45.75 34.64 42.73
CA GLY A 545 -46.80 35.15 41.87
C GLY A 545 -46.25 35.69 40.57
N LEU A 546 -45.22 35.04 40.05
CA LEU A 546 -44.51 35.46 38.86
C LEU A 546 -45.28 35.04 37.61
N CYS A 547 -44.84 35.56 36.49
CA CYS A 547 -45.40 35.27 35.18
C CYS A 547 -44.48 34.29 34.45
N PHE A 548 -44.99 33.12 34.11
CA PHE A 548 -44.18 32.14 33.39
C PHE A 548 -44.08 32.53 31.91
N ALA A 549 -42.87 32.46 31.37
CA ALA A 549 -42.62 32.81 29.97
C ALA A 549 -42.45 31.59 29.09
N GLY A 550 -41.65 30.61 29.50
CA GLY A 550 -41.37 29.50 28.62
C GLY A 550 -40.34 28.53 29.17
N LEU A 551 -40.22 27.40 28.47
CA LEU A 551 -39.16 26.44 28.68
C LEU A 551 -38.13 26.60 27.57
N VAL A 552 -36.85 26.49 27.94
CA VAL A 552 -35.74 26.34 27.00
C VAL A 552 -34.98 25.07 27.37
N SER A 553 -34.69 24.24 26.38
CA SER A 553 -33.97 23.00 26.64
C SER A 553 -32.76 22.91 25.73
N MET A 554 -31.81 22.06 26.11
CA MET A 554 -30.50 22.08 25.50
C MET A 554 -29.96 20.66 25.35
N ILE A 555 -29.05 20.49 24.39
CA ILE A 555 -28.45 19.18 24.13
C ILE A 555 -27.12 19.39 23.40
N ASP A 556 -26.25 18.40 23.53
CA ASP A 556 -25.07 18.27 22.66
C ASP A 556 -25.54 17.88 21.25
N PRO A 557 -25.52 18.79 20.28
CA PRO A 557 -26.16 18.51 18.99
C PRO A 557 -25.20 17.89 18.00
N PRO A 558 -25.71 17.25 16.96
CA PRO A 558 -24.83 16.68 15.93
C PRO A 558 -24.04 17.77 15.23
N ARG A 559 -22.79 17.46 14.86
CA ARG A 559 -22.11 18.29 13.88
C ARG A 559 -22.91 18.33 12.59
N ALA A 560 -22.85 19.46 11.88
CA ALA A 560 -23.79 19.69 10.79
C ALA A 560 -23.72 18.59 9.74
N THR A 561 -22.51 18.18 9.35
CA THR A 561 -22.37 17.27 8.22
C THR A 561 -22.56 15.80 8.60
N VAL A 562 -22.86 15.50 9.85
CA VAL A 562 -22.84 14.13 10.34
C VAL A 562 -24.08 13.35 9.89
N PRO A 563 -25.30 13.86 10.00
CA PRO A 563 -26.48 13.02 9.64
C PRO A 563 -26.51 12.54 8.19
N ASP A 564 -26.14 13.40 7.24
CA ASP A 564 -26.05 12.96 5.85
C ASP A 564 -24.91 11.95 5.65
N ALA A 565 -23.75 12.19 6.26
CA ALA A 565 -22.68 11.19 6.20
C ALA A 565 -23.17 9.81 6.65
N VAL A 566 -23.97 9.77 7.72
CA VAL A 566 -24.44 8.50 8.26
C VAL A 566 -25.42 7.82 7.30
N LEU A 567 -26.35 8.59 6.73
CA LEU A 567 -27.22 7.95 5.74
C LEU A 567 -26.41 7.49 4.53
N LYS A 568 -25.32 8.17 4.22
CA LYS A 568 -24.54 7.79 3.05
C LYS A 568 -23.84 6.46 3.27
N CYS A 569 -23.14 6.34 4.41
CA CYS A 569 -22.57 5.06 4.79
C CYS A 569 -23.61 3.95 4.77
N ARG A 570 -24.82 4.22 5.27
CA ARG A 570 -25.82 3.16 5.28
C ARG A 570 -26.23 2.78 3.86
N THR A 571 -26.28 3.76 2.96
CA THR A 571 -26.56 3.48 1.55
C THR A 571 -25.46 2.63 0.93
N ALA A 572 -24.22 2.80 1.40
CA ALA A 572 -23.14 1.95 0.90
C ALA A 572 -23.11 0.59 1.58
N GLY A 573 -24.17 0.20 2.29
CA GLY A 573 -24.25 -1.15 2.83
C GLY A 573 -23.47 -1.33 4.10
N ILE A 574 -23.01 -0.24 4.70
CA ILE A 574 -22.27 -0.26 5.95
C ILE A 574 -23.27 -0.12 7.08
N ARG A 575 -23.18 -1.00 8.06
CA ARG A 575 -23.94 -0.82 9.28
C ARG A 575 -23.30 0.28 10.11
N VAL A 576 -24.11 1.03 10.86
CA VAL A 576 -23.61 2.04 11.77
C VAL A 576 -24.18 1.79 13.18
N ILE A 577 -23.30 1.69 14.14
CA ILE A 577 -23.67 1.41 15.53
C ILE A 577 -23.20 2.60 16.34
N MET A 578 -24.00 3.03 17.29
CA MET A 578 -23.54 4.03 18.24
C MET A 578 -22.97 3.35 19.48
N VAL A 579 -21.78 3.80 19.90
CA VAL A 579 -21.13 3.27 21.11
C VAL A 579 -20.67 4.46 21.95
N THR A 580 -21.48 4.83 22.95
CA THR A 580 -21.26 6.03 23.74
C THR A 580 -21.24 5.70 25.24
N GLY A 581 -20.44 6.49 25.99
CA GLY A 581 -20.50 6.37 27.44
C GLY A 581 -21.56 7.23 28.09
N ASP A 582 -22.24 8.03 27.27
CA ASP A 582 -23.28 8.94 27.73
C ASP A 582 -24.54 8.16 28.12
N HIS A 583 -25.48 8.89 28.64
CA HIS A 583 -26.67 8.27 29.18
C HIS A 583 -27.65 7.88 28.06
N PRO A 584 -28.44 6.81 28.28
CA PRO A 584 -29.15 6.17 27.16
C PRO A 584 -30.17 7.03 26.46
N ILE A 585 -30.92 7.85 27.21
CA ILE A 585 -32.00 8.64 26.61
C ILE A 585 -31.42 9.64 25.61
N THR A 586 -30.38 10.39 26.03
CA THR A 586 -29.65 11.26 25.10
C THR A 586 -29.07 10.47 23.94
N ALA A 587 -28.47 9.29 24.23
CA ALA A 587 -27.91 8.45 23.18
C ALA A 587 -28.93 8.18 22.10
N LYS A 588 -30.13 7.76 22.51
CA LYS A 588 -31.17 7.38 21.56
C LYS A 588 -31.68 8.59 20.80
N ALA A 589 -31.83 9.73 21.48
CA ALA A 589 -32.29 10.91 20.78
C ALA A 589 -31.31 11.32 19.69
N ILE A 590 -30.01 11.32 20.01
CA ILE A 590 -29.01 11.69 19.00
C ILE A 590 -28.95 10.63 17.89
N ALA A 591 -29.10 9.35 18.26
CA ALA A 591 -29.13 8.28 17.27
C ALA A 591 -30.24 8.52 16.26
N ALA A 592 -31.40 8.89 16.75
CA ALA A 592 -32.53 9.15 15.86
C ALA A 592 -32.26 10.38 15.01
N SER A 593 -31.70 11.43 15.63
CA SER A 593 -31.45 12.69 14.94
C SER A 593 -30.47 12.52 13.80
N VAL A 594 -29.46 11.67 14.02
CA VAL A 594 -28.37 11.53 13.07
C VAL A 594 -28.61 10.43 12.06
N GLY A 595 -29.70 9.69 12.18
CA GLY A 595 -30.02 8.66 11.22
C GLY A 595 -29.51 7.27 11.55
N ILE A 596 -28.93 7.06 12.73
CA ILE A 596 -28.61 5.71 13.13
C ILE A 596 -29.91 4.94 13.40
N ILE A 597 -30.95 5.65 13.88
CA ILE A 597 -32.30 5.11 14.04
C ILE A 597 -33.23 5.81 13.06
N SER A 598 -33.88 5.02 12.20
CA SER A 598 -34.68 5.55 11.11
C SER A 598 -36.05 5.99 11.61
N GLU A 599 -36.65 6.95 10.91
CA GLU A 599 -38.02 7.35 11.22
C GLU A 599 -38.93 6.13 11.11
N GLY A 600 -39.68 5.86 12.19
CA GLY A 600 -40.50 4.68 12.28
C GLY A 600 -39.88 3.49 13.01
N SER A 601 -38.55 3.40 13.10
CA SER A 601 -37.95 2.34 13.89
C SER A 601 -38.40 2.42 15.34
N GLU A 602 -38.66 1.25 15.95
CA GLU A 602 -39.07 1.15 17.34
C GLU A 602 -38.19 0.17 18.09
N THR A 603 -37.91 0.48 19.34
CA THR A 603 -37.30 -0.51 20.20
C THR A 603 -38.36 -1.42 20.78
N VAL A 604 -37.93 -2.38 21.61
CA VAL A 604 -38.90 -3.24 22.27
C VAL A 604 -39.73 -2.43 23.26
N GLU A 605 -39.08 -1.52 23.99
CA GLU A 605 -39.80 -0.64 24.90
C GLU A 605 -40.70 0.33 24.15
N ASP A 606 -40.26 0.80 22.98
CA ASP A 606 -41.11 1.63 22.12
C ASP A 606 -42.42 0.92 21.81
N ILE A 607 -42.34 -0.31 21.30
CA ILE A 607 -43.54 -1.08 20.97
C ILE A 607 -44.39 -1.32 22.22
N ALA A 608 -43.74 -1.72 23.32
CA ALA A 608 -44.49 -1.94 24.55
C ALA A 608 -45.31 -0.71 24.92
N ALA A 609 -44.74 0.49 24.78
CA ALA A 609 -45.49 1.70 25.12
C ALA A 609 -46.60 1.97 24.11
N ARG A 610 -46.36 1.70 22.83
CA ARG A 610 -47.40 1.94 21.83
C ARG A 610 -48.62 1.05 22.07
N LEU A 611 -48.40 -0.19 22.48
CA LEU A 611 -49.51 -1.11 22.67
C LEU A 611 -49.98 -1.18 24.12
N ARG A 612 -49.41 -0.38 25.02
CA ARG A 612 -49.76 -0.43 26.44
C ARG A 612 -49.66 -1.86 27.00
N VAL A 613 -48.77 -2.66 26.41
CA VAL A 613 -48.56 -4.06 26.77
C VAL A 613 -47.18 -4.18 27.43
N PRO A 614 -46.99 -5.09 28.41
CA PRO A 614 -45.66 -5.30 29.00
C PRO A 614 -44.56 -5.56 27.98
N VAL A 615 -43.32 -5.28 28.41
CA VAL A 615 -42.14 -5.59 27.62
C VAL A 615 -42.00 -7.10 27.44
N ASP A 616 -42.50 -7.88 28.40
CA ASP A 616 -42.39 -9.33 28.36
C ASP A 616 -42.91 -9.90 27.05
N GLN A 617 -43.97 -9.30 26.52
CA GLN A 617 -44.78 -9.87 25.46
C GLN A 617 -44.49 -9.23 24.09
N VAL A 618 -43.55 -8.31 24.00
CA VAL A 618 -43.16 -7.75 22.71
C VAL A 618 -42.29 -8.76 22.00
N ASN A 619 -42.62 -9.02 20.74
CA ASN A 619 -41.92 -9.99 19.91
C ASN A 619 -40.61 -9.37 19.43
N ARG A 620 -39.47 -9.92 19.88
CA ARG A 620 -38.20 -9.20 19.79
C ARG A 620 -37.86 -8.80 18.37
N LYS A 621 -38.22 -9.62 17.37
CA LYS A 621 -37.82 -9.23 16.02
C LYS A 621 -38.74 -8.15 15.46
N ASP A 622 -39.84 -7.83 16.14
CA ASP A 622 -40.64 -6.72 15.65
C ASP A 622 -40.01 -5.35 15.91
N ALA A 623 -38.91 -5.29 16.65
CA ALA A 623 -38.25 -4.02 16.96
C ALA A 623 -37.01 -3.88 16.09
N ARG A 624 -37.01 -2.88 15.21
CA ARG A 624 -35.84 -2.64 14.36
C ARG A 624 -34.69 -2.03 15.15
N ALA A 625 -34.99 -1.20 16.15
CA ALA A 625 -33.98 -0.48 16.91
C ALA A 625 -33.82 -1.11 18.30
N CYS A 626 -32.71 -0.76 18.94
CA CYS A 626 -32.37 -1.36 20.24
C CYS A 626 -31.39 -0.46 20.98
N VAL A 627 -31.60 -0.27 22.28
CA VAL A 627 -30.69 0.52 23.12
C VAL A 627 -30.30 -0.34 24.33
N ILE A 628 -29.06 -0.83 24.34
CA ILE A 628 -28.49 -1.58 25.48
C ILE A 628 -27.51 -0.70 26.26
N ASN A 629 -27.68 -0.65 27.57
CA ASN A 629 -26.75 0.11 28.41
C ASN A 629 -25.63 -0.77 28.96
N GLY A 630 -24.60 -0.09 29.53
CA GLY A 630 -23.40 -0.78 29.97
C GLY A 630 -23.64 -1.85 31.02
N MET A 631 -24.63 -1.62 31.91
CA MET A 631 -24.98 -2.61 32.92
C MET A 631 -25.62 -3.84 32.27
N GLN A 632 -26.66 -3.62 31.47
CA GLN A 632 -27.24 -4.70 30.68
C GLN A 632 -26.14 -5.47 29.98
N LEU A 633 -25.21 -4.75 29.34
CA LEU A 633 -24.18 -5.39 28.54
C LEU A 633 -23.23 -6.20 29.40
N LYS A 634 -22.94 -5.70 30.59
CA LYS A 634 -22.15 -6.47 31.55
C LYS A 634 -22.87 -7.75 31.91
N ASP A 635 -24.19 -7.72 31.94
CA ASP A 635 -24.99 -8.88 32.30
C ASP A 635 -25.10 -9.93 31.18
N MET A 636 -24.90 -9.55 29.92
CA MET A 636 -25.20 -10.46 28.83
C MET A 636 -24.10 -11.52 28.66
N ASP A 637 -24.48 -12.59 28.00
CA ASP A 637 -23.56 -13.58 27.50
C ASP A 637 -23.12 -13.19 26.11
N PRO A 638 -21.98 -13.70 25.64
CA PRO A 638 -21.57 -13.38 24.26
C PRO A 638 -22.60 -13.79 23.23
N SER A 639 -23.21 -14.96 23.42
CA SER A 639 -24.27 -15.38 22.52
C SER A 639 -25.41 -14.37 22.50
N GLU A 640 -25.75 -13.81 23.67
CA GLU A 640 -26.84 -12.84 23.73
C GLU A 640 -26.48 -11.54 23.00
N LEU A 641 -25.24 -11.09 23.15
CA LEU A 641 -24.83 -9.91 22.40
C LEU A 641 -24.91 -10.17 20.91
N VAL A 642 -24.55 -11.40 20.49
CA VAL A 642 -24.65 -11.77 19.09
C VAL A 642 -26.10 -11.78 18.63
N GLU A 643 -27.00 -12.36 19.43
CA GLU A 643 -28.38 -12.43 18.97
C GLU A 643 -29.01 -11.06 18.94
N ALA A 644 -28.56 -10.15 19.79
CA ALA A 644 -29.02 -8.76 19.71
C ALA A 644 -28.56 -8.12 18.43
N LEU A 645 -27.25 -8.19 18.16
CA LEU A 645 -26.69 -7.61 16.94
C LEU A 645 -27.36 -8.16 15.69
N ARG A 646 -27.70 -9.46 15.69
CA ARG A 646 -28.36 -10.04 14.53
C ARG A 646 -29.81 -9.60 14.43
N THR A 647 -30.48 -9.45 15.57
CA THR A 647 -31.92 -9.19 15.59
C THR A 647 -32.29 -7.74 15.27
N HIS A 648 -31.50 -6.75 15.70
CA HIS A 648 -31.90 -5.36 15.51
C HIS A 648 -30.88 -4.60 14.68
N PRO A 649 -31.16 -4.33 13.40
CA PRO A 649 -30.18 -3.61 12.57
C PRO A 649 -29.79 -2.22 13.08
N GLU A 650 -30.59 -1.58 13.91
CA GLU A 650 -30.30 -0.22 14.35
C GLU A 650 -29.99 -0.26 15.84
N MET A 651 -28.70 -0.18 16.18
CA MET A 651 -28.19 -0.61 17.48
C MET A 651 -27.47 0.51 18.22
N VAL A 652 -27.85 0.75 19.48
CA VAL A 652 -27.27 1.81 20.27
C VAL A 652 -26.77 1.21 21.57
N PHE A 653 -25.49 1.34 21.81
CA PHE A 653 -24.87 0.90 23.05
C PHE A 653 -24.58 2.18 23.84
N ALA A 654 -25.29 2.38 24.93
CA ALA A 654 -25.11 3.60 25.69
C ALA A 654 -24.49 3.26 27.03
N ARG A 655 -23.85 4.27 27.62
CA ARG A 655 -23.24 4.18 28.93
C ARG A 655 -22.32 2.97 29.02
N THR A 656 -21.37 2.91 28.07
CA THR A 656 -20.40 1.83 27.95
C THR A 656 -19.03 2.28 28.45
N SER A 657 -18.28 1.34 28.96
CA SER A 657 -16.91 1.57 29.41
C SER A 657 -15.96 1.39 28.22
N PRO A 658 -14.73 1.91 28.33
CA PRO A 658 -13.71 1.66 27.27
C PRO A 658 -13.54 0.19 26.85
N GLN A 659 -13.43 -0.72 27.83
CA GLN A 659 -13.34 -2.14 27.50
C GLN A 659 -14.61 -2.61 26.78
N GLN A 660 -15.77 -2.10 27.17
CA GLN A 660 -17.01 -2.53 26.54
C GLN A 660 -17.08 -2.10 25.08
N LYS A 661 -16.55 -0.91 24.77
CA LYS A 661 -16.44 -0.51 23.38
C LYS A 661 -15.61 -1.52 22.59
N LEU A 662 -14.42 -1.84 23.12
CA LEU A 662 -13.60 -2.85 22.45
C LEU A 662 -14.35 -4.17 22.27
N VAL A 663 -15.16 -4.55 23.27
CA VAL A 663 -15.85 -5.84 23.23
C VAL A 663 -16.91 -5.85 22.13
N ILE A 664 -17.61 -4.71 21.96
CA ILE A 664 -18.57 -4.60 20.86
C ILE A 664 -17.87 -4.71 19.51
N VAL A 665 -16.79 -3.95 19.34
CA VAL A 665 -16.03 -3.96 18.10
C VAL A 665 -15.60 -5.38 17.75
N GLU A 666 -15.06 -6.09 18.74
CA GLU A 666 -14.55 -7.41 18.43
C GLU A 666 -15.67 -8.42 18.24
N SER A 667 -16.83 -8.20 18.86
CA SER A 667 -17.95 -9.09 18.58
C SER A 667 -18.37 -8.97 17.12
N CYS A 668 -18.44 -7.74 16.62
CA CYS A 668 -18.68 -7.56 15.19
C CYS A 668 -17.62 -8.25 14.38
N GLN A 669 -16.34 -8.04 14.74
CA GLN A 669 -15.26 -8.65 13.98
C GLN A 669 -15.41 -10.16 13.92
N ARG A 670 -15.69 -10.79 15.05
CA ARG A 670 -15.79 -12.24 15.08
C ARG A 670 -16.96 -12.70 14.23
N LEU A 671 -18.03 -11.90 14.15
CA LEU A 671 -19.07 -12.26 13.18
C LEU A 671 -18.64 -12.07 11.67
N GLY A 672 -17.39 -11.74 11.35
CA GLY A 672 -16.98 -11.52 9.97
C GLY A 672 -16.96 -10.07 9.52
N ALA A 673 -17.24 -9.12 10.38
CA ALA A 673 -17.24 -7.73 9.96
C ALA A 673 -15.82 -7.18 9.90
N ILE A 674 -15.59 -6.32 8.91
CA ILE A 674 -14.46 -5.41 8.92
C ILE A 674 -14.93 -4.11 9.55
N VAL A 675 -14.36 -3.76 10.71
CA VAL A 675 -14.94 -2.73 11.57
C VAL A 675 -14.04 -1.50 11.58
N ALA A 676 -14.67 -0.35 11.43
CA ALA A 676 -14.06 0.95 11.63
C ALA A 676 -14.67 1.58 12.88
N VAL A 677 -13.88 2.41 13.53
CA VAL A 677 -14.27 3.04 14.78
C VAL A 677 -13.93 4.52 14.67
N THR A 678 -14.91 5.37 14.92
CA THR A 678 -14.71 6.82 14.86
C THR A 678 -14.91 7.36 16.26
N GLY A 679 -13.87 7.97 16.80
CA GLY A 679 -13.97 8.56 18.12
C GLY A 679 -13.11 9.79 18.31
N ASP A 680 -12.98 10.24 19.57
CA ASP A 680 -12.23 11.45 19.88
C ASP A 680 -11.61 11.43 21.27
N GLY A 681 -11.94 10.41 22.08
CA GLY A 681 -11.56 10.47 23.47
C GLY A 681 -10.72 9.36 24.07
N VAL A 682 -10.11 9.64 25.22
CA VAL A 682 -9.30 8.61 25.87
C VAL A 682 -10.12 7.34 26.01
N ASN A 683 -11.40 7.48 26.34
CA ASN A 683 -12.28 6.32 26.48
C ASN A 683 -12.47 5.57 25.15
N ASP A 684 -12.08 6.14 24.00
CA ASP A 684 -12.17 5.41 22.73
C ASP A 684 -10.90 4.67 22.35
N SER A 685 -9.74 5.02 22.91
CA SER A 685 -8.49 4.44 22.43
C SER A 685 -8.48 2.91 22.35
N PRO A 686 -8.98 2.15 23.34
CA PRO A 686 -8.97 0.68 23.15
C PRO A 686 -9.79 0.23 21.95
N ALA A 687 -11.02 0.74 21.77
CA ALA A 687 -11.78 0.36 20.58
C ALA A 687 -11.09 0.81 19.30
N LEU A 688 -10.40 1.96 19.33
CA LEU A 688 -9.71 2.43 18.15
C LEU A 688 -8.62 1.44 17.72
N LYS A 689 -7.77 1.04 18.68
CA LYS A 689 -6.70 0.10 18.37
C LYS A 689 -7.28 -1.21 17.81
N LYS A 690 -8.40 -1.66 18.36
CA LYS A 690 -8.88 -3.00 18.05
C LYS A 690 -9.63 -3.02 16.74
N ALA A 691 -10.09 -1.86 16.28
CA ALA A 691 -10.79 -1.75 15.01
C ALA A 691 -9.85 -2.05 13.86
N ASP A 692 -10.42 -2.60 12.78
CA ASP A 692 -9.62 -2.73 11.57
C ASP A 692 -9.17 -1.36 11.05
N ILE A 693 -9.93 -0.31 11.32
CA ILE A 693 -9.37 1.02 11.13
C ILE A 693 -9.99 1.95 12.15
N GLY A 694 -9.14 2.80 12.75
CA GLY A 694 -9.57 3.80 13.72
C GLY A 694 -9.35 5.22 13.25
N VAL A 695 -10.44 6.00 13.24
CA VAL A 695 -10.47 7.38 12.82
C VAL A 695 -10.70 8.27 14.05
N ALA A 696 -9.74 9.16 14.32
CA ALA A 696 -9.86 10.14 15.39
C ALA A 696 -10.22 11.50 14.82
N MET A 697 -11.00 12.27 15.60
CA MET A 697 -11.21 13.67 15.23
C MET A 697 -9.92 14.46 15.44
N GLY A 698 -9.56 15.28 14.43
CA GLY A 698 -8.30 16.00 14.51
C GLY A 698 -8.31 17.15 15.50
N ILE A 699 -9.40 17.91 15.56
CA ILE A 699 -9.49 19.07 16.45
C ILE A 699 -10.05 18.68 17.82
N ALA A 700 -11.17 17.97 17.84
CA ALA A 700 -11.76 17.59 19.12
C ALA A 700 -11.04 16.42 19.77
N GLY A 701 -10.17 15.73 19.04
CA GLY A 701 -9.64 14.47 19.53
C GLY A 701 -8.60 14.72 20.62
N SER A 702 -8.58 13.81 21.60
CA SER A 702 -7.55 13.82 22.61
C SER A 702 -6.33 13.05 22.07
N ASP A 703 -5.19 13.24 22.72
CA ASP A 703 -3.98 12.62 22.19
C ASP A 703 -4.07 11.10 22.17
N ALA A 704 -4.54 10.49 23.25
CA ALA A 704 -4.65 9.03 23.22
C ALA A 704 -5.48 8.59 22.02
N ALA A 705 -6.57 9.31 21.71
CA ALA A 705 -7.42 8.93 20.60
C ALA A 705 -6.65 9.00 19.28
N LYS A 706 -5.95 10.11 19.06
CA LYS A 706 -5.21 10.29 17.82
C LYS A 706 -4.09 9.27 17.69
N ASN A 707 -3.33 9.04 18.77
CA ASN A 707 -2.24 8.07 18.69
C ASN A 707 -2.76 6.69 18.35
N ALA A 708 -3.83 6.25 19.04
CA ALA A 708 -4.38 4.94 18.73
C ALA A 708 -4.98 4.88 17.33
N ALA A 709 -5.29 6.02 16.72
CA ALA A 709 -5.99 5.99 15.46
C ALA A 709 -5.03 5.66 14.33
N ASP A 710 -5.60 5.20 13.22
CA ASP A 710 -4.84 5.06 11.99
C ASP A 710 -5.12 6.16 11.00
N MET A 711 -6.22 6.90 11.18
CA MET A 711 -6.60 8.03 10.33
C MET A 711 -7.08 9.17 11.21
N ILE A 712 -6.72 10.40 10.83
CA ILE A 712 -7.12 11.61 11.54
C ILE A 712 -7.90 12.51 10.60
N LEU A 713 -9.02 13.07 11.08
CA LEU A 713 -9.83 14.00 10.29
C LEU A 713 -9.45 15.41 10.73
N LEU A 714 -8.62 16.09 9.92
CA LEU A 714 -7.95 17.30 10.38
C LEU A 714 -8.93 18.45 10.62
N ASP A 715 -10.08 18.46 9.95
CA ASP A 715 -11.06 19.52 10.13
C ASP A 715 -12.30 19.06 10.88
N ASP A 716 -12.30 17.81 11.36
CA ASP A 716 -13.41 17.23 12.12
C ASP A 716 -14.66 17.03 11.27
N ASN A 717 -14.51 16.89 9.95
CA ASN A 717 -15.66 16.81 9.06
C ASN A 717 -16.00 15.34 8.87
N PHE A 718 -16.98 14.86 9.64
CA PHE A 718 -17.30 13.44 9.66
C PHE A 718 -17.62 12.91 8.27
N ALA A 719 -18.10 13.79 7.38
CA ALA A 719 -18.36 13.43 5.99
C ALA A 719 -17.12 12.87 5.30
N SER A 720 -15.92 13.25 5.76
CA SER A 720 -14.69 12.67 5.24
C SER A 720 -14.72 11.15 5.27
N ILE A 721 -15.41 10.56 6.26
CA ILE A 721 -15.56 9.10 6.27
C ILE A 721 -16.18 8.64 4.96
N VAL A 722 -17.14 9.39 4.41
CA VAL A 722 -17.74 8.94 3.16
C VAL A 722 -16.75 9.03 2.02
N THR A 723 -15.94 10.09 1.96
CA THR A 723 -14.83 10.15 1.02
C THR A 723 -13.97 8.89 1.12
N GLY A 724 -13.58 8.55 2.35
CA GLY A 724 -12.74 7.39 2.58
C GLY A 724 -13.34 6.10 2.05
N VAL A 725 -14.64 5.89 2.24
CA VAL A 725 -15.28 4.69 1.72
C VAL A 725 -15.08 4.61 0.20
N GLU A 726 -15.30 5.73 -0.50
CA GLU A 726 -15.20 5.72 -1.95
C GLU A 726 -13.77 5.45 -2.40
N GLN A 727 -12.80 6.17 -1.82
CA GLN A 727 -11.41 5.98 -2.26
C GLN A 727 -10.93 4.57 -1.99
N GLY A 728 -11.29 4.00 -0.84
CA GLY A 728 -10.93 2.63 -0.55
C GLY A 728 -11.52 1.64 -1.56
N ARG A 729 -12.80 1.82 -1.89
CA ARG A 729 -13.39 0.94 -2.92
C ARG A 729 -12.74 1.17 -4.28
N LEU A 730 -12.37 2.41 -4.58
CA LEU A 730 -11.65 2.70 -5.81
C LEU A 730 -10.26 2.07 -5.82
N ILE A 731 -9.46 2.32 -4.78
CA ILE A 731 -8.08 1.86 -4.80
C ILE A 731 -8.02 0.35 -4.85
N PHE A 732 -9.00 -0.32 -4.25
CA PHE A 732 -9.03 -1.76 -4.34
C PHE A 732 -9.31 -2.21 -5.77
N ASP A 733 -10.35 -1.64 -6.40
CA ASP A 733 -10.68 -2.04 -7.76
C ASP A 733 -9.57 -1.68 -8.74
N ASN A 734 -8.78 -0.66 -8.44
CA ASN A 734 -7.71 -0.27 -9.36
C ASN A 734 -6.43 -1.04 -9.09
N LEU A 735 -6.18 -1.41 -7.83
CA LEU A 735 -5.04 -2.26 -7.53
C LEU A 735 -5.16 -3.58 -8.27
N LYS A 736 -6.37 -4.15 -8.33
CA LYS A 736 -6.46 -5.42 -9.05
C LYS A 736 -6.21 -5.22 -10.53
N LYS A 737 -6.57 -4.06 -11.08
CA LYS A 737 -6.18 -3.68 -12.43
C LYS A 737 -4.66 -3.54 -12.53
N SER A 738 -4.08 -2.68 -11.70
CA SER A 738 -2.63 -2.53 -11.69
C SER A 738 -1.91 -3.89 -11.60
N ILE A 739 -2.30 -4.72 -10.62
CA ILE A 739 -1.61 -5.99 -10.37
C ILE A 739 -1.73 -6.91 -11.57
N ALA A 740 -2.95 -7.03 -12.12
CA ALA A 740 -3.16 -7.92 -13.26
C ALA A 740 -2.24 -7.54 -14.42
N TYR A 741 -2.01 -6.25 -14.62
CA TYR A 741 -1.10 -5.78 -15.66
C TYR A 741 0.34 -6.16 -15.37
N THR A 742 0.74 -6.10 -14.10
CA THR A 742 2.12 -6.41 -13.77
C THR A 742 2.40 -7.91 -13.85
N LEU A 743 1.44 -8.75 -13.46
CA LEU A 743 1.70 -10.19 -13.47
C LEU A 743 1.75 -10.72 -14.89
N THR A 744 0.92 -10.15 -15.78
CA THR A 744 0.77 -10.67 -17.14
C THR A 744 2.11 -10.91 -17.80
N LYS A 745 2.98 -9.90 -17.75
CA LYS A 745 4.26 -9.94 -18.44
C LYS A 745 5.26 -10.91 -17.80
N ASN A 746 4.94 -11.48 -16.63
CA ASN A 746 5.84 -12.47 -16.06
C ASN A 746 5.89 -13.75 -16.90
N ILE A 747 4.82 -14.12 -17.60
CA ILE A 747 4.84 -15.36 -18.36
C ILE A 747 5.73 -15.27 -19.60
N PRO A 748 5.68 -14.21 -20.41
CA PRO A 748 6.69 -14.05 -21.47
C PRO A 748 8.08 -13.67 -20.94
N GLU A 749 8.21 -13.33 -19.67
CA GLU A 749 9.56 -13.36 -19.10
C GLU A 749 10.02 -14.78 -18.82
N LEU A 750 9.09 -15.67 -18.43
CA LEU A 750 9.45 -17.03 -18.03
C LEU A 750 9.69 -17.94 -19.23
N THR A 751 8.73 -18.02 -20.16
CA THR A 751 8.78 -19.02 -21.23
C THR A 751 10.08 -19.01 -22.03
N PRO A 752 10.68 -17.87 -22.38
CA PRO A 752 11.99 -17.93 -23.06
C PRO A 752 13.02 -18.74 -22.29
N TRP A 753 13.01 -18.72 -20.95
CA TRP A 753 13.94 -19.58 -20.23
C TRP A 753 13.53 -21.04 -20.33
N LEU A 754 12.25 -21.33 -20.18
CA LEU A 754 11.79 -22.72 -20.28
C LEU A 754 12.14 -23.32 -21.62
N ILE A 755 12.03 -22.56 -22.71
CA ILE A 755 12.41 -23.08 -24.03
C ILE A 755 13.93 -23.19 -24.12
N TYR A 756 14.64 -22.15 -23.69
CA TYR A 756 16.10 -22.16 -23.67
C TYR A 756 16.67 -23.38 -22.95
N ILE A 757 16.01 -23.81 -21.88
CA ILE A 757 16.47 -24.99 -21.15
C ILE A 757 16.13 -26.26 -21.91
N THR A 758 14.86 -26.45 -22.25
CA THR A 758 14.40 -27.70 -22.83
C THR A 758 14.65 -27.81 -24.33
N VAL A 759 14.87 -26.69 -25.02
CA VAL A 759 15.07 -26.73 -26.46
C VAL A 759 16.46 -26.27 -26.89
N SER A 760 17.20 -25.59 -26.03
CA SER A 760 18.60 -25.23 -26.32
C SER A 760 18.71 -24.37 -27.57
N VAL A 761 17.77 -23.45 -27.72
CA VAL A 761 17.92 -22.38 -28.71
C VAL A 761 18.77 -21.31 -28.04
N PRO A 762 19.44 -20.43 -28.77
CA PRO A 762 20.15 -19.33 -28.11
C PRO A 762 19.20 -18.56 -27.22
N LEU A 763 19.72 -18.08 -26.08
CA LEU A 763 18.91 -17.51 -25.02
C LEU A 763 18.12 -16.30 -25.51
N PRO A 764 16.78 -16.31 -25.42
CA PRO A 764 16.00 -15.20 -26.03
C PRO A 764 15.93 -13.93 -25.19
N LEU A 765 16.04 -14.04 -23.86
CA LEU A 765 15.78 -12.91 -22.97
C LEU A 765 16.66 -13.00 -21.73
N GLY A 766 17.51 -11.98 -21.53
CA GLY A 766 18.43 -12.01 -20.40
C GLY A 766 17.85 -11.45 -19.12
N CYS A 767 18.47 -11.82 -17.99
CA CYS A 767 17.97 -11.38 -16.69
C CYS A 767 18.07 -9.89 -16.40
N ILE A 768 19.11 -9.24 -16.92
CA ILE A 768 19.22 -7.77 -16.85
C ILE A 768 18.01 -7.15 -17.55
N THR A 769 17.66 -7.65 -18.75
CA THR A 769 16.59 -6.93 -19.46
C THR A 769 15.21 -7.25 -18.85
N ILE A 770 15.05 -8.43 -18.26
CA ILE A 770 13.83 -8.69 -17.50
C ILE A 770 13.69 -7.64 -16.41
N LEU A 771 14.72 -7.51 -15.55
CA LEU A 771 14.72 -6.46 -14.55
C LEU A 771 14.38 -5.09 -15.14
N PHE A 772 14.95 -4.75 -16.30
CA PHE A 772 14.63 -3.44 -16.88
C PHE A 772 13.15 -3.28 -17.15
N ILE A 773 12.50 -4.34 -17.63
CA ILE A 773 11.05 -4.30 -17.81
C ILE A 773 10.37 -4.16 -16.46
N GLU A 774 10.68 -5.06 -15.53
CA GLU A 774 9.97 -5.14 -14.27
C GLU A 774 10.12 -3.87 -13.42
N LEU A 775 11.24 -3.16 -13.54
CA LEU A 775 11.57 -2.08 -12.63
C LEU A 775 11.62 -0.74 -13.32
N CYS A 776 11.20 -0.65 -14.56
CA CYS A 776 11.46 0.61 -15.23
C CYS A 776 10.44 0.90 -16.34
N THR A 777 10.41 0.06 -17.37
CA THR A 777 9.57 0.41 -18.51
C THR A 777 8.08 0.17 -18.28
N ASP A 778 7.71 -0.72 -17.37
CA ASP A 778 6.30 -1.01 -17.15
C ASP A 778 5.73 -0.38 -15.89
N ILE A 779 6.58 0.25 -15.08
CA ILE A 779 6.17 0.68 -13.74
C ILE A 779 5.20 1.85 -13.79
N PHE A 780 5.54 2.89 -14.55
CA PHE A 780 4.65 4.04 -14.63
C PHE A 780 3.31 3.66 -15.23
N PRO A 781 3.23 2.89 -16.33
CA PRO A 781 1.91 2.41 -16.77
C PRO A 781 1.12 1.72 -15.68
N SER A 782 1.73 0.80 -14.90
CA SER A 782 0.95 0.08 -13.90
C SER A 782 0.45 1.02 -12.81
N VAL A 783 1.28 1.99 -12.44
CA VAL A 783 0.85 2.98 -11.47
C VAL A 783 -0.29 3.84 -12.01
N SER A 784 -0.28 4.14 -13.31
CA SER A 784 -1.32 5.02 -13.85
C SER A 784 -2.72 4.41 -13.75
N LEU A 785 -2.86 3.09 -13.59
CA LEU A 785 -4.19 2.52 -13.41
C LEU A 785 -4.80 2.88 -12.06
N ALA A 786 -4.02 3.49 -11.16
CA ALA A 786 -4.59 4.05 -9.95
C ALA A 786 -5.62 5.12 -10.27
N TYR A 787 -5.30 6.01 -11.22
CA TYR A 787 -6.23 7.06 -11.61
C TYR A 787 -7.42 6.55 -12.42
N GLU A 788 -7.73 5.25 -12.49
CA GLU A 788 -8.90 4.84 -13.25
C GLU A 788 -10.16 5.15 -12.46
N LYS A 789 -11.11 5.82 -13.11
CA LYS A 789 -12.38 6.12 -12.49
C LYS A 789 -13.20 4.84 -12.29
N ALA A 790 -14.30 4.96 -11.55
CA ALA A 790 -15.11 3.81 -11.22
C ALA A 790 -15.92 3.36 -12.43
N GLU A 791 -16.05 2.05 -12.60
CA GLU A 791 -16.83 1.59 -13.75
C GLU A 791 -18.32 1.63 -13.45
N SER A 792 -18.71 1.22 -12.26
CA SER A 792 -20.09 1.20 -11.80
C SER A 792 -20.30 2.29 -10.74
N ASP A 793 -21.52 2.35 -10.21
CA ASP A 793 -21.91 3.30 -9.17
C ASP A 793 -21.49 2.76 -7.81
N ILE A 794 -20.20 2.94 -7.51
CA ILE A 794 -19.55 2.17 -6.47
C ILE A 794 -20.12 2.46 -5.10
N MET A 795 -20.67 3.65 -4.88
CA MET A 795 -21.18 4.02 -3.57
C MET A 795 -22.62 3.58 -3.32
N HIS A 796 -23.24 2.85 -4.26
CA HIS A 796 -24.49 2.14 -4.00
C HIS A 796 -24.29 0.64 -3.99
N LEU A 797 -23.05 0.18 -3.90
CA LEU A 797 -22.67 -1.22 -3.79
C LEU A 797 -22.47 -1.64 -2.34
N ARG A 798 -22.76 -2.92 -2.06
CA ARG A 798 -22.51 -3.47 -0.74
C ARG A 798 -21.00 -3.57 -0.50
N PRO A 799 -20.56 -3.55 0.76
CA PRO A 799 -19.13 -3.82 1.01
C PRO A 799 -18.81 -5.25 0.58
N ARG A 800 -17.58 -5.43 0.07
CA ARG A 800 -17.14 -6.71 -0.46
C ARG A 800 -17.08 -7.79 0.62
N ASN A 801 -17.45 -9.01 0.23
CA ASN A 801 -17.26 -10.16 1.08
C ASN A 801 -15.77 -10.41 1.24
N PRO A 802 -15.21 -10.28 2.44
CA PRO A 802 -13.74 -10.40 2.58
C PRO A 802 -13.23 -11.80 2.26
N LYS A 803 -14.09 -12.82 2.35
CA LYS A 803 -13.69 -14.21 2.17
C LYS A 803 -13.81 -14.66 0.71
N ARG A 804 -14.60 -13.98 -0.11
CA ARG A 804 -14.85 -14.40 -1.48
C ARG A 804 -14.32 -13.43 -2.53
N ASP A 805 -14.31 -12.14 -2.27
CA ASP A 805 -13.83 -11.15 -3.24
C ASP A 805 -12.43 -10.69 -2.83
N ARG A 806 -11.41 -11.24 -3.48
CA ARG A 806 -10.03 -10.98 -3.14
C ARG A 806 -9.33 -10.15 -4.21
N LEU A 807 -8.20 -9.58 -3.83
CA LEU A 807 -7.44 -8.73 -4.74
C LEU A 807 -7.08 -9.51 -5.99
N VAL A 808 -6.41 -10.65 -5.82
CA VAL A 808 -6.03 -11.55 -6.90
C VAL A 808 -6.67 -12.90 -6.62
N ASN A 809 -7.56 -13.34 -7.50
CA ASN A 809 -8.11 -14.68 -7.43
C ASN A 809 -7.75 -15.44 -8.70
N GLU A 810 -7.98 -16.74 -8.69
CA GLU A 810 -7.52 -17.58 -9.79
C GLU A 810 -8.09 -17.20 -11.15
N PRO A 811 -9.28 -16.61 -11.28
CA PRO A 811 -9.66 -16.05 -12.60
C PRO A 811 -8.71 -14.97 -13.10
N LEU A 812 -8.48 -13.93 -12.29
CA LEU A 812 -7.54 -12.88 -12.67
C LEU A 812 -6.17 -13.46 -13.02
N ALA A 813 -5.63 -14.30 -12.14
CA ALA A 813 -4.35 -14.95 -12.36
C ALA A 813 -4.33 -15.72 -13.67
N ALA A 814 -5.21 -16.72 -13.79
CA ALA A 814 -5.14 -17.64 -14.94
C ALA A 814 -5.33 -16.90 -16.26
N TYR A 815 -6.31 -15.99 -16.34
CA TYR A 815 -6.42 -15.11 -17.49
C TYR A 815 -5.10 -14.37 -17.77
N SER A 816 -4.59 -13.64 -16.77
CA SER A 816 -3.42 -12.80 -16.97
C SER A 816 -2.17 -13.62 -17.32
N TYR A 817 -2.11 -14.87 -16.89
CA TYR A 817 -0.91 -15.68 -17.04
C TYR A 817 -1.00 -16.53 -18.29
N PHE A 818 -2.05 -17.33 -18.38
CA PHE A 818 -2.12 -18.46 -19.27
C PHE A 818 -3.08 -18.20 -20.42
N GLN A 819 -3.48 -16.94 -20.59
CA GLN A 819 -4.14 -16.52 -21.82
C GLN A 819 -3.39 -15.32 -22.39
N ILE A 820 -3.51 -14.16 -21.77
CA ILE A 820 -2.84 -12.99 -22.33
C ILE A 820 -1.34 -13.13 -22.25
N GLY A 821 -0.82 -13.56 -21.09
CA GLY A 821 0.62 -13.80 -20.97
C GLY A 821 1.12 -14.76 -22.03
N ALA A 822 0.30 -15.75 -22.38
CA ALA A 822 0.68 -16.69 -23.43
C ALA A 822 0.71 -16.02 -24.81
N ILE A 823 -0.29 -15.21 -25.12
CA ILE A 823 -0.28 -14.48 -26.38
C ILE A 823 0.99 -13.65 -26.48
N GLN A 824 1.39 -13.04 -25.37
CA GLN A 824 2.58 -12.19 -25.39
C GLN A 824 3.81 -13.02 -25.65
N SER A 825 3.89 -14.21 -25.04
CA SER A 825 5.05 -15.07 -25.27
C SER A 825 5.13 -15.52 -26.72
N PHE A 826 3.98 -15.89 -27.32
CA PHE A 826 3.95 -16.21 -28.75
C PHE A 826 4.47 -15.05 -29.59
N ALA A 827 4.01 -13.83 -29.32
CA ALA A 827 4.58 -12.65 -29.96
C ALA A 827 6.10 -12.61 -29.82
N GLY A 828 6.61 -12.65 -28.58
CA GLY A 828 8.05 -12.63 -28.35
C GLY A 828 8.81 -13.64 -29.19
N PHE A 829 8.32 -14.88 -29.22
CA PHE A 829 9.00 -15.91 -30.00
C PHE A 829 8.90 -15.66 -31.51
N THR A 830 7.74 -15.17 -32.00
CA THR A 830 7.62 -14.81 -33.42
C THR A 830 8.66 -13.77 -33.80
N ASP A 831 8.86 -12.78 -32.94
CA ASP A 831 9.82 -11.74 -33.24
C ASP A 831 11.24 -12.26 -33.18
N TYR A 832 11.52 -13.10 -32.18
CA TYR A 832 12.82 -13.75 -32.05
C TYR A 832 13.19 -14.52 -33.32
N PHE A 833 12.31 -15.42 -33.77
CA PHE A 833 12.62 -16.20 -34.96
C PHE A 833 12.74 -15.30 -36.18
N THR A 834 11.90 -14.27 -36.29
CA THR A 834 12.05 -13.33 -37.39
C THR A 834 13.45 -12.71 -37.40
N ALA A 835 13.94 -12.25 -36.24
CA ALA A 835 15.19 -11.50 -36.23
C ALA A 835 16.38 -12.43 -36.43
N MET A 836 16.29 -13.65 -35.88
CA MET A 836 17.29 -14.67 -36.15
C MET A 836 17.36 -14.98 -37.65
N ALA A 837 16.22 -15.34 -38.25
CA ALA A 837 16.21 -15.73 -39.66
C ALA A 837 16.72 -14.60 -40.53
N GLN A 838 16.22 -13.38 -40.31
CA GLN A 838 16.68 -12.27 -41.11
C GLN A 838 18.17 -12.00 -40.90
N GLU A 839 18.74 -12.45 -39.79
CA GLU A 839 20.17 -12.31 -39.58
C GLU A 839 20.95 -13.57 -39.94
N GLY A 840 20.28 -14.65 -40.33
CA GLY A 840 21.00 -15.77 -40.93
C GLY A 840 20.77 -17.11 -40.29
N TRP A 841 19.95 -17.13 -39.25
CA TRP A 841 19.75 -18.33 -38.43
C TRP A 841 18.31 -18.80 -38.62
N PHE A 842 18.13 -19.87 -39.38
CA PHE A 842 16.79 -20.38 -39.57
C PHE A 842 16.30 -21.07 -38.30
N PRO A 843 14.98 -21.13 -38.09
CA PRO A 843 14.44 -21.72 -36.86
C PRO A 843 14.98 -23.10 -36.55
N LEU A 844 15.05 -23.98 -37.54
CA LEU A 844 15.46 -25.36 -37.26
C LEU A 844 16.93 -25.45 -36.88
N LEU A 845 17.76 -24.50 -37.34
CA LEU A 845 19.15 -24.50 -36.91
C LEU A 845 19.29 -24.08 -35.45
N CYS A 846 18.32 -23.31 -34.93
CA CYS A 846 18.41 -22.79 -33.57
C CYS A 846 18.18 -23.89 -32.53
N VAL A 847 17.31 -24.86 -32.86
CA VAL A 847 17.06 -26.01 -31.99
C VAL A 847 18.36 -26.76 -31.75
N GLY A 848 18.75 -26.87 -30.49
CA GLY A 848 20.02 -27.52 -30.16
C GLY A 848 21.26 -26.70 -30.43
N LEU A 849 21.12 -25.47 -30.95
CA LEU A 849 22.27 -24.63 -31.31
C LEU A 849 23.00 -24.06 -30.10
N ARG A 850 22.40 -24.11 -28.90
CA ARG A 850 22.91 -23.36 -27.75
C ARG A 850 24.36 -23.67 -27.43
N PRO A 851 24.81 -24.94 -27.33
CA PRO A 851 26.21 -25.18 -26.93
C PRO A 851 27.25 -24.58 -27.86
N GLN A 852 27.09 -24.74 -29.19
CA GLN A 852 28.01 -24.05 -30.09
C GLN A 852 27.83 -22.55 -30.02
N TRP A 853 26.59 -22.09 -29.82
CA TRP A 853 26.36 -20.67 -29.65
C TRP A 853 27.22 -20.11 -28.53
N GLU A 854 27.26 -20.79 -27.38
CA GLU A 854 27.83 -20.23 -26.17
C GLU A 854 29.29 -20.66 -25.93
N ASN A 855 29.96 -21.18 -26.97
CA ASN A 855 31.33 -21.71 -26.90
C ASN A 855 32.37 -20.63 -27.25
N HIS A 856 33.22 -20.25 -26.27
CA HIS A 856 34.28 -19.27 -26.53
C HIS A 856 35.47 -19.84 -27.30
N HIS A 857 35.49 -21.14 -27.55
CA HIS A 857 36.51 -21.77 -28.38
C HIS A 857 36.05 -21.90 -29.82
N LEU A 858 34.98 -21.21 -30.21
CA LEU A 858 34.31 -21.47 -31.48
C LEU A 858 34.05 -20.15 -32.17
N GLN A 859 35.04 -19.64 -32.89
CA GLN A 859 34.93 -18.34 -33.54
C GLN A 859 34.50 -18.33 -35.01
N ASP A 860 34.14 -19.49 -35.54
CA ASP A 860 33.70 -19.55 -36.93
C ASP A 860 32.48 -20.45 -37.15
N LEU A 861 31.55 -20.41 -36.21
CA LEU A 861 30.34 -21.21 -36.36
C LEU A 861 29.55 -20.79 -37.59
N GLN A 862 29.03 -21.76 -38.31
CA GLN A 862 28.36 -21.50 -39.57
C GLN A 862 26.87 -21.42 -39.34
N ASP A 863 26.24 -20.42 -40.00
CA ASP A 863 24.82 -20.18 -39.86
C ASP A 863 24.11 -20.86 -41.03
N SER A 864 22.78 -20.67 -41.11
CA SER A 864 22.00 -21.34 -42.15
C SER A 864 22.45 -21.09 -43.58
N TYR A 865 23.19 -20.02 -43.83
CA TYR A 865 23.77 -19.75 -45.14
C TYR A 865 25.22 -20.20 -45.27
N GLY A 866 25.82 -20.76 -44.22
CA GLY A 866 27.24 -21.07 -44.23
C GLY A 866 28.14 -19.93 -43.77
N GLN A 867 27.59 -18.75 -43.51
CA GLN A 867 28.42 -17.67 -43.01
C GLN A 867 29.03 -18.04 -41.67
N GLU A 868 30.23 -17.52 -41.41
CA GLU A 868 30.99 -17.89 -40.21
C GLU A 868 30.99 -16.74 -39.21
N TRP A 869 30.66 -17.07 -37.96
CA TRP A 869 30.41 -16.10 -36.89
C TRP A 869 31.37 -16.31 -35.72
N THR A 870 31.92 -15.21 -35.19
CA THR A 870 32.69 -15.28 -33.95
C THR A 870 31.74 -15.32 -32.76
N PHE A 871 32.30 -15.70 -31.60
CA PHE A 871 31.55 -15.61 -30.36
C PHE A 871 31.02 -14.19 -30.13
N GLY A 872 31.87 -13.18 -30.33
CA GLY A 872 31.43 -11.81 -30.16
C GLY A 872 30.25 -11.45 -31.06
N GLN A 873 30.39 -11.71 -32.36
CA GLN A 873 29.28 -11.48 -33.29
C GLN A 873 28.00 -12.18 -32.83
N ARG A 874 28.13 -13.46 -32.45
CA ARG A 874 26.96 -14.21 -31.98
C ARG A 874 26.39 -13.58 -30.70
N LEU A 875 27.25 -13.04 -29.85
CA LEU A 875 26.75 -12.49 -28.59
C LEU A 875 25.94 -11.25 -28.84
N TYR A 876 26.43 -10.40 -29.74
CA TYR A 876 25.62 -9.24 -30.11
C TYR A 876 24.30 -9.70 -30.71
N GLN A 877 24.33 -10.76 -31.52
CA GLN A 877 23.05 -11.25 -32.06
C GLN A 877 22.12 -11.78 -30.96
N GLN A 878 22.70 -12.37 -29.92
CA GLN A 878 21.90 -12.75 -28.78
C GLN A 878 21.25 -11.52 -28.15
N TYR A 879 22.03 -10.45 -27.95
CA TYR A 879 21.47 -9.21 -27.41
C TYR A 879 20.36 -8.69 -28.27
N THR A 880 20.52 -8.79 -29.60
CA THR A 880 19.44 -8.42 -30.49
C THR A 880 18.20 -9.25 -30.20
N CYS A 881 18.40 -10.54 -29.89
CA CYS A 881 17.27 -11.38 -29.50
C CYS A 881 16.58 -10.84 -28.26
N TYR A 882 17.36 -10.61 -27.19
CA TYR A 882 16.83 -9.98 -25.99
C TYR A 882 15.97 -8.78 -26.36
N THR A 883 16.53 -7.85 -27.14
CA THR A 883 15.83 -6.60 -27.44
C THR A 883 14.54 -6.83 -28.21
N VAL A 884 14.56 -7.75 -29.16
CA VAL A 884 13.34 -7.98 -29.94
C VAL A 884 12.26 -8.64 -29.07
N PHE A 885 12.65 -9.50 -28.12
CA PHE A 885 11.69 -10.05 -27.17
C PHE A 885 11.17 -8.96 -26.22
N PHE A 886 12.07 -8.10 -25.75
CA PHE A 886 11.70 -6.95 -24.92
C PHE A 886 10.68 -6.05 -25.62
N ILE A 887 10.92 -5.72 -26.89
CA ILE A 887 9.97 -4.88 -27.59
C ILE A 887 8.64 -5.61 -27.80
N SER A 888 8.67 -6.91 -28.11
CA SER A 888 7.39 -7.61 -28.21
C SER A 888 6.58 -7.47 -26.92
N ILE A 889 7.26 -7.60 -25.77
CA ILE A 889 6.58 -7.50 -24.48
C ILE A 889 6.10 -6.07 -24.22
N GLU A 890 6.90 -5.06 -24.55
CA GLU A 890 6.47 -3.67 -24.39
C GLU A 890 5.23 -3.36 -25.23
N MET A 891 5.31 -3.68 -26.52
CA MET A 891 4.17 -3.48 -27.39
C MET A 891 2.93 -4.16 -26.85
N CYS A 892 3.08 -5.40 -26.37
CA CYS A 892 1.93 -6.08 -25.78
C CYS A 892 1.51 -5.45 -24.46
N GLN A 893 2.42 -4.81 -23.74
CA GLN A 893 2.01 -4.15 -22.51
C GLN A 893 1.21 -2.88 -22.77
N ILE A 894 1.37 -2.27 -23.94
CA ILE A 894 0.48 -1.16 -24.28
C ILE A 894 -0.97 -1.65 -24.35
N ALA A 895 -1.22 -2.69 -25.12
CA ALA A 895 -2.57 -3.27 -25.16
C ALA A 895 -2.99 -3.75 -23.78
N ASP A 896 -2.05 -4.29 -23.01
CA ASP A 896 -2.37 -4.79 -21.68
C ASP A 896 -2.96 -3.70 -20.82
N VAL A 897 -2.25 -2.57 -20.70
CA VAL A 897 -2.73 -1.47 -19.87
C VAL A 897 -4.08 -0.96 -20.38
N LEU A 898 -4.24 -0.86 -21.71
CA LEU A 898 -5.52 -0.41 -22.25
C LEU A 898 -6.67 -1.33 -21.85
N ILE A 899 -6.48 -2.65 -22.00
CA ILE A 899 -7.60 -3.53 -21.66
C ILE A 899 -7.76 -3.69 -20.14
N ARG A 900 -6.74 -3.42 -19.34
CA ARG A 900 -6.96 -3.43 -17.90
C ARG A 900 -7.63 -2.16 -17.40
N LYS A 901 -7.77 -1.14 -18.25
CA LYS A 901 -8.56 0.04 -17.85
C LYS A 901 -9.97 -0.33 -17.36
N THR A 902 -10.52 -1.45 -17.81
CA THR A 902 -11.89 -1.82 -17.51
C THR A 902 -12.00 -3.32 -17.35
N ARG A 903 -12.55 -3.77 -16.23
CA ARG A 903 -12.87 -5.18 -16.03
C ARG A 903 -14.22 -5.57 -16.60
N ARG A 904 -15.06 -4.61 -17.01
CA ARG A 904 -16.43 -4.94 -17.39
C ARG A 904 -16.88 -4.11 -18.57
N LEU A 905 -16.62 -2.81 -18.52
CA LEU A 905 -17.05 -1.92 -19.58
C LEU A 905 -16.16 -2.05 -20.80
N SER A 906 -16.72 -1.73 -21.96
CA SER A 906 -15.92 -1.72 -23.17
C SER A 906 -15.13 -0.42 -23.27
N ALA A 907 -13.98 -0.50 -23.93
CA ALA A 907 -13.16 0.70 -24.09
C ALA A 907 -13.77 1.68 -25.09
N PHE A 908 -14.82 1.28 -25.80
CA PHE A 908 -15.47 2.17 -26.75
C PHE A 908 -16.44 3.13 -26.06
N GLN A 909 -17.05 2.70 -24.96
CA GLN A 909 -17.84 3.61 -24.13
C GLN A 909 -17.07 4.61 -23.27
N GLN A 910 -16.13 4.10 -22.46
CA GLN A 910 -15.34 4.97 -21.58
C GLN A 910 -14.29 5.70 -22.41
N GLY A 911 -13.90 5.15 -23.56
CA GLY A 911 -12.84 5.74 -24.36
C GLY A 911 -11.46 5.34 -23.88
N PHE A 912 -10.46 5.60 -24.73
CA PHE A 912 -9.08 5.26 -24.39
C PHE A 912 -8.35 6.41 -23.73
N PHE A 913 -8.83 7.65 -23.88
CA PHE A 913 -8.05 8.82 -23.55
C PHE A 913 -8.58 9.57 -22.34
N ARG A 914 -9.64 9.08 -21.69
CA ARG A 914 -10.17 9.74 -20.50
C ARG A 914 -9.11 9.87 -19.41
N ASN A 915 -8.41 8.78 -19.11
CA ASN A 915 -7.32 8.77 -18.13
C ASN A 915 -6.07 9.35 -18.78
N ARG A 916 -5.71 10.59 -18.44
CA ARG A 916 -4.59 11.22 -19.14
C ARG A 916 -3.25 10.81 -18.51
N ILE A 917 -3.24 10.45 -17.23
CA ILE A 917 -2.00 9.97 -16.62
C ILE A 917 -1.55 8.68 -17.31
N LEU A 918 -2.49 7.81 -17.68
CA LEU A 918 -2.15 6.56 -18.35
C LEU A 918 -1.55 6.82 -19.75
N VAL A 919 -2.08 7.81 -20.46
CA VAL A 919 -1.54 8.19 -21.78
C VAL A 919 -0.11 8.71 -21.62
N ILE A 920 0.12 9.60 -20.65
CA ILE A 920 1.48 10.02 -20.35
C ILE A 920 2.36 8.81 -20.01
N ALA A 921 1.79 7.83 -19.29
CA ALA A 921 2.58 6.68 -18.90
C ALA A 921 3.00 5.85 -20.12
N ILE A 922 2.06 5.63 -21.05
CA ILE A 922 2.39 4.92 -22.28
C ILE A 922 3.50 5.64 -23.04
N VAL A 923 3.37 6.97 -23.18
CA VAL A 923 4.35 7.71 -23.96
C VAL A 923 5.72 7.65 -23.29
N PHE A 924 5.75 7.74 -21.96
CA PHE A 924 7.01 7.60 -21.24
C PHE A 924 7.60 6.21 -21.44
N GLN A 925 6.75 5.18 -21.41
CA GLN A 925 7.22 3.80 -21.61
C GLN A 925 7.92 3.66 -22.95
N VAL A 926 7.25 4.08 -24.02
CA VAL A 926 7.84 3.99 -25.36
C VAL A 926 9.11 4.85 -25.47
N CYS A 927 9.13 6.02 -24.83
CA CYS A 927 10.33 6.85 -24.89
C CYS A 927 11.50 6.15 -24.24
N ILE A 928 11.30 5.60 -23.04
CA ILE A 928 12.44 5.03 -22.34
C ILE A 928 12.90 3.79 -23.07
N GLY A 929 11.96 3.08 -23.72
CA GLY A 929 12.36 2.00 -24.60
C GLY A 929 13.27 2.45 -25.73
N CYS A 930 12.84 3.47 -26.48
CA CYS A 930 13.68 4.02 -27.53
C CYS A 930 15.04 4.44 -27.00
N PHE A 931 15.08 5.05 -25.83
CA PHE A 931 16.37 5.41 -25.24
C PHE A 931 17.23 4.17 -25.06
N LEU A 932 16.68 3.13 -24.43
CA LEU A 932 17.45 1.91 -24.21
C LEU A 932 17.96 1.32 -25.52
N CYS A 933 17.15 1.40 -26.58
CA CYS A 933 17.52 0.78 -27.84
C CYS A 933 18.56 1.60 -28.60
N TYR A 934 18.33 2.90 -28.72
CA TYR A 934 19.03 3.71 -29.69
C TYR A 934 19.99 4.72 -29.09
N CYS A 935 20.12 4.80 -27.79
CA CYS A 935 21.20 5.60 -27.23
C CYS A 935 22.51 4.87 -27.47
N PRO A 936 23.53 5.54 -28.00
CA PRO A 936 24.80 4.84 -28.27
C PRO A 936 25.50 4.44 -26.98
N GLY A 937 26.09 3.25 -27.01
CA GLY A 937 26.72 2.64 -25.86
C GLY A 937 25.91 1.52 -25.25
N MET A 938 24.58 1.62 -25.31
CA MET A 938 23.65 0.68 -24.70
C MET A 938 23.96 -0.78 -24.98
N PRO A 939 24.48 -1.13 -26.17
CA PRO A 939 24.85 -2.54 -26.38
C PRO A 939 25.86 -3.07 -25.37
N ASN A 940 26.80 -2.25 -24.92
CA ASN A 940 27.85 -2.74 -24.02
C ASN A 940 27.64 -2.36 -22.56
N ILE A 941 26.54 -1.71 -22.20
CA ILE A 941 26.18 -1.45 -20.81
C ILE A 941 25.01 -2.32 -20.36
N PHE A 942 23.92 -2.28 -21.11
CA PHE A 942 22.70 -2.96 -20.73
C PHE A 942 22.22 -3.99 -21.74
N ASN A 943 22.97 -4.21 -22.83
CA ASN A 943 22.68 -5.28 -23.80
C ASN A 943 21.37 -5.02 -24.55
N PHE A 944 21.25 -3.82 -25.11
CA PHE A 944 20.09 -3.41 -25.89
C PHE A 944 20.58 -3.02 -27.28
N MET A 945 19.78 -3.30 -28.29
CA MET A 945 20.31 -3.18 -29.63
C MET A 945 19.38 -2.31 -30.46
N PRO A 946 19.93 -1.44 -31.30
CA PRO A 946 19.09 -0.63 -32.20
C PRO A 946 18.34 -1.47 -33.20
N ILE A 947 17.25 -2.09 -32.77
CA ILE A 947 16.54 -3.01 -33.64
C ILE A 947 15.93 -2.28 -34.82
N ARG A 948 15.54 -3.05 -35.83
CA ARG A 948 14.95 -2.49 -37.04
C ARG A 948 13.44 -2.36 -36.87
N PHE A 949 12.83 -1.43 -37.63
CA PHE A 949 11.43 -1.10 -37.38
C PHE A 949 10.52 -2.30 -37.61
N GLN A 950 10.91 -3.18 -38.54
CA GLN A 950 10.15 -4.41 -38.78
C GLN A 950 9.89 -5.13 -37.46
N TRP A 951 10.90 -5.25 -36.61
CA TRP A 951 10.73 -5.99 -35.37
C TRP A 951 9.97 -5.21 -34.32
N TRP A 952 9.80 -3.89 -34.49
CA TRP A 952 8.79 -3.19 -33.70
C TRP A 952 7.40 -3.57 -34.14
N LEU A 953 7.20 -3.75 -35.45
CA LEU A 953 5.85 -4.04 -35.92
C LEU A 953 5.46 -5.51 -35.78
N VAL A 954 6.42 -6.42 -35.88
CA VAL A 954 6.10 -7.85 -35.81
C VAL A 954 5.16 -8.19 -34.67
N PRO A 955 5.33 -7.72 -33.43
CA PRO A 955 4.41 -8.10 -32.35
C PRO A 955 3.10 -7.32 -32.32
N MET A 956 2.95 -6.26 -33.10
CA MET A 956 1.73 -5.44 -33.04
C MET A 956 0.45 -6.18 -33.40
N PRO A 957 0.39 -7.01 -34.44
CA PRO A 957 -0.79 -7.89 -34.57
C PRO A 957 -1.14 -8.64 -33.30
N PHE A 958 -0.15 -9.15 -32.54
CA PHE A 958 -0.47 -9.83 -31.28
C PHE A 958 -1.07 -8.87 -30.24
N SER A 959 -0.52 -7.65 -30.13
CA SER A 959 -1.10 -6.66 -29.21
C SER A 959 -2.54 -6.34 -29.57
N LEU A 960 -2.78 -6.02 -30.83
CA LEU A 960 -4.14 -5.78 -31.26
C LEU A 960 -5.01 -7.00 -30.96
N LEU A 961 -4.48 -8.21 -31.17
CA LEU A 961 -5.22 -9.41 -30.85
C LEU A 961 -5.60 -9.45 -29.37
N ILE A 962 -4.71 -8.97 -28.50
CA ILE A 962 -5.04 -8.93 -27.07
C ILE A 962 -6.20 -7.98 -26.84
N PHE A 963 -6.09 -6.76 -27.38
CA PHE A 963 -7.19 -5.81 -27.25
C PHE A 963 -8.51 -6.43 -27.68
N VAL A 964 -8.53 -7.00 -28.88
CA VAL A 964 -9.77 -7.56 -29.42
C VAL A 964 -10.30 -8.69 -28.55
N TYR A 965 -9.41 -9.62 -28.14
CA TYR A 965 -9.82 -10.76 -27.34
C TYR A 965 -10.46 -10.31 -26.04
N ASP A 966 -9.84 -9.35 -25.36
CA ASP A 966 -10.42 -8.90 -24.09
C ASP A 966 -11.71 -8.12 -24.33
N GLU A 967 -11.70 -7.24 -25.34
CA GLU A 967 -12.90 -6.51 -25.74
C GLU A 967 -14.09 -7.44 -25.94
N ILE A 968 -13.88 -8.55 -26.67
CA ILE A 968 -14.96 -9.51 -26.91
C ILE A 968 -15.34 -10.24 -25.63
N ARG A 969 -14.35 -10.64 -24.83
CA ARG A 969 -14.65 -11.30 -23.56
C ARG A 969 -15.57 -10.45 -22.70
N LYS A 970 -15.24 -9.16 -22.59
CA LYS A 970 -16.02 -8.26 -21.75
C LYS A 970 -17.39 -8.00 -22.35
N LEU A 971 -17.48 -7.90 -23.68
CA LEU A 971 -18.79 -7.93 -24.32
C LEU A 971 -19.58 -9.14 -23.86
N GLY A 972 -18.97 -10.32 -23.96
CA GLY A 972 -19.64 -11.54 -23.54
C GLY A 972 -20.17 -11.47 -22.12
N VAL A 973 -19.35 -10.97 -21.18
CA VAL A 973 -19.84 -10.94 -19.80
C VAL A 973 -20.96 -9.92 -19.64
N ARG A 974 -20.94 -8.84 -20.43
CA ARG A 974 -22.06 -7.90 -20.37
C ARG A 974 -23.34 -8.55 -20.90
N CYS A 975 -23.28 -9.17 -22.07
CA CYS A 975 -24.49 -9.68 -22.69
C CYS A 975 -25.02 -10.94 -22.05
N CYS A 976 -24.18 -11.71 -21.37
CA CYS A 976 -24.56 -13.03 -20.83
C CYS A 976 -24.12 -13.14 -19.38
N PRO A 977 -24.75 -12.40 -18.46
CA PRO A 977 -24.30 -12.42 -17.07
C PRO A 977 -24.55 -13.74 -16.36
N GLY A 978 -25.61 -14.46 -16.70
CA GLY A 978 -25.81 -15.78 -16.11
C GLY A 978 -24.91 -16.86 -16.67
N SER A 979 -24.17 -16.56 -17.74
CA SER A 979 -23.58 -17.59 -18.61
C SER A 979 -22.40 -18.27 -17.94
N TRP A 980 -21.99 -19.38 -18.57
CA TRP A 980 -20.66 -19.94 -18.38
C TRP A 980 -19.60 -18.89 -18.64
N TRP A 981 -19.72 -18.20 -19.79
CA TRP A 981 -18.75 -17.18 -20.20
C TRP A 981 -18.54 -16.12 -19.12
N ASP A 982 -19.58 -15.75 -18.39
CA ASP A 982 -19.39 -14.90 -17.22
C ASP A 982 -18.65 -15.65 -16.13
N GLN A 983 -19.22 -16.80 -15.70
CA GLN A 983 -18.79 -17.49 -14.49
C GLN A 983 -17.34 -17.93 -14.52
N GLU A 984 -16.76 -18.07 -15.72
CA GLU A 984 -15.40 -18.57 -15.85
C GLU A 984 -14.42 -17.53 -16.37
N LEU A 985 -14.81 -16.70 -17.34
CA LEU A 985 -13.88 -15.80 -18.00
C LEU A 985 -14.05 -14.34 -17.55
N TYR A 986 -14.75 -14.10 -16.44
CA TYR A 986 -14.71 -12.80 -15.80
C TYR A 986 -13.62 -12.80 -14.73
N TYR A 987 -12.98 -11.65 -14.53
CA TYR A 987 -11.97 -11.52 -13.49
C TYR A 987 -12.13 -10.21 -12.69
N MET B 28 -16.26 -32.13 -4.92
CA MET B 28 -15.65 -32.07 -6.24
C MET B 28 -14.24 -31.46 -6.15
N LEU B 29 -13.38 -31.77 -7.13
CA LEU B 29 -11.95 -31.41 -7.10
C LEU B 29 -11.78 -29.99 -7.65
N GLY B 30 -11.92 -28.99 -6.79
CA GLY B 30 -11.87 -27.61 -7.23
C GLY B 30 -13.15 -27.14 -7.91
N ARG B 31 -13.51 -27.80 -9.01
CA ARG B 31 -14.74 -27.59 -9.78
C ARG B 31 -15.50 -28.92 -9.86
N THR B 32 -16.67 -28.88 -10.49
CA THR B 32 -17.31 -30.12 -10.94
C THR B 32 -16.42 -30.76 -12.01
N LEU B 33 -16.62 -32.06 -12.24
CA LEU B 33 -15.86 -32.75 -13.28
C LEU B 33 -16.28 -32.28 -14.67
N SER B 34 -17.55 -31.96 -14.86
CA SER B 34 -18.01 -31.43 -16.13
C SER B 34 -17.38 -30.05 -16.39
N ARG B 35 -17.37 -29.19 -15.37
CA ARG B 35 -16.76 -27.88 -15.51
C ARG B 35 -15.26 -27.98 -15.78
N TRP B 36 -14.59 -28.93 -15.12
CA TRP B 36 -13.18 -29.16 -15.40
C TRP B 36 -12.97 -29.56 -16.87
N VAL B 37 -13.81 -30.47 -17.38
CA VAL B 37 -13.66 -30.86 -18.78
C VAL B 37 -13.89 -29.67 -19.70
N TRP B 38 -14.89 -28.83 -19.40
CA TRP B 38 -15.20 -27.72 -20.30
C TRP B 38 -14.09 -26.66 -20.29
N ILE B 39 -13.62 -26.27 -19.10
CA ILE B 39 -12.46 -25.40 -19.02
C ILE B 39 -11.27 -25.98 -19.75
N SER B 40 -11.00 -27.28 -19.56
CA SER B 40 -9.84 -27.90 -20.18
C SER B 40 -9.91 -27.82 -21.68
N LEU B 41 -11.06 -28.17 -22.26
CA LEU B 41 -11.19 -28.07 -23.71
C LEU B 41 -11.07 -26.62 -24.18
N TYR B 42 -11.56 -25.65 -23.40
CA TYR B 42 -11.36 -24.27 -23.84
C TYR B 42 -9.88 -23.90 -23.86
N TYR B 43 -9.11 -24.34 -22.87
CA TYR B 43 -7.69 -24.00 -22.88
C TYR B 43 -6.95 -24.76 -23.98
N VAL B 44 -7.37 -26.00 -24.28
CA VAL B 44 -6.74 -26.72 -25.37
C VAL B 44 -7.08 -26.06 -26.71
N ALA B 45 -8.33 -25.65 -26.90
CA ALA B 45 -8.69 -24.87 -28.07
C ALA B 45 -7.84 -23.60 -28.17
N PHE B 46 -7.82 -22.82 -27.10
CA PHE B 46 -7.05 -21.58 -27.08
C PHE B 46 -5.62 -21.84 -27.52
N TYR B 47 -5.01 -22.89 -26.98
CA TYR B 47 -3.60 -23.15 -27.25
C TYR B 47 -3.37 -23.71 -28.65
N VAL B 48 -4.29 -24.53 -29.17
CA VAL B 48 -4.14 -24.97 -30.55
C VAL B 48 -4.26 -23.77 -31.48
N VAL B 49 -5.29 -22.95 -31.30
CA VAL B 49 -5.44 -21.77 -32.15
C VAL B 49 -4.17 -20.91 -32.10
N MET B 50 -3.67 -20.64 -30.89
CA MET B 50 -2.50 -19.77 -30.78
C MET B 50 -1.25 -20.41 -31.37
N SER B 51 -1.06 -21.72 -31.13
CA SER B 51 0.04 -22.45 -31.74
C SER B 51 -0.05 -22.43 -33.25
N GLY B 52 -1.26 -22.56 -33.78
CA GLY B 52 -1.44 -22.53 -35.22
C GLY B 52 -1.11 -21.16 -35.80
N ILE B 53 -1.61 -20.10 -35.15
CA ILE B 53 -1.27 -18.75 -35.59
C ILE B 53 0.24 -18.60 -35.63
N PHE B 54 0.92 -19.10 -34.58
CA PHE B 54 2.37 -19.06 -34.51
C PHE B 54 3.02 -19.80 -35.67
N ALA B 55 2.59 -21.06 -35.88
CA ALA B 55 3.15 -21.89 -36.93
C ALA B 55 3.02 -21.19 -38.27
N LEU B 56 1.87 -20.58 -38.52
CA LEU B 56 1.67 -19.88 -39.78
C LEU B 56 2.59 -18.66 -39.86
N CYS B 57 2.88 -18.05 -38.72
CA CYS B 57 3.83 -16.93 -38.74
C CYS B 57 5.20 -17.42 -39.18
N ILE B 58 5.64 -18.53 -38.62
CA ILE B 58 6.95 -19.08 -39.00
C ILE B 58 6.95 -19.48 -40.47
N TYR B 59 5.85 -20.04 -40.95
CA TYR B 59 5.74 -20.47 -42.33
C TYR B 59 5.85 -19.29 -43.29
N VAL B 60 5.05 -18.25 -43.07
CA VAL B 60 5.16 -17.06 -43.91
C VAL B 60 6.58 -16.48 -43.81
N LEU B 61 7.17 -16.51 -42.59
CA LEU B 61 8.54 -16.02 -42.41
C LEU B 61 9.50 -16.74 -43.33
N MET B 62 9.41 -18.08 -43.38
CA MET B 62 10.30 -18.85 -44.23
C MET B 62 9.94 -18.75 -45.72
N ARG B 63 8.73 -18.31 -46.07
CA ARG B 63 8.55 -17.98 -47.47
C ARG B 63 9.09 -16.58 -47.77
N THR B 64 9.11 -15.67 -46.79
CA THR B 64 9.76 -14.38 -47.03
C THR B 64 11.27 -14.52 -47.22
N ILE B 65 11.86 -15.56 -46.62
CA ILE B 65 13.32 -15.68 -46.54
C ILE B 65 13.84 -16.28 -47.84
N ASP B 66 14.87 -15.64 -48.42
CA ASP B 66 15.57 -16.09 -49.63
C ASP B 66 16.67 -17.07 -49.28
N PRO B 67 16.79 -18.19 -49.99
CA PRO B 67 17.70 -19.26 -49.56
C PRO B 67 19.18 -19.02 -49.87
N TYR B 68 19.53 -17.96 -50.59
CA TYR B 68 20.88 -17.74 -51.07
C TYR B 68 21.60 -16.56 -50.44
N THR B 69 20.86 -15.53 -50.04
CA THR B 69 21.44 -14.33 -49.44
C THR B 69 20.67 -13.96 -48.18
N PRO B 70 21.35 -13.81 -47.04
CA PRO B 70 20.61 -13.45 -45.83
C PRO B 70 20.04 -12.05 -45.95
N ASP B 71 18.92 -11.82 -45.26
CA ASP B 71 18.24 -10.54 -45.35
C ASP B 71 19.11 -9.43 -44.82
N TYR B 72 19.83 -9.68 -43.73
CA TYR B 72 20.64 -8.65 -43.08
C TYR B 72 21.98 -9.23 -42.65
N GLN B 73 22.98 -8.37 -42.58
CA GLN B 73 24.31 -8.75 -42.11
C GLN B 73 24.79 -7.74 -41.07
N ASP B 74 23.94 -7.50 -40.07
CA ASP B 74 24.20 -6.47 -39.08
C ASP B 74 25.35 -6.83 -38.15
N GLN B 75 25.61 -8.11 -37.93
CA GLN B 75 26.70 -8.48 -37.04
C GLN B 75 27.93 -8.96 -37.80
N LEU B 76 27.88 -9.01 -39.13
CA LEU B 76 29.05 -9.40 -39.91
C LEU B 76 29.66 -8.27 -40.73
N LYS B 77 29.62 -7.06 -40.18
CA LYS B 77 30.31 -5.94 -40.83
C LYS B 77 31.79 -6.18 -41.10
N SER B 78 32.48 -6.94 -40.25
CA SER B 78 33.85 -7.31 -40.53
C SER B 78 34.05 -8.78 -40.20
N PRO B 79 34.77 -9.51 -41.04
CA PRO B 79 34.96 -10.95 -40.82
C PRO B 79 35.87 -11.29 -39.64
N GLY B 80 35.47 -12.34 -38.93
CA GLY B 80 36.34 -12.96 -37.94
C GLY B 80 37.51 -13.68 -38.59
N VAL B 81 38.53 -13.94 -37.78
CA VAL B 81 39.73 -14.65 -38.18
C VAL B 81 40.00 -15.73 -37.16
N THR B 82 40.28 -16.95 -37.63
CA THR B 82 40.60 -18.06 -36.75
C THR B 82 41.92 -18.65 -37.19
N LEU B 83 42.42 -19.57 -36.38
CA LEU B 83 43.75 -20.11 -36.56
C LEU B 83 43.71 -21.62 -36.35
N ARG B 84 44.67 -22.31 -36.94
CA ARG B 84 44.85 -23.74 -36.72
C ARG B 84 46.34 -23.97 -36.55
N PRO B 85 46.75 -24.76 -35.56
CA PRO B 85 45.89 -25.52 -34.66
C PRO B 85 45.34 -24.64 -33.54
N ASP B 86 44.05 -24.74 -33.26
CA ASP B 86 43.45 -23.93 -32.21
C ASP B 86 43.51 -24.72 -30.91
N VAL B 87 44.37 -24.30 -29.99
CA VAL B 87 44.40 -24.81 -28.64
C VAL B 87 44.22 -23.64 -27.69
N TYR B 88 43.23 -23.76 -26.79
CA TYR B 88 42.89 -22.68 -25.88
C TYR B 88 43.40 -22.98 -24.47
N GLY B 89 44.12 -22.01 -23.89
CA GLY B 89 44.47 -22.06 -22.49
C GLY B 89 43.25 -21.62 -21.70
N GLU B 90 43.31 -20.45 -21.07
CA GLU B 90 42.09 -19.76 -20.67
C GLU B 90 42.28 -18.31 -21.04
N LYS B 91 41.19 -17.68 -21.47
CA LYS B 91 41.15 -16.33 -22.03
C LYS B 91 42.01 -16.17 -23.29
N GLY B 92 41.98 -17.18 -24.15
CA GLY B 92 42.51 -17.01 -25.48
C GLY B 92 43.14 -18.28 -26.01
N LEU B 93 43.84 -18.13 -27.13
CA LEU B 93 44.60 -19.23 -27.72
C LEU B 93 45.95 -19.31 -27.03
N ASP B 94 46.29 -20.49 -26.53
CA ASP B 94 47.56 -20.74 -25.86
C ASP B 94 48.16 -22.01 -26.43
N ILE B 95 49.40 -21.89 -26.90
CA ILE B 95 50.07 -22.96 -27.62
C ILE B 95 51.46 -23.10 -27.03
N SER B 96 51.76 -24.29 -26.51
CA SER B 96 53.03 -24.54 -25.84
C SER B 96 53.46 -25.98 -26.12
N TYR B 97 54.70 -26.15 -26.57
CA TYR B 97 55.21 -27.50 -26.82
C TYR B 97 56.73 -27.51 -26.70
N ASN B 98 57.30 -28.71 -26.63
CA ASN B 98 58.72 -28.95 -26.38
C ASN B 98 59.37 -29.55 -27.62
N VAL B 99 60.42 -28.89 -28.13
CA VAL B 99 61.05 -29.33 -29.38
C VAL B 99 61.69 -30.70 -29.23
N SER B 100 62.14 -31.03 -28.02
CA SER B 100 62.79 -32.31 -27.78
C SER B 100 61.77 -33.45 -27.74
N ASP B 101 60.70 -33.28 -26.97
CA ASP B 101 59.67 -34.30 -26.84
C ASP B 101 58.68 -34.12 -27.97
N SER B 102 58.85 -34.93 -29.03
CA SER B 102 57.94 -34.89 -30.18
C SER B 102 56.49 -35.21 -29.83
N THR B 103 56.22 -35.80 -28.65
CA THR B 103 54.85 -36.09 -28.25
C THR B 103 54.09 -34.84 -27.81
N THR B 104 54.82 -33.78 -27.46
CA THR B 104 54.18 -32.54 -27.07
C THR B 104 53.67 -31.72 -28.26
N TRP B 105 54.16 -31.96 -29.48
CA TRP B 105 53.59 -31.32 -30.67
C TRP B 105 52.84 -32.29 -31.55
N ALA B 106 52.78 -33.57 -31.18
CA ALA B 106 52.13 -34.57 -32.03
C ALA B 106 50.69 -34.18 -32.33
N GLY B 107 49.93 -33.81 -31.29
CA GLY B 107 48.55 -33.44 -31.50
C GLY B 107 48.37 -32.18 -32.31
N LEU B 108 49.29 -31.22 -32.18
CA LEU B 108 49.21 -30.00 -32.97
C LEU B 108 49.37 -30.31 -34.46
N ALA B 109 50.41 -31.07 -34.80
CA ALA B 109 50.57 -31.52 -36.18
C ALA B 109 49.41 -32.39 -36.61
N HIS B 110 48.82 -33.15 -35.68
CA HIS B 110 47.72 -34.02 -36.09
C HIS B 110 46.49 -33.19 -36.44
N THR B 111 46.13 -32.21 -35.62
CA THR B 111 44.95 -31.43 -35.96
C THR B 111 45.22 -30.57 -37.18
N LEU B 112 46.49 -30.20 -37.43
CA LEU B 112 46.82 -29.53 -38.69
C LEU B 112 46.59 -30.47 -39.89
N HIS B 113 47.13 -31.69 -39.83
CA HIS B 113 46.89 -32.68 -40.87
C HIS B 113 45.40 -32.90 -41.06
N ARG B 114 44.64 -33.03 -39.96
CA ARG B 114 43.23 -33.40 -40.05
C ARG B 114 42.39 -32.25 -40.55
N PHE B 115 42.75 -31.02 -40.21
CA PHE B 115 42.13 -29.85 -40.82
C PHE B 115 42.37 -29.84 -42.32
N LEU B 116 43.62 -30.09 -42.72
CA LEU B 116 43.97 -30.02 -44.14
C LEU B 116 43.34 -31.14 -44.96
N ALA B 117 42.89 -32.20 -44.30
CA ALA B 117 42.26 -33.33 -45.00
C ALA B 117 41.20 -32.88 -46.00
N GLY B 118 40.40 -31.88 -45.66
CA GLY B 118 39.40 -31.38 -46.59
C GLY B 118 39.93 -30.46 -47.67
N TYR B 119 41.25 -30.28 -47.75
CA TYR B 119 41.86 -29.46 -48.78
C TYR B 119 42.74 -30.30 -49.72
N SER B 120 42.56 -31.62 -49.68
CA SER B 120 43.15 -32.55 -50.64
C SER B 120 42.58 -32.31 -52.04
N PRO B 121 43.30 -32.72 -53.08
CA PRO B 121 42.74 -32.56 -54.44
C PRO B 121 41.52 -33.43 -54.65
N ALA B 122 41.40 -34.53 -53.90
CA ALA B 122 40.18 -35.33 -53.93
C ALA B 122 39.03 -34.58 -53.30
N ALA B 123 39.19 -34.18 -52.05
CA ALA B 123 38.16 -33.41 -51.36
C ALA B 123 37.78 -32.16 -52.13
N GLN B 124 38.70 -31.63 -52.94
CA GLN B 124 38.49 -30.40 -53.68
C GLN B 124 37.88 -30.62 -55.07
N GLU B 125 37.39 -31.83 -55.35
CA GLU B 125 36.96 -32.17 -56.70
C GLU B 125 35.77 -31.31 -57.13
N GLY B 126 34.91 -30.95 -56.18
CA GLY B 126 33.73 -30.14 -56.49
C GLY B 126 34.02 -28.73 -56.93
N SER B 127 35.25 -28.25 -56.76
CA SER B 127 35.64 -26.89 -57.10
C SER B 127 36.49 -26.88 -58.37
N ILE B 128 36.64 -25.72 -58.97
CA ILE B 128 37.43 -25.61 -60.17
C ILE B 128 38.67 -24.79 -59.98
N ASN B 129 39.53 -24.84 -60.99
CA ASN B 129 40.79 -24.12 -61.04
C ASN B 129 40.61 -22.65 -61.35
N CYS B 130 40.74 -21.75 -60.38
CA CYS B 130 40.59 -20.38 -60.77
C CYS B 130 41.93 -19.75 -61.07
N THR B 131 41.95 -18.86 -62.08
CA THR B 131 43.17 -18.16 -62.47
C THR B 131 42.96 -16.68 -62.64
N SER B 132 41.72 -16.20 -62.49
CA SER B 132 41.39 -14.80 -62.81
C SER B 132 42.11 -13.81 -61.91
N GLU B 133 42.54 -14.24 -60.72
CA GLU B 133 43.20 -13.34 -59.77
C GLU B 133 42.34 -12.09 -59.54
N LYS B 134 41.03 -12.24 -59.70
CA LYS B 134 40.06 -11.17 -59.66
C LYS B 134 38.74 -11.76 -59.17
N TYR B 135 37.92 -10.92 -58.52
CA TYR B 135 36.62 -11.35 -57.99
C TYR B 135 35.89 -12.24 -58.98
N PHE B 136 35.43 -13.39 -58.50
CA PHE B 136 34.79 -14.40 -59.34
C PHE B 136 33.28 -14.21 -59.29
N PHE B 137 32.79 -13.21 -60.03
CA PHE B 137 31.38 -12.86 -60.03
C PHE B 137 30.60 -13.79 -60.96
N GLN B 138 29.57 -14.43 -60.43
CA GLN B 138 28.71 -15.35 -61.17
C GLN B 138 27.28 -15.04 -60.79
N GLU B 139 26.41 -14.83 -61.78
CA GLU B 139 25.01 -14.62 -61.45
C GLU B 139 24.08 -15.64 -62.10
N SER B 140 24.60 -16.62 -62.82
CA SER B 140 23.82 -17.78 -63.21
C SER B 140 24.42 -19.02 -62.56
N PHE B 141 23.70 -20.13 -62.63
CA PHE B 141 24.12 -21.34 -61.95
C PHE B 141 24.46 -22.28 -63.12
N LEU B 142 25.75 -22.33 -63.42
CA LEU B 142 26.26 -23.10 -64.52
C LEU B 142 26.95 -24.37 -63.99
N ALA B 143 27.17 -24.44 -62.69
CA ALA B 143 27.75 -25.60 -62.06
C ALA B 143 26.66 -26.65 -61.86
N PRO B 144 27.02 -27.90 -61.54
CA PRO B 144 26.01 -28.97 -61.49
C PRO B 144 24.98 -28.78 -60.40
N ASN B 145 23.82 -29.40 -60.63
CA ASN B 145 22.70 -29.37 -59.70
C ASN B 145 22.35 -27.93 -59.26
N HIS B 146 22.37 -27.02 -60.25
CA HIS B 146 21.95 -25.62 -60.10
C HIS B 146 22.73 -24.76 -59.10
N THR B 147 24.04 -24.80 -59.30
CA THR B 147 25.03 -24.35 -58.34
C THR B 147 25.92 -23.31 -59.00
N LYS B 148 26.58 -22.50 -58.19
CA LYS B 148 27.62 -21.63 -58.71
C LYS B 148 28.99 -22.30 -58.53
N PHE B 149 29.94 -21.87 -59.34
CA PHE B 149 31.27 -22.46 -59.25
C PHE B 149 32.02 -21.93 -58.03
N SER B 150 32.93 -22.72 -57.52
CA SER B 150 33.78 -22.28 -56.42
C SER B 150 35.22 -22.71 -56.72
N CYS B 151 36.17 -21.87 -56.31
CA CYS B 151 37.56 -22.08 -56.68
C CYS B 151 38.21 -23.14 -55.78
N LYS B 152 39.06 -23.95 -56.39
CA LYS B 152 39.80 -24.94 -55.62
C LYS B 152 40.77 -24.25 -54.68
N PHE B 153 40.96 -24.83 -53.50
CA PHE B 153 42.15 -24.55 -52.73
C PHE B 153 42.69 -25.89 -52.25
N THR B 154 43.86 -26.26 -52.76
CA THR B 154 44.52 -27.50 -52.37
C THR B 154 45.65 -27.23 -51.37
N ALA B 155 45.82 -28.17 -50.44
CA ALA B 155 46.90 -28.06 -49.47
C ALA B 155 48.26 -27.78 -50.13
N ASP B 156 48.47 -28.28 -51.35
CA ASP B 156 49.67 -27.96 -52.14
C ASP B 156 50.05 -26.50 -51.99
N MET B 157 49.07 -25.61 -52.14
CA MET B 157 49.31 -24.18 -52.20
C MET B 157 49.98 -23.64 -50.95
N LEU B 158 50.02 -24.42 -49.86
CA LEU B 158 50.70 -24.03 -48.63
C LEU B 158 52.18 -24.39 -48.63
N GLN B 159 52.66 -25.14 -49.63
CA GLN B 159 54.07 -25.43 -49.86
C GLN B 159 54.76 -25.98 -48.61
N ASN B 160 55.75 -25.26 -48.07
CA ASN B 160 56.47 -25.76 -46.91
C ASN B 160 55.57 -26.10 -45.75
N CYS B 161 54.39 -25.49 -45.65
CA CYS B 161 53.49 -25.71 -44.53
C CYS B 161 52.31 -26.60 -44.89
N SER B 162 52.47 -27.43 -45.93
CA SER B 162 51.38 -28.26 -46.41
C SER B 162 51.34 -29.65 -45.78
N GLY B 163 52.32 -30.01 -44.96
CA GLY B 163 52.50 -31.38 -44.53
C GLY B 163 53.50 -32.17 -45.35
N ARG B 164 53.96 -31.61 -46.48
CA ARG B 164 55.03 -32.19 -47.27
C ARG B 164 55.97 -31.08 -47.73
N PRO B 165 57.27 -31.36 -47.86
CA PRO B 165 57.85 -32.64 -47.44
C PRO B 165 58.01 -32.78 -45.92
N ASP B 166 57.68 -31.72 -45.16
CA ASP B 166 57.82 -31.75 -43.70
C ASP B 166 56.47 -32.04 -43.05
N PRO B 167 56.21 -33.28 -42.61
CA PRO B 167 54.90 -33.60 -42.05
C PRO B 167 54.70 -33.10 -40.64
N THR B 168 55.71 -32.48 -40.05
CA THR B 168 55.59 -31.85 -38.74
C THR B 168 55.23 -30.37 -38.80
N PHE B 169 54.90 -29.86 -40.00
CA PHE B 169 54.40 -28.50 -40.18
C PHE B 169 55.31 -27.47 -39.50
N GLY B 170 56.61 -27.69 -39.62
CA GLY B 170 57.58 -26.78 -39.04
C GLY B 170 57.79 -26.91 -37.55
N PHE B 171 56.99 -27.72 -36.86
CA PHE B 171 57.12 -27.75 -35.41
C PHE B 171 58.42 -28.43 -34.99
N ALA B 172 58.74 -29.55 -35.64
CA ALA B 172 59.91 -30.34 -35.25
C ALA B 172 61.17 -29.49 -35.20
N GLU B 173 61.30 -28.53 -36.12
CA GLU B 173 62.46 -27.66 -36.17
C GLU B 173 62.28 -26.39 -35.35
N GLY B 174 61.16 -26.25 -34.65
CA GLY B 174 60.93 -25.07 -33.84
C GLY B 174 60.56 -23.83 -34.63
N LYS B 175 60.14 -23.99 -35.88
CA LYS B 175 59.67 -22.88 -36.72
C LYS B 175 58.30 -23.31 -37.20
N PRO B 176 57.27 -23.16 -36.37
CA PRO B 176 55.99 -23.81 -36.66
C PRO B 176 55.12 -23.01 -37.63
N CYS B 177 54.26 -23.74 -38.33
CA CYS B 177 53.28 -23.17 -39.24
C CYS B 177 51.95 -23.00 -38.53
N PHE B 178 51.39 -21.80 -38.57
CA PHE B 178 50.01 -21.58 -38.14
C PHE B 178 49.19 -21.14 -39.35
N ILE B 179 48.04 -21.79 -39.56
CA ILE B 179 47.18 -21.52 -40.70
C ILE B 179 46.08 -20.56 -40.28
N ILE B 180 45.93 -19.49 -41.05
CA ILE B 180 45.10 -18.35 -40.70
C ILE B 180 43.94 -18.31 -41.68
N LYS B 181 42.73 -18.56 -41.19
CA LYS B 181 41.54 -18.65 -42.02
C LYS B 181 40.64 -17.47 -41.71
N MET B 182 40.00 -16.93 -42.75
CA MET B 182 39.11 -15.79 -42.63
C MET B 182 37.65 -16.26 -42.75
N ASN B 183 36.82 -15.82 -41.80
CA ASN B 183 35.40 -16.17 -41.79
C ASN B 183 34.71 -15.68 -43.07
N ARG B 184 33.92 -16.56 -43.69
CA ARG B 184 33.30 -16.23 -44.96
C ARG B 184 31.94 -15.57 -44.73
N ILE B 185 31.65 -14.57 -45.54
CA ILE B 185 30.41 -13.81 -45.42
C ILE B 185 29.83 -13.61 -46.82
N VAL B 186 28.52 -13.86 -46.95
CA VAL B 186 27.90 -13.80 -48.26
C VAL B 186 28.07 -12.41 -48.86
N LYS B 187 28.63 -12.36 -50.07
CA LYS B 187 28.79 -11.17 -50.91
C LYS B 187 29.73 -10.14 -50.29
N PHE B 188 30.42 -10.49 -49.20
CA PHE B 188 31.43 -9.60 -48.67
C PHE B 188 32.60 -9.49 -49.64
N LEU B 189 32.96 -8.25 -50.00
CA LEU B 189 34.14 -8.01 -50.83
C LEU B 189 35.23 -7.38 -49.96
N PRO B 190 36.43 -7.95 -49.88
CA PRO B 190 37.45 -7.37 -49.00
C PRO B 190 38.16 -6.15 -49.57
N GLY B 191 38.08 -5.91 -50.88
CA GLY B 191 38.87 -4.83 -51.49
C GLY B 191 39.74 -5.42 -52.57
N ASN B 192 39.72 -4.76 -53.75
CA ASN B 192 40.32 -5.31 -54.97
C ASN B 192 41.53 -4.54 -55.49
N SER B 193 42.02 -3.53 -54.76
CA SER B 193 43.26 -2.87 -55.18
C SER B 193 44.43 -3.86 -55.13
N THR B 194 44.39 -4.78 -54.20
CA THR B 194 45.27 -5.94 -54.21
C THR B 194 44.52 -7.09 -53.54
N ALA B 195 45.25 -8.18 -53.28
CA ALA B 195 44.62 -9.21 -52.48
C ALA B 195 44.78 -8.87 -51.00
N PRO B 196 43.81 -9.24 -50.17
CA PRO B 196 43.99 -9.11 -48.72
C PRO B 196 45.15 -9.97 -48.24
N ARG B 197 45.99 -9.40 -47.40
CA ARG B 197 47.15 -10.16 -46.94
C ARG B 197 47.02 -10.46 -45.46
N VAL B 198 47.86 -11.39 -45.00
CA VAL B 198 48.11 -11.62 -43.58
C VAL B 198 49.40 -10.89 -43.18
N ASP B 199 49.42 -10.34 -41.96
CA ASP B 199 50.68 -9.87 -41.37
C ASP B 199 50.72 -10.28 -39.91
N CYS B 200 51.70 -11.12 -39.56
CA CYS B 200 51.94 -11.53 -38.19
C CYS B 200 53.13 -10.75 -37.62
N ALA B 201 53.03 -10.42 -36.34
CA ALA B 201 54.09 -9.73 -35.63
C ALA B 201 53.88 -9.94 -34.14
N PHE B 202 54.77 -9.37 -33.34
CA PHE B 202 54.66 -9.50 -31.91
C PHE B 202 53.68 -8.47 -31.36
N LEU B 203 53.09 -8.79 -30.22
CA LEU B 203 52.21 -7.81 -29.56
C LEU B 203 53.05 -6.70 -28.92
N ASP B 204 53.95 -7.09 -28.03
CA ASP B 204 54.97 -6.21 -27.46
C ASP B 204 56.29 -6.67 -28.06
N GLN B 205 56.76 -5.98 -29.09
CA GLN B 205 58.02 -6.31 -29.77
C GLN B 205 59.15 -6.23 -28.76
N PRO B 206 59.73 -7.37 -28.37
CA PRO B 206 60.58 -7.38 -27.17
C PRO B 206 61.84 -6.56 -27.37
N ARG B 207 62.07 -5.60 -26.45
CA ARG B 207 63.33 -4.86 -26.46
C ARG B 207 64.52 -5.80 -26.49
N ASP B 208 64.33 -7.03 -26.00
CA ASP B 208 65.36 -8.07 -26.08
C ASP B 208 65.69 -8.42 -27.52
N GLY B 209 64.68 -8.51 -28.39
CA GLY B 209 64.87 -9.11 -29.68
C GLY B 209 64.40 -8.31 -30.89
N PRO B 210 64.64 -8.86 -32.07
CA PRO B 210 64.22 -8.21 -33.32
C PRO B 210 62.75 -8.46 -33.61
N PRO B 211 62.18 -7.83 -34.65
CA PRO B 211 60.79 -8.12 -34.99
C PRO B 211 60.59 -9.56 -35.44
N LEU B 212 59.36 -10.05 -35.27
CA LEU B 212 59.03 -11.41 -35.65
C LEU B 212 59.21 -11.60 -37.16
N GLN B 213 59.99 -12.61 -37.55
CA GLN B 213 60.27 -12.86 -38.95
C GLN B 213 59.44 -14.05 -39.44
N VAL B 214 58.70 -13.83 -40.52
CA VAL B 214 57.67 -14.75 -41.01
C VAL B 214 57.91 -15.00 -42.49
N GLU B 215 57.65 -16.24 -42.93
CA GLU B 215 57.47 -16.53 -44.35
C GLU B 215 56.05 -17.03 -44.56
N TYR B 216 55.36 -16.46 -45.54
CA TYR B 216 53.95 -16.76 -45.71
C TYR B 216 53.74 -17.58 -46.97
N PHE B 217 52.85 -18.55 -46.89
CA PHE B 217 52.46 -19.33 -48.05
C PHE B 217 50.96 -19.23 -48.25
N PRO B 218 50.46 -18.80 -49.44
CA PRO B 218 51.26 -18.38 -50.60
C PRO B 218 52.09 -17.13 -50.34
N ALA B 219 52.94 -16.76 -51.30
CA ALA B 219 53.84 -15.62 -51.15
C ALA B 219 53.07 -14.34 -50.82
N ASN B 220 53.66 -13.51 -49.95
CA ASN B 220 53.00 -12.39 -49.35
C ASN B 220 51.82 -12.60 -48.52
N GLY B 221 51.55 -13.86 -48.20
CA GLY B 221 50.36 -14.26 -47.31
C GLY B 221 49.06 -13.71 -47.81
N THR B 222 48.77 -13.89 -49.09
CA THR B 222 47.60 -13.29 -49.70
C THR B 222 46.51 -14.32 -49.92
N TYR B 223 45.26 -13.83 -49.96
CA TYR B 223 44.09 -14.60 -50.35
C TYR B 223 43.68 -14.15 -51.74
N SER B 224 43.71 -15.06 -52.71
CA SER B 224 43.42 -14.64 -54.08
C SER B 224 42.02 -14.05 -54.18
N LEU B 225 41.90 -13.01 -55.01
CA LEU B 225 40.62 -12.31 -55.13
C LEU B 225 39.52 -13.20 -55.66
N HIS B 226 39.86 -14.24 -56.43
CA HIS B 226 38.80 -15.07 -57.01
C HIS B 226 38.09 -15.96 -55.99
N TYR B 227 38.56 -16.03 -54.75
CA TYR B 227 37.78 -16.72 -53.72
C TYR B 227 36.61 -15.87 -53.22
N PHE B 228 36.32 -14.74 -53.83
CA PHE B 228 35.33 -13.79 -53.38
C PHE B 228 34.48 -13.34 -54.56
N PRO B 229 33.19 -13.06 -54.32
CA PRO B 229 32.49 -13.20 -53.04
C PRO B 229 32.09 -14.64 -52.75
N TYR B 230 31.87 -14.92 -51.48
CA TYR B 230 31.18 -16.14 -51.10
C TYR B 230 29.69 -15.97 -51.38
N TYR B 231 29.07 -17.01 -51.95
CA TYR B 231 27.67 -16.95 -52.31
C TYR B 231 26.78 -17.77 -51.40
N GLY B 232 27.34 -18.47 -50.40
CA GLY B 232 26.56 -19.18 -49.41
C GLY B 232 26.51 -20.68 -49.68
N LYS B 233 26.26 -21.44 -48.60
CA LYS B 233 26.39 -22.90 -48.62
C LYS B 233 25.51 -23.57 -49.67
N LYS B 234 24.39 -22.94 -50.03
CA LYS B 234 23.50 -23.53 -51.03
C LYS B 234 23.96 -23.25 -52.45
N ALA B 235 24.52 -22.06 -52.69
CA ALA B 235 25.03 -21.73 -54.01
C ALA B 235 26.39 -22.38 -54.28
N GLN B 236 27.22 -22.55 -53.26
CA GLN B 236 28.58 -23.04 -53.41
C GLN B 236 28.84 -24.13 -52.38
N PRO B 237 28.14 -25.27 -52.51
CA PRO B 237 28.24 -26.32 -51.47
C PRO B 237 29.65 -26.84 -51.27
N HIS B 238 30.50 -26.77 -52.29
CA HIS B 238 31.87 -27.23 -52.21
C HIS B 238 32.85 -26.09 -51.99
N TYR B 239 32.35 -24.90 -51.67
CA TYR B 239 33.24 -23.80 -51.35
C TYR B 239 34.18 -24.18 -50.23
N SER B 240 35.44 -23.79 -50.38
CA SER B 240 36.41 -23.94 -49.32
C SER B 240 37.12 -22.62 -49.10
N ASN B 241 37.30 -22.23 -47.83
CA ASN B 241 37.91 -20.93 -47.54
C ASN B 241 39.39 -21.00 -47.93
N PRO B 242 39.90 -20.02 -48.69
CA PRO B 242 41.35 -19.94 -48.92
C PRO B 242 42.11 -19.82 -47.61
N LEU B 243 43.30 -20.38 -47.58
CA LEU B 243 44.15 -20.35 -46.39
C LEU B 243 45.45 -19.62 -46.67
N VAL B 244 46.14 -19.27 -45.58
CA VAL B 244 47.49 -18.73 -45.62
C VAL B 244 48.21 -19.24 -44.38
N ALA B 245 49.36 -19.87 -44.58
CA ALA B 245 50.17 -20.36 -43.47
C ALA B 245 51.27 -19.35 -43.16
N ALA B 246 51.38 -18.98 -41.89
CA ALA B 246 52.47 -18.15 -41.39
C ALA B 246 53.50 -19.08 -40.77
N LYS B 247 54.72 -19.08 -41.34
CA LYS B 247 55.84 -19.85 -40.82
C LYS B 247 56.70 -18.89 -39.97
N LEU B 248 56.69 -19.14 -38.66
CA LEU B 248 57.37 -18.29 -37.68
C LEU B 248 58.81 -18.75 -37.54
N LEU B 249 59.74 -17.89 -37.94
CA LEU B 249 61.17 -18.24 -37.98
C LEU B 249 61.98 -17.70 -36.81
N ASN B 250 61.49 -16.66 -36.17
CA ASN B 250 62.26 -15.87 -35.22
C ASN B 250 62.13 -16.23 -33.74
N VAL B 251 61.06 -16.93 -33.38
CA VAL B 251 60.58 -17.20 -32.01
C VAL B 251 61.73 -17.67 -31.13
N PRO B 252 61.92 -17.05 -29.97
CA PRO B 252 62.96 -17.52 -29.05
C PRO B 252 62.45 -18.66 -28.18
N ARG B 253 63.38 -19.52 -27.78
CA ARG B 253 63.01 -20.71 -27.03
C ARG B 253 62.87 -20.41 -25.54
N ASN B 254 61.98 -21.16 -24.88
CA ASN B 254 61.73 -21.06 -23.44
C ASN B 254 61.34 -19.64 -23.01
N ARG B 255 60.72 -18.88 -23.90
CA ARG B 255 60.16 -17.57 -23.56
C ARG B 255 58.72 -17.50 -24.03
N ASP B 256 57.82 -17.01 -23.16
CA ASP B 256 56.44 -16.81 -23.54
C ASP B 256 56.33 -15.55 -24.40
N VAL B 257 55.79 -15.70 -25.60
CA VAL B 257 55.54 -14.57 -26.50
C VAL B 257 54.06 -14.54 -26.86
N VAL B 258 53.61 -13.40 -27.35
CA VAL B 258 52.25 -13.25 -27.88
C VAL B 258 52.35 -12.77 -29.31
N ILE B 259 51.64 -13.45 -30.21
CA ILE B 259 51.69 -13.20 -31.64
C ILE B 259 50.33 -12.69 -32.09
N VAL B 260 50.33 -11.61 -32.87
CA VAL B 260 49.13 -11.06 -33.47
C VAL B 260 49.25 -11.18 -34.97
N CYS B 261 48.21 -11.75 -35.60
CA CYS B 261 48.12 -11.81 -37.05
C CYS B 261 46.89 -11.05 -37.48
N LYS B 262 47.09 -9.99 -38.29
CA LYS B 262 46.01 -9.16 -38.79
C LYS B 262 45.83 -9.37 -40.28
N ILE B 263 44.60 -9.16 -40.76
CA ILE B 263 44.29 -9.16 -42.18
C ILE B 263 44.31 -7.72 -42.68
N LEU B 264 45.14 -7.46 -43.68
CA LEU B 264 45.22 -6.16 -44.32
C LEU B 264 44.37 -6.19 -45.59
N ALA B 265 43.23 -5.49 -45.54
CA ALA B 265 42.35 -5.32 -46.67
C ALA B 265 41.57 -4.03 -46.51
N GLU B 266 41.15 -3.46 -47.65
CA GLU B 266 40.40 -2.21 -47.64
C GLU B 266 39.16 -2.28 -46.74
N HIS B 267 38.46 -3.43 -46.74
CA HIS B 267 37.19 -3.54 -46.03
C HIS B 267 37.23 -4.56 -44.90
N VAL B 268 38.40 -4.77 -44.29
CA VAL B 268 38.52 -5.54 -43.06
C VAL B 268 39.02 -4.61 -41.95
N SER B 269 38.37 -4.67 -40.79
CA SER B 269 38.79 -3.93 -39.62
C SER B 269 39.27 -4.87 -38.52
N PHE B 270 40.23 -4.41 -37.72
CA PHE B 270 40.71 -5.19 -36.58
C PHE B 270 40.89 -4.33 -35.33
N ASP B 271 40.09 -3.27 -35.21
CA ASP B 271 40.18 -2.33 -34.09
C ASP B 271 39.18 -2.62 -32.99
N ASN B 272 38.36 -3.65 -33.12
CA ASN B 272 37.23 -3.85 -32.21
C ASN B 272 37.73 -4.27 -30.84
N PRO B 273 37.36 -3.54 -29.77
CA PRO B 273 37.77 -3.96 -28.42
C PRO B 273 36.87 -4.99 -27.79
N HIS B 274 35.67 -5.20 -28.34
CA HIS B 274 34.76 -6.21 -27.84
C HIS B 274 34.79 -7.49 -28.67
N ASP B 275 35.69 -7.57 -29.65
CA ASP B 275 35.86 -8.80 -30.43
C ASP B 275 37.31 -8.93 -30.83
N PRO B 276 38.11 -9.66 -30.06
CA PRO B 276 39.52 -9.81 -30.40
C PRO B 276 39.72 -10.66 -31.65
N TYR B 277 38.71 -11.39 -32.09
CA TYR B 277 38.79 -12.20 -33.29
C TYR B 277 38.23 -11.48 -34.51
N GLU B 278 38.02 -10.18 -34.46
CA GLU B 278 37.49 -9.44 -35.59
C GLU B 278 38.66 -8.90 -36.41
N GLY B 279 38.87 -9.47 -37.60
CA GLY B 279 39.94 -9.06 -38.51
C GLY B 279 41.34 -9.43 -38.10
N LYS B 280 41.52 -10.08 -36.96
CA LYS B 280 42.84 -10.48 -36.48
C LYS B 280 42.66 -11.67 -35.55
N VAL B 281 43.76 -12.36 -35.27
CA VAL B 281 43.77 -13.43 -34.29
C VAL B 281 45.07 -13.35 -33.48
N GLU B 282 44.94 -13.49 -32.16
CA GLU B 282 46.09 -13.44 -31.25
C GLU B 282 46.26 -14.75 -30.51
N PHE B 283 47.50 -15.11 -30.23
CA PHE B 283 47.71 -16.34 -29.48
C PHE B 283 49.05 -16.31 -28.75
N LYS B 284 49.06 -16.92 -27.56
CA LYS B 284 50.31 -17.11 -26.83
C LYS B 284 51.09 -18.27 -27.42
N LEU B 285 52.42 -18.15 -27.44
CA LEU B 285 53.28 -19.19 -27.96
C LEU B 285 54.47 -19.37 -27.03
N LYS B 286 54.82 -20.62 -26.79
CA LYS B 286 56.00 -20.99 -26.02
C LYS B 286 56.56 -22.24 -26.66
N ILE B 287 57.81 -22.16 -27.11
CA ILE B 287 58.49 -23.31 -27.67
C ILE B 287 59.59 -23.72 -26.70
N GLN B 288 59.26 -24.65 -25.81
CA GLN B 288 60.24 -25.20 -24.87
C GLN B 288 61.33 -25.96 -25.60
N LYS B 289 62.55 -25.85 -25.11
CA LYS B 289 63.69 -26.50 -25.78
C LYS B 289 64.10 -27.77 -25.04
MG MF4 C . -18.89 9.26 24.31
F1 MF4 C . -19.42 9.75 26.18
F2 MF4 C . -17.38 10.49 23.82
F3 MF4 C . -20.24 9.21 22.88
F4 MF4 C . -17.97 7.52 24.50
C1 PCW D . 7.22 -11.59 -40.66
C2 PCW D . 5.95 -11.45 -39.80
C3 PCW D . 5.10 -10.30 -40.35
C4 PCW D . 8.66 -7.44 -43.38
C5 PCW D . 9.78 -6.40 -43.37
C6 PCW D . 10.10 -4.17 -44.18
C7 PCW D . 10.94 -6.02 -45.45
C8 PCW D . 8.59 -5.58 -45.34
C11 PCW D . 4.56 -7.97 -39.66
C12 PCW D . 3.70 -7.04 -38.84
C13 PCW D . 3.44 -5.75 -39.62
C14 PCW D . 2.50 -4.81 -38.88
C15 PCW D . 1.33 -4.29 -39.71
C16 PCW D . 0.09 -5.17 -39.61
C17 PCW D . 0.12 -6.38 -40.54
C18 PCW D . -0.95 -7.40 -40.16
C19 PCW D . -2.29 -6.69 -40.10
C20 PCW D . -3.38 -7.35 -39.72
C21 PCW D . -3.28 -8.81 -39.33
C22 PCW D . -3.38 -8.91 -37.82
C23 PCW D . -4.71 -8.39 -37.32
C24 PCW D . -5.69 -9.52 -37.08
C25 PCW D . -5.73 -9.90 -35.60
C26 PCW D . -6.91 -9.24 -34.88
C27 PCW D . -8.26 -9.85 -35.28
C28 PCW D . -8.70 -10.95 -34.34
C31 PCW D . 3.96 -12.59 -39.07
C32 PCW D . 2.71 -13.29 -39.60
C33 PCW D . 2.13 -12.69 -40.89
C34 PCW D . 0.94 -13.48 -41.46
C35 PCW D . -0.41 -12.93 -41.00
C36 PCW D . -0.87 -13.54 -39.68
C37 PCW D . -0.83 -12.55 -38.52
C38 PCW D . -1.11 -13.25 -37.19
C39 PCW D . -1.18 -12.27 -36.03
C40 PCW D . -2.11 -12.41 -35.09
N PCW D . 9.85 -5.56 -44.58
O2 PCW D . 5.21 -12.67 -39.82
O3 PCW D . 4.64 -9.39 -39.33
O11 PCW D . 5.19 -7.53 -40.62
O31 PCW D . 3.91 -11.94 -38.02
O1P PCW D . 7.20 -9.96 -43.34
O2P PCW D . 9.63 -10.60 -42.65
O3P PCW D . 7.81 -10.31 -40.91
O4P PCW D . 8.72 -8.29 -42.22
P PCW D . 8.35 -9.86 -42.36
C1 CE1 E . -5.19 -1.58 -29.11
C2 CE1 E . -3.81 -1.13 -29.52
C3 CE1 E . -2.77 -2.24 -29.64
C4 CE1 E . -1.70 -1.92 -30.70
C5 CE1 E . -0.36 -1.41 -30.14
C6 CE1 E . 0.23 -0.27 -30.99
C7 CE1 E . 1.42 0.40 -30.30
C8 CE1 E . 2.00 1.62 -31.02
C9 CE1 E . 3.23 2.22 -30.29
C10 CE1 E . 4.03 3.26 -31.07
C11 CE1 E . 5.38 2.72 -31.53
C12 CE1 E . 6.37 3.79 -32.04
O13 CE1 E . 7.44 3.13 -32.75
C14 CE1 E . 8.68 3.85 -32.88
C15 CE1 E . 9.74 2.88 -33.44
O16 CE1 E . 10.98 3.50 -33.81
C17 CE1 E . 11.82 2.60 -34.53
C18 CE1 E . 12.91 3.33 -35.31
O19 CE1 E . 13.36 2.48 -36.35
C20 CE1 E . 14.54 2.90 -37.02
C21 CE1 E . 15.07 1.79 -37.95
O22 CE1 E . 16.50 1.79 -37.99
C23 CE1 E . 17.04 0.51 -38.25
C24 CE1 E . 18.27 0.28 -37.37
O25 CE1 E . 19.46 0.23 -38.16
C26 CE1 E . 20.65 -0.10 -37.41
C27 CE1 E . 21.90 0.51 -38.04
O28 CE1 E . 22.00 1.92 -37.79
C29 CE1 E . 22.94 2.60 -38.62
C30 CE1 E . 22.54 4.07 -38.79
O31 CE1 E . 22.65 4.77 -37.55
C32 CE1 E . 22.28 6.15 -37.60
C33 CE1 E . 21.84 6.55 -36.19
O34 CE1 E . 20.75 5.69 -35.84
C35 CE1 E . 20.95 4.95 -34.63
C36 CE1 E . 20.21 3.61 -34.76
O37 CE1 E . 19.08 3.74 -35.64
C1 PCW F . 17.57 -30.82 -34.08
C2 PCW F . 16.67 -32.06 -34.04
C3 PCW F . 16.89 -32.77 -32.70
C4 PCW F . 22.23 -30.72 -33.77
C5 PCW F . 23.53 -30.46 -34.52
C6 PCW F . 24.44 -32.54 -33.65
C7 PCW F . 25.89 -30.91 -34.68
C8 PCW F . 24.90 -30.45 -32.55
C11 PCW F . 15.52 -32.36 -30.60
C12 PCW F . 14.30 -31.53 -30.20
C13 PCW F . 14.10 -31.37 -28.70
C14 PCW F . 12.73 -30.73 -28.43
C15 PCW F . 12.32 -30.68 -26.96
C16 PCW F . 10.91 -30.12 -26.80
C17 PCW F . 10.61 -29.65 -25.38
C18 PCW F . 9.20 -29.09 -25.21
C19 PCW F . 9.01 -28.59 -23.80
C20 PCW F . 8.27 -27.51 -23.57
C21 PCW F . 8.06 -26.97 -22.16
C22 PCW F . 7.90 -25.45 -22.20
C23 PCW F . 6.66 -24.95 -21.46
C24 PCW F . 6.12 -23.63 -22.01
C25 PCW F . 4.72 -23.33 -21.47
C26 PCW F . 4.65 -22.09 -20.55
C27 PCW F . 3.43 -22.02 -19.62
C28 PCW F . 3.83 -22.15 -18.16
C31 PCW F . 14.57 -31.76 -35.33
C32 PCW F . 13.13 -31.24 -35.41
C33 PCW F . 12.48 -31.21 -34.03
C34 PCW F . 11.48 -30.07 -33.89
C35 PCW F . 11.60 -29.43 -32.51
C36 PCW F . 10.45 -28.47 -32.18
C37 PCW F . 10.46 -28.04 -30.72
C38 PCW F . 9.25 -27.18 -30.31
C39 PCW F . 8.58 -27.84 -29.13
C40 PCW F . 7.95 -27.19 -28.13
C41 PCW F . 7.83 -25.69 -28.05
N PCW F . 24.68 -31.09 -33.85
O2 PCW F . 15.29 -31.64 -34.07
O3 PCW F . 15.65 -32.77 -32.00
O11 PCW F . 16.37 -32.70 -29.79
O31 PCW F . 15.10 -32.26 -36.31
O1P PCW F . 20.32 -32.51 -35.96
O2P PCW F . 19.84 -32.29 -33.38
O3P PCW F . 18.59 -30.89 -35.08
O4P PCW F . 21.09 -30.51 -34.61
P PCW F . 19.97 -31.66 -34.75
MG MG G . -16.36 11.69 22.74
RB RB H . -11.82 14.78 23.42
RB RB I . -17.46 28.11 29.27
RB RB J . -6.59 -0.11 14.49
RB RB K . -6.69 -3.96 14.93
RB RB L . -35.89 53.82 33.14
RB RB M . 10.03 -10.95 -13.46
C1 PCW N . 21.89 -33.24 -23.22
C2 PCW N . 21.32 -34.24 -24.24
C3 PCW N . 21.74 -35.66 -23.86
C4 PCW N . 26.71 -33.16 -24.98
C5 PCW N . 28.02 -32.43 -24.68
C6 PCW N . 27.70 -30.62 -26.23
C7 PCW N . 29.91 -31.39 -25.69
C8 PCW N . 28.48 -32.73 -27.04
C11 PCW N . 20.68 -37.14 -22.18
C12 PCW N . 19.23 -37.28 -22.57
C13 PCW N . 18.61 -38.52 -21.92
C14 PCW N . 17.42 -39.01 -22.74
C15 PCW N . 16.31 -37.97 -22.84
C16 PCW N . 15.45 -37.98 -21.57
C17 PCW N . 14.09 -37.35 -21.82
C18 PCW N . 13.19 -37.48 -20.59
C19 PCW N . 13.64 -36.57 -19.47
C20 PCW N . 12.75 -35.94 -18.70
C21 PCW N . 11.27 -36.16 -18.94
C22 PCW N . 10.40 -35.22 -18.11
C23 PCW N . 10.83 -35.04 -16.66
C24 PCW N . 9.76 -34.22 -15.96
C25 PCW N . 10.01 -34.03 -14.47
C26 PCW N . 8.73 -33.55 -13.80
C27 PCW N . 8.89 -33.28 -12.30
C28 PCW N . 9.18 -34.56 -11.53
C31 PCW N . 19.41 -33.23 -25.34
C32 PCW N . 18.29 -33.67 -26.26
C33 PCW N . 17.07 -34.17 -25.47
C34 PCW N . 15.89 -33.21 -25.54
C35 PCW N . 14.67 -33.75 -24.81
C36 PCW N . 13.79 -32.64 -24.24
C37 PCW N . 12.64 -33.22 -23.42
C38 PCW N . 11.79 -32.21 -22.65
C39 PCW N . 11.98 -32.44 -21.18
C40 PCW N . 11.18 -31.96 -20.22
C41 PCW N . 9.96 -31.12 -20.48
C42 PCW N . 8.85 -31.62 -19.56
C43 PCW N . 8.41 -30.56 -18.55
C44 PCW N . 7.20 -31.00 -17.74
C45 PCW N . 6.69 -29.89 -16.81
C46 PCW N . 5.58 -30.34 -15.86
C47 PCW N . 5.33 -29.32 -14.73
C48 PCW N . 4.08 -29.57 -13.91
N PCW N . 28.52 -31.79 -25.90
O2 PCW N . 19.89 -34.16 -24.31
O3 PCW N . 21.37 -35.91 -22.51
O11 PCW N . 21.28 -38.02 -21.57
O31 PCW N . 19.91 -32.12 -25.43
O1P PCW N . 23.60 -31.68 -25.03
O2P PCW N . 24.15 -34.21 -25.45
O3P PCW N . 23.31 -33.38 -23.20
O4P PCW N . 25.67 -32.80 -24.06
P PCW N . 24.14 -33.01 -24.54
C1 NAG O . 61.91 -31.21 -23.20
C2 NAG O . 61.99 -30.62 -21.78
C3 NAG O . 63.29 -31.04 -21.08
C4 NAG O . 63.47 -32.55 -21.13
C5 NAG O . 63.40 -33.02 -22.57
C6 NAG O . 63.55 -34.51 -22.74
C7 NAG O . 61.49 -28.43 -20.78
C8 NAG O . 61.45 -26.95 -21.00
N2 NAG O . 61.89 -29.17 -21.82
O3 NAG O . 63.28 -30.58 -19.73
O4 NAG O . 64.73 -32.93 -20.57
O5 NAG O . 62.13 -32.64 -23.14
O6 NAG O . 62.35 -35.22 -22.43
O7 NAG O . 61.17 -28.93 -19.71
C1 NAG P . 60.88 -24.19 -48.05
C2 NAG P . 62.03 -23.65 -47.21
C3 NAG P . 63.18 -23.23 -48.11
C4 NAG P . 63.65 -24.43 -48.92
C5 NAG P . 62.48 -25.02 -49.72
C6 NAG P . 62.85 -26.33 -50.37
C7 NAG P . 61.83 -22.57 -45.04
C8 NAG P . 61.34 -21.35 -44.29
N2 NAG P . 61.62 -22.56 -46.36
O3 NAG P . 64.25 -22.72 -47.32
O4 NAG P . 64.72 -24.06 -49.77
O5 NAG P . 61.36 -25.31 -48.87
O6 NAG P . 63.30 -27.25 -49.39
O7 NAG P . 62.37 -23.50 -44.47
C1 PCW Q . 11.52 -25.17 -42.11
C2 PCW Q . 10.31 -24.46 -41.50
C3 PCW Q . 9.30 -24.14 -42.60
C4 PCW Q . 14.17 -23.10 -45.99
C5 PCW Q . 13.95 -21.67 -46.48
C6 PCW Q . 11.84 -22.23 -47.55
C7 PCW Q . 13.13 -20.33 -48.31
C8 PCW Q . 13.93 -22.55 -48.71
C11 PCW Q . 6.93 -24.23 -41.88
C12 PCW Q . 6.03 -24.06 -40.68
C13 PCW Q . 6.76 -24.57 -39.45
C14 PCW Q . 5.87 -24.44 -38.22
C15 PCW Q . 6.67 -24.40 -36.93
C16 PCW Q . 5.74 -24.54 -35.74
C17 PCW Q . 6.53 -24.99 -34.51
C18 PCW Q . 5.62 -25.54 -33.42
C19 PCW Q . 4.53 -24.54 -33.12
C20 PCW Q . 4.16 -24.31 -31.87
C21 PCW Q . 4.86 -25.04 -30.74
C22 PCW Q . 4.71 -24.31 -29.41
C23 PCW Q . 3.63 -24.98 -28.57
C24 PCW Q . 3.55 -24.41 -27.16
C25 PCW Q . 2.50 -25.16 -26.35
C26 PCW Q . 2.37 -24.54 -24.97
C27 PCW Q . 1.45 -25.36 -24.08
C28 PCW Q . 1.24 -24.64 -22.75
C31 PCW Q . 10.53 -25.37 -39.32
C32 PCW Q . 10.49 -26.59 -38.43
C33 PCW Q . 11.07 -26.23 -37.08
C34 PCW Q . 10.14 -25.31 -36.30
C35 PCW Q . 10.96 -24.46 -35.32
C36 PCW Q . 10.87 -25.00 -33.91
C37 PCW Q . 10.94 -23.81 -32.96
C38 PCW Q . 10.81 -24.20 -31.48
C39 PCW Q . 10.40 -22.98 -30.69
C40 PCW Q . 9.40 -23.04 -29.81
C41 PCW Q . 9.00 -21.82 -28.99
C42 PCW Q . 7.49 -21.69 -28.91
C43 PCW Q . 7.11 -20.80 -27.74
C44 PCW Q . 5.62 -20.88 -27.43
C45 PCW Q . 5.28 -20.05 -26.21
C46 PCW Q . 4.02 -20.59 -25.53
C47 PCW Q . 3.58 -19.70 -24.36
C48 PCW Q . 2.76 -20.45 -23.34
N PCW Q . 13.21 -21.69 -47.76
O2 PCW Q . 9.74 -25.33 -40.53
O3 PCW Q . 8.19 -23.52 -41.97
O11 PCW Q . 6.62 -24.99 -42.78
O31 PCW Q . 11.24 -24.43 -39.04
O1P PCW Q . 11.63 -24.61 -45.11
O2P PCW Q . 13.74 -25.79 -44.09
O3P PCW Q . 12.34 -24.21 -42.75
O4P PCW Q . 13.70 -23.26 -44.64
P PCW Q . 12.85 -24.57 -44.22
C1 CLR R . -6.39 -23.58 -12.83
C2 CLR R . -7.51 -22.80 -12.11
C3 CLR R . -7.74 -21.43 -12.71
C4 CLR R . -8.03 -21.57 -14.22
C5 CLR R . -6.93 -22.38 -14.86
C6 CLR R . -6.22 -21.89 -15.89
C7 CLR R . -5.13 -22.69 -16.57
C8 CLR R . -5.48 -24.16 -16.49
C9 CLR R . -5.62 -24.56 -15.02
C10 CLR R . -6.71 -23.76 -14.31
C11 CLR R . -5.84 -26.07 -14.89
C12 CLR R . -4.87 -26.94 -15.69
C13 CLR R . -4.81 -26.50 -17.15
C14 CLR R . -4.42 -25.02 -17.12
C15 CLR R . -3.99 -24.69 -18.54
C16 CLR R . -3.33 -25.97 -19.03
C17 CLR R . -3.70 -27.09 -18.03
C18 CLR R . -6.18 -26.67 -17.81
C19 CLR R . -8.05 -24.43 -14.50
C20 CLR R . -3.95 -28.44 -18.74
C21 CLR R . -4.24 -29.60 -17.79
C22 CLR R . -2.72 -28.81 -19.59
C23 CLR R . -2.95 -28.70 -21.09
C24 CLR R . -1.86 -27.87 -21.76
C25 CLR R . -1.88 -28.04 -23.28
C26 CLR R . -2.29 -26.74 -23.96
C27 CLR R . -0.55 -28.56 -23.80
O1 CLR R . -8.85 -20.80 -12.04
C1 NAG S . 55.73 -9.73 -51.55
C2 NAG S . 56.93 -9.01 -50.94
C3 NAG S . 57.51 -8.04 -51.97
C4 NAG S . 57.80 -8.76 -53.29
C5 NAG S . 56.59 -9.58 -53.75
C6 NAG S . 56.89 -10.45 -54.95
C7 NAG S . 57.05 -8.65 -48.52
C8 NAG S . 56.57 -7.82 -47.36
N2 NAG S . 56.57 -8.32 -49.72
O3 NAG S . 58.69 -7.44 -51.46
O4 NAG S . 58.11 -7.81 -54.29
O5 NAG S . 56.14 -10.46 -52.71
O6 NAG S . 55.69 -10.92 -55.55
O7 NAG S . 57.83 -9.58 -48.37
C1 NAG T . 38.11 -2.73 -58.50
C2 NAG T . 38.49 -2.63 -60.01
C3 NAG T . 37.58 -1.67 -60.79
C4 NAG T . 36.11 -1.89 -60.46
C5 NAG T . 35.95 -1.73 -58.96
C6 NAG T . 34.52 -1.81 -58.49
C7 NAG T . 40.93 -3.04 -60.06
C8 NAG T . 42.28 -2.39 -60.24
N2 NAG T . 39.88 -2.20 -60.14
O3 NAG T . 37.78 -1.85 -62.19
O4 NAG T . 35.30 -0.92 -61.12
O5 NAG T . 36.65 -2.81 -58.35
O6 NAG T . 34.13 -0.59 -57.88
O7 NAG T . 40.80 -4.23 -59.86
C1 NAG U . 23.81 -33.04 -57.30
C2 NAG U . 23.85 -34.58 -57.51
C3 NAG U . 25.13 -35.19 -56.93
C4 NAG U . 26.36 -34.45 -57.42
C5 NAG U . 26.22 -32.97 -57.10
C6 NAG U . 27.40 -32.14 -57.52
C7 NAG U . 21.61 -35.61 -57.63
C8 NAG U . 20.49 -36.21 -56.84
N2 NAG U . 22.66 -35.19 -56.91
O3 NAG U . 25.21 -36.55 -57.30
O4 NAG U . 27.53 -34.96 -56.81
O5 NAG U . 25.06 -32.45 -57.78
O6 NAG U . 27.92 -31.40 -56.42
O7 NAG U . 21.58 -35.51 -58.85
#